data_1FZD
#
_entry.id   1FZD
#
_cell.length_a   71.250
_cell.length_b   105.180
_cell.length_c   71.140
_cell.angle_alpha   104.60
_cell.angle_beta   108.95
_cell.angle_gamma   71.47
#
_symmetry.space_group_name_H-M   'P 1'
#
loop_
_entity.id
_entity.type
_entity.pdbx_description
1 polymer FIBRINOGEN-420
2 branched 2-acetamido-2-deoxy-beta-D-glucopyranose-(1-2)-alpha-D-mannopyranose-(1-6)-[alpha-D-mannopyranose-(1-3)]alpha-D-mannopyranose-(1-4)-2-acetamido-2-deoxy-beta-D-glucopyranose-(1-4)-2-acetamido-2-deoxy-beta-D-glucopyranose
3 branched 2-acetamido-2-deoxy-beta-D-glucopyranose-(1-2)-alpha-D-mannopyranose-(1-6)-[alpha-D-mannopyranose-(1-3)]alpha-D-mannopyranose-(1-4)-2-acetamido-2-deoxy-alpha-D-glucopyranose-(1-4)-2-acetamido-2-deoxy-beta-D-glucopyranose
4 branched 2-acetamido-2-deoxy-beta-D-glucopyranose-(1-4)-2-acetamido-2-deoxy-beta-D-glucopyranose
5 non-polymer 'CALCIUM ION'
6 non-polymer 2-acetamido-2-deoxy-beta-D-glucopyranose
7 water water
#
_entity_poly.entity_id   1
_entity_poly.type   'polypeptide(L)'
_entity_poly.pdbx_seq_one_letter_code
;ETSLGGWLLIQQRMDGSLNFNRTWQDYKRGFGSLNDEGEGEFWLGNDYLHLLTQRGSVLRVELEDWAGNEAYAEYHFRVG
SEAEGYALQVSSYEGTAGDALIEGSVEEGAEYTSHNNMQFSTFDRDADQWEENCAEVYGGGWWYNNCQAANLNGIYYPGG
SYDPRNNSPYEIENGVVWVSFRGADYSLRAVRMKIRPLVTQ
;
_entity_poly.pdbx_strand_id   A,B,C,D,E,F,G,H
#
# COMPACT_ATOMS: atom_id res chain seq x y z
N GLY A 5 37.63 -51.74 -22.66
CA GLY A 5 36.75 -52.64 -21.89
C GLY A 5 37.55 -53.79 -21.28
N GLY A 6 38.85 -53.53 -21.30
CA GLY A 6 39.97 -54.32 -20.90
C GLY A 6 40.32 -53.94 -19.44
N TRP A 7 40.04 -54.97 -18.65
CA TRP A 7 40.29 -54.99 -17.22
C TRP A 7 41.24 -56.19 -17.05
N LEU A 8 42.08 -56.12 -16.07
CA LEU A 8 42.97 -57.22 -15.69
C LEU A 8 42.34 -57.85 -14.45
N LEU A 9 42.18 -59.15 -14.43
CA LEU A 9 41.63 -59.82 -13.24
C LEU A 9 42.65 -59.98 -12.13
N ILE A 10 42.33 -59.72 -10.83
CA ILE A 10 43.38 -59.81 -9.82
C ILE A 10 42.99 -60.83 -8.76
N GLN A 11 41.71 -61.16 -8.73
CA GLN A 11 41.20 -62.12 -7.73
C GLN A 11 39.90 -62.74 -8.28
N GLN A 12 39.54 -63.94 -7.94
CA GLN A 12 38.26 -64.54 -8.37
C GLN A 12 37.92 -65.72 -7.47
N ARG A 13 36.67 -65.89 -7.02
CA ARG A 13 36.18 -67.06 -6.36
C ARG A 13 34.95 -67.56 -7.16
N MET A 14 34.81 -68.89 -7.23
CA MET A 14 33.66 -69.46 -7.91
C MET A 14 33.33 -70.91 -7.56
N ASP A 15 34.15 -71.75 -6.98
CA ASP A 15 33.79 -73.13 -6.71
C ASP A 15 34.42 -73.74 -5.49
N GLY A 16 35.15 -72.94 -4.70
CA GLY A 16 35.80 -73.41 -3.47
C GLY A 16 36.92 -74.40 -3.75
N SER A 17 37.47 -74.52 -4.95
CA SER A 17 38.48 -75.57 -5.14
C SER A 17 39.89 -75.24 -4.62
N LEU A 18 40.23 -73.99 -4.38
CA LEU A 18 41.46 -73.42 -3.99
C LEU A 18 41.55 -72.94 -2.52
N ASN A 19 42.63 -73.33 -1.84
CA ASN A 19 42.79 -72.93 -0.45
C ASN A 19 43.21 -71.47 -0.36
N PHE A 20 42.41 -70.61 0.31
CA PHE A 20 42.86 -69.20 0.42
C PHE A 20 43.51 -68.90 1.77
N ASN A 21 43.59 -69.92 2.65
CA ASN A 21 44.17 -69.75 3.97
C ASN A 21 45.69 -69.95 3.87
N ARG A 22 46.40 -68.94 3.40
CA ARG A 22 47.81 -69.07 3.02
C ARG A 22 48.76 -68.11 3.67
N THR A 23 50.06 -68.28 3.48
CA THR A 23 51.06 -67.44 4.14
C THR A 23 51.29 -66.10 3.46
N TRP A 24 52.08 -65.23 4.14
CA TRP A 24 52.49 -63.98 3.55
C TRP A 24 53.19 -64.25 2.22
N GLN A 25 54.12 -65.16 2.11
CA GLN A 25 54.89 -65.46 0.89
C GLN A 25 53.94 -65.78 -0.26
N ASP A 26 52.94 -66.64 0.05
CA ASP A 26 52.01 -67.06 -1.04
C ASP A 26 51.14 -65.88 -1.49
N TYR A 27 50.74 -64.98 -0.57
CA TYR A 27 49.94 -63.81 -0.98
C TYR A 27 50.78 -62.78 -1.70
N LYS A 28 52.08 -62.74 -1.40
CA LYS A 28 53.01 -61.84 -2.10
C LYS A 28 53.26 -62.26 -3.54
N ARG A 29 53.50 -63.54 -3.77
CA ARG A 29 53.73 -64.13 -5.06
C ARG A 29 52.52 -64.35 -5.95
N GLY A 30 51.38 -64.81 -5.37
CA GLY A 30 50.22 -65.16 -6.17
C GLY A 30 50.03 -66.68 -6.17
N PHE A 31 48.82 -67.19 -6.40
CA PHE A 31 48.56 -68.62 -6.43
C PHE A 31 47.25 -68.84 -7.23
N GLY A 32 47.00 -70.07 -7.70
CA GLY A 32 45.80 -70.42 -8.43
C GLY A 32 45.94 -70.09 -9.91
N SER A 33 45.00 -70.36 -10.75
CA SER A 33 45.17 -70.19 -12.19
C SER A 33 43.83 -69.94 -12.88
N LEU A 34 43.88 -69.40 -14.09
CA LEU A 34 42.66 -69.27 -14.88
C LEU A 34 42.70 -70.10 -16.16
N ASN A 35 41.52 -70.55 -16.63
CA ASN A 35 41.54 -71.13 -17.99
C ASN A 35 41.39 -69.99 -19.01
N ASP A 36 41.29 -70.43 -20.25
CA ASP A 36 41.14 -69.70 -21.50
C ASP A 36 39.93 -68.77 -21.51
N GLU A 37 38.82 -69.24 -20.93
CA GLU A 37 37.65 -68.39 -20.80
C GLU A 37 37.73 -67.45 -19.61
N GLY A 38 38.79 -67.36 -18.82
CA GLY A 38 38.79 -66.52 -17.64
C GLY A 38 38.16 -67.12 -16.38
N GLU A 39 37.92 -68.41 -16.31
CA GLU A 39 37.39 -69.18 -15.22
C GLU A 39 38.51 -69.73 -14.28
N GLY A 40 38.17 -69.95 -13.03
CA GLY A 40 39.06 -70.59 -12.05
C GLY A 40 39.24 -69.67 -10.82
N GLU A 41 39.90 -70.15 -9.77
CA GLU A 41 40.13 -69.36 -8.58
C GLU A 41 41.54 -68.81 -8.63
N PHE A 42 41.70 -67.59 -8.11
CA PHE A 42 43.04 -67.01 -8.26
C PHE A 42 43.35 -65.79 -7.40
N TRP A 43 44.62 -65.52 -7.16
CA TRP A 43 45.07 -64.32 -6.43
C TRP A 43 46.33 -63.85 -7.17
N LEU A 44 46.35 -62.66 -7.69
CA LEU A 44 47.47 -62.25 -8.53
C LEU A 44 48.81 -62.12 -7.82
N GLY A 45 48.82 -61.65 -6.60
CA GLY A 45 50.07 -61.41 -5.89
C GLY A 45 50.23 -59.94 -5.50
N ASN A 46 50.50 -59.71 -4.23
CA ASN A 46 50.67 -58.31 -3.79
C ASN A 46 51.83 -57.54 -4.40
N ASP A 47 52.92 -58.22 -4.71
CA ASP A 47 54.10 -57.59 -5.32
C ASP A 47 53.70 -57.03 -6.67
N TYR A 48 52.89 -57.80 -7.43
CA TYR A 48 52.34 -57.30 -8.68
C TYR A 48 51.35 -56.19 -8.42
N LEU A 49 50.54 -56.32 -7.36
CA LEU A 49 49.55 -55.25 -7.06
C LEU A 49 50.24 -53.93 -6.77
N HIS A 50 51.33 -53.96 -6.05
CA HIS A 50 52.03 -52.67 -5.75
C HIS A 50 52.52 -52.01 -7.04
N LEU A 51 53.18 -52.81 -7.86
CA LEU A 51 53.75 -52.45 -9.13
C LEU A 51 52.69 -51.88 -10.09
N LEU A 52 51.61 -52.59 -10.31
CA LEU A 52 50.62 -52.16 -11.27
C LEU A 52 49.79 -50.94 -10.85
N THR A 53 49.82 -50.63 -9.58
CA THR A 53 48.91 -49.62 -9.01
C THR A 53 49.66 -48.39 -8.60
N GLN A 54 50.97 -48.41 -8.77
CA GLN A 54 51.82 -47.29 -8.36
C GLN A 54 51.32 -45.92 -8.77
N ARG A 55 50.77 -45.82 -9.99
CA ARG A 55 50.28 -44.53 -10.46
C ARG A 55 48.77 -44.40 -10.31
N GLY A 56 48.18 -45.22 -9.43
CA GLY A 56 46.73 -45.19 -9.28
C GLY A 56 46.08 -46.17 -10.27
N SER A 57 44.83 -46.49 -9.96
CA SER A 57 44.07 -47.35 -10.85
C SER A 57 42.61 -47.24 -10.48
N VAL A 58 41.74 -47.85 -11.26
CA VAL A 58 40.35 -48.04 -10.84
C VAL A 58 40.17 -49.52 -10.48
N LEU A 59 39.62 -49.79 -9.30
CA LEU A 59 39.29 -51.16 -8.93
C LEU A 59 37.79 -51.41 -9.17
N ARG A 60 37.42 -52.52 -9.79
CA ARG A 60 36.02 -52.92 -9.87
C ARG A 60 35.81 -54.27 -9.16
N VAL A 61 34.88 -54.25 -8.22
CA VAL A 61 34.49 -55.45 -7.49
C VAL A 61 33.14 -56.00 -8.02
N GLU A 62 32.96 -57.25 -8.33
CA GLU A 62 31.68 -57.84 -8.79
C GLU A 62 31.25 -58.95 -7.84
N LEU A 63 29.99 -58.92 -7.44
CA LEU A 63 29.51 -59.92 -6.52
C LEU A 63 28.29 -60.70 -7.08
N GLU A 64 28.16 -61.97 -6.75
CA GLU A 64 26.97 -62.72 -7.19
C GLU A 64 26.49 -63.63 -6.07
N ASP A 65 25.18 -63.57 -5.74
CA ASP A 65 24.73 -64.44 -4.65
C ASP A 65 24.21 -65.76 -5.23
N TRP A 66 23.65 -66.67 -4.43
CA TRP A 66 23.18 -67.96 -4.93
C TRP A 66 21.76 -67.99 -5.49
N ALA A 67 21.11 -66.83 -5.63
CA ALA A 67 19.77 -66.72 -6.20
C ALA A 67 19.82 -65.95 -7.52
N GLY A 68 21.03 -65.73 -8.02
CA GLY A 68 21.15 -64.90 -9.21
C GLY A 68 21.20 -63.40 -8.99
N ASN A 69 21.08 -62.74 -7.86
CA ASN A 69 21.30 -61.28 -7.84
C ASN A 69 22.81 -60.95 -7.95
N GLU A 70 23.12 -59.80 -8.54
CA GLU A 70 24.44 -59.28 -8.75
C GLU A 70 24.57 -57.81 -8.33
N ALA A 71 25.74 -57.42 -7.91
CA ALA A 71 26.03 -56.03 -7.46
C ALA A 71 27.52 -55.74 -7.77
N TYR A 72 27.92 -54.49 -7.81
CA TYR A 72 29.31 -54.12 -8.11
C TYR A 72 29.64 -52.88 -7.29
N ALA A 73 30.92 -52.58 -7.14
CA ALA A 73 31.49 -51.43 -6.48
C ALA A 73 32.81 -51.09 -7.19
N GLU A 74 33.02 -49.81 -7.43
CA GLU A 74 34.16 -49.27 -8.11
C GLU A 74 34.84 -48.28 -7.19
N TYR A 75 36.17 -48.28 -7.20
CA TYR A 75 36.97 -47.34 -6.40
C TYR A 75 38.23 -46.81 -7.12
N HIS A 76 38.82 -45.73 -6.67
CA HIS A 76 40.22 -45.38 -7.03
C HIS A 76 41.08 -46.16 -6.02
N PHE A 77 42.09 -46.87 -6.55
CA PHE A 77 42.73 -47.90 -5.71
C PHE A 77 44.26 -47.82 -5.85
N ARG A 78 44.92 -48.00 -4.75
CA ARG A 78 46.37 -48.09 -4.68
C ARG A 78 46.80 -49.06 -3.58
N VAL A 79 47.91 -49.78 -3.85
CA VAL A 79 48.40 -50.64 -2.74
C VAL A 79 49.80 -50.15 -2.37
N GLY A 80 50.22 -50.09 -1.12
CA GLY A 80 51.56 -49.61 -0.79
C GLY A 80 52.63 -50.70 -1.03
N SER A 81 53.88 -50.36 -0.70
CA SER A 81 54.99 -51.30 -0.78
C SER A 81 54.94 -52.33 0.32
N GLU A 82 55.82 -53.33 0.26
CA GLU A 82 55.94 -54.39 1.24
C GLU A 82 56.28 -53.88 2.64
N ALA A 83 57.29 -53.01 2.77
CA ALA A 83 57.67 -52.48 4.09
C ALA A 83 56.52 -51.67 4.72
N GLU A 84 55.62 -51.16 3.90
CA GLU A 84 54.39 -50.51 4.28
C GLU A 84 53.24 -51.52 4.43
N GLY A 85 53.55 -52.81 4.41
CA GLY A 85 52.52 -53.82 4.56
C GLY A 85 51.47 -53.83 3.45
N TYR A 86 51.77 -53.41 2.23
CA TYR A 86 50.91 -53.40 1.10
C TYR A 86 49.58 -52.71 1.48
N ALA A 87 49.66 -51.62 2.22
CA ALA A 87 48.43 -50.98 2.76
C ALA A 87 47.52 -50.53 1.63
N LEU A 88 46.22 -50.59 1.92
CA LEU A 88 45.17 -50.26 1.00
C LEU A 88 44.88 -48.77 1.01
N GLN A 89 44.80 -48.16 -0.16
CA GLN A 89 44.33 -46.79 -0.23
C GLN A 89 43.13 -46.75 -1.19
N VAL A 90 41.95 -46.42 -0.68
CA VAL A 90 40.79 -46.39 -1.56
C VAL A 90 40.03 -45.05 -1.38
N SER A 91 39.44 -44.57 -2.47
CA SER A 91 38.54 -43.43 -2.43
C SER A 91 37.55 -43.52 -3.61
N SER A 92 36.70 -42.55 -3.71
CA SER A 92 35.74 -42.34 -4.77
C SER A 92 34.78 -43.49 -5.04
N TYR A 93 34.16 -44.04 -4.01
CA TYR A 93 33.23 -45.13 -4.20
C TYR A 93 32.15 -44.74 -5.22
N GLU A 94 31.78 -45.74 -6.00
CA GLU A 94 30.63 -45.63 -6.90
C GLU A 94 30.04 -47.04 -6.98
N GLY A 95 28.73 -47.25 -7.12
CA GLY A 95 28.25 -48.62 -7.21
C GLY A 95 26.88 -48.89 -6.62
N THR A 96 26.58 -50.17 -6.55
CA THR A 96 25.28 -50.71 -6.10
C THR A 96 25.46 -51.68 -4.97
N ALA A 97 26.70 -52.11 -4.67
CA ALA A 97 26.90 -53.06 -3.57
C ALA A 97 26.93 -52.43 -2.19
N GLY A 98 27.07 -51.11 -2.11
CA GLY A 98 27.18 -50.38 -0.84
C GLY A 98 28.71 -50.30 -0.56
N ASP A 99 29.19 -49.28 0.11
CA ASP A 99 30.61 -49.05 0.35
C ASP A 99 31.14 -49.71 1.60
N ALA A 100 31.49 -51.00 1.55
CA ALA A 100 31.98 -51.73 2.67
C ALA A 100 33.48 -51.45 2.89
N LEU A 101 34.20 -50.95 1.91
CA LEU A 101 35.66 -50.76 2.10
C LEU A 101 35.95 -49.46 2.85
N ILE A 102 35.37 -48.33 2.45
CA ILE A 102 35.63 -47.07 3.17
C ILE A 102 34.71 -46.88 4.36
N GLU A 103 33.37 -46.87 4.23
CA GLU A 103 32.47 -46.67 5.38
C GLU A 103 32.31 -47.88 6.26
N GLY A 104 32.64 -49.12 5.88
CA GLY A 104 32.54 -50.26 6.79
C GLY A 104 31.10 -50.73 7.00
N SER A 105 30.74 -51.26 8.15
CA SER A 105 29.37 -51.68 8.43
C SER A 105 28.51 -50.60 9.09
N VAL A 106 27.36 -50.19 8.56
CA VAL A 106 26.56 -49.13 9.15
C VAL A 106 26.30 -49.49 10.64
N GLU A 107 26.07 -50.77 10.89
CA GLU A 107 25.72 -51.23 12.22
C GLU A 107 26.87 -51.17 13.19
N GLU A 108 28.06 -51.62 12.85
CA GLU A 108 29.14 -51.63 13.82
C GLU A 108 29.97 -50.35 13.84
N GLY A 109 29.85 -49.44 12.88
CA GLY A 109 30.71 -48.28 12.84
C GLY A 109 32.01 -48.45 12.05
N ALA A 110 32.43 -47.35 11.47
CA ALA A 110 33.60 -47.19 10.62
C ALA A 110 34.86 -47.38 11.42
N GLU A 111 34.95 -46.96 12.67
CA GLU A 111 36.16 -47.14 13.47
C GLU A 111 36.76 -48.55 13.46
N TYR A 112 35.94 -49.58 13.54
CA TYR A 112 36.52 -50.94 13.61
C TYR A 112 36.35 -51.74 12.30
N THR A 113 35.55 -51.27 11.35
CA THR A 113 35.29 -52.19 10.24
C THR A 113 35.69 -51.57 8.92
N SER A 114 36.15 -50.32 8.95
CA SER A 114 36.66 -49.62 7.77
C SER A 114 37.90 -50.37 7.26
N HIS A 115 38.13 -50.65 6.01
CA HIS A 115 39.41 -51.25 5.56
C HIS A 115 40.43 -50.23 5.06
N ASN A 116 39.99 -48.98 4.85
CA ASN A 116 40.88 -47.97 4.25
C ASN A 116 42.10 -47.70 5.11
N ASN A 117 43.30 -47.67 4.55
CA ASN A 117 44.56 -47.45 5.22
C ASN A 117 45.03 -48.60 6.08
N MET A 118 44.36 -49.75 6.02
CA MET A 118 44.83 -50.87 6.83
C MET A 118 46.02 -51.52 6.09
N GLN A 119 46.88 -52.20 6.80
CA GLN A 119 47.84 -53.12 6.27
C GLN A 119 47.18 -54.43 5.82
N PHE A 120 47.80 -55.16 4.92
CA PHE A 120 47.42 -56.51 4.57
C PHE A 120 47.98 -57.45 5.65
N SER A 121 47.21 -58.37 6.19
CA SER A 121 47.65 -59.31 7.20
C SER A 121 47.42 -60.77 6.79
N THR A 122 48.33 -61.65 7.22
CA THR A 122 48.16 -63.07 6.98
C THR A 122 48.28 -63.75 8.33
N PHE A 123 47.95 -65.05 8.45
CA PHE A 123 48.03 -65.69 9.75
C PHE A 123 49.47 -65.64 10.29
N ASP A 124 50.48 -65.64 9.46
CA ASP A 124 51.87 -65.55 9.90
C ASP A 124 52.41 -64.13 9.93
N ARG A 125 51.59 -63.10 9.66
CA ARG A 125 52.06 -61.75 9.68
C ARG A 125 50.87 -60.85 9.98
N ASP A 126 50.57 -60.75 11.23
CA ASP A 126 49.43 -59.99 11.77
C ASP A 126 49.81 -58.56 12.05
N ALA A 127 49.23 -57.62 11.32
CA ALA A 127 49.44 -56.21 11.52
C ALA A 127 48.03 -55.60 11.66
N ASP A 128 47.05 -56.38 12.16
CA ASP A 128 45.71 -55.72 12.22
C ASP A 128 45.55 -54.90 13.48
N GLN A 129 44.34 -54.39 13.79
CA GLN A 129 44.15 -53.59 14.97
C GLN A 129 43.59 -54.40 16.15
N TRP A 130 43.59 -55.74 16.07
CA TRP A 130 42.98 -56.50 17.13
C TRP A 130 44.11 -57.04 18.01
N GLU A 131 43.84 -57.12 19.30
CA GLU A 131 44.75 -57.86 20.17
C GLU A 131 44.85 -59.31 19.74
N GLU A 132 43.92 -59.91 19.00
CA GLU A 132 44.20 -61.29 18.54
C GLU A 132 44.54 -61.32 17.05
N ASN A 133 44.46 -62.48 16.40
CA ASN A 133 44.83 -62.64 15.00
C ASN A 133 43.65 -62.79 14.05
N CYS A 134 43.19 -61.69 13.44
CA CYS A 134 42.10 -61.66 12.49
C CYS A 134 42.25 -62.70 11.38
N ALA A 135 43.39 -62.71 10.69
CA ALA A 135 43.56 -63.61 9.55
C ALA A 135 43.48 -65.08 9.96
N GLU A 136 43.92 -65.46 11.16
CA GLU A 136 43.85 -66.82 11.59
C GLU A 136 42.38 -67.33 11.61
N VAL A 137 41.57 -66.51 12.25
CA VAL A 137 40.16 -66.73 12.52
C VAL A 137 39.26 -66.49 11.32
N TYR A 138 39.45 -65.43 10.53
CA TYR A 138 38.58 -65.19 9.37
C TYR A 138 39.00 -65.94 8.12
N GLY A 139 40.10 -66.68 8.17
CA GLY A 139 40.49 -67.71 7.23
C GLY A 139 41.23 -67.33 5.99
N GLY A 140 41.48 -66.04 5.69
CA GLY A 140 42.32 -65.69 4.53
C GLY A 140 43.20 -64.48 4.82
N GLY A 141 43.95 -64.05 3.83
CA GLY A 141 44.73 -62.81 3.89
C GLY A 141 43.84 -61.66 3.45
N TRP A 142 43.81 -60.57 4.20
CA TRP A 142 42.99 -59.42 3.86
C TRP A 142 43.52 -58.15 4.57
N TRP A 143 42.95 -57.02 4.19
CA TRP A 143 43.29 -55.75 4.81
C TRP A 143 42.42 -55.53 6.04
N TYR A 144 42.68 -56.31 7.07
CA TYR A 144 41.88 -56.29 8.26
C TYR A 144 42.07 -55.10 9.20
N ASN A 145 40.97 -54.75 9.83
CA ASN A 145 40.98 -53.69 10.87
C ASN A 145 40.66 -54.41 12.17
N ASN A 146 39.38 -54.48 12.59
CA ASN A 146 39.04 -55.25 13.81
C ASN A 146 37.58 -55.76 13.74
N CYS A 147 37.27 -56.66 12.83
CA CYS A 147 38.25 -57.20 11.87
C CYS A 147 37.80 -56.86 10.47
N GLN A 148 36.49 -56.80 10.17
CA GLN A 148 36.05 -56.64 8.78
C GLN A 148 34.58 -56.28 8.65
N ALA A 149 34.21 -55.66 7.54
CA ALA A 149 32.89 -55.59 6.99
C ALA A 149 32.79 -56.44 5.71
N ALA A 150 33.88 -56.60 4.96
CA ALA A 150 34.05 -57.31 3.74
C ALA A 150 35.32 -58.18 3.72
N ASN A 151 35.25 -59.31 3.03
CA ASN A 151 36.43 -60.19 2.87
C ASN A 151 36.15 -61.13 1.68
N LEU A 152 36.69 -60.83 0.51
CA LEU A 152 36.52 -61.77 -0.61
C LEU A 152 37.38 -63.01 -0.55
N ASN A 153 38.22 -63.18 0.47
CA ASN A 153 39.13 -64.32 0.58
C ASN A 153 38.78 -65.25 1.74
N GLY A 154 37.59 -65.11 2.27
CA GLY A 154 37.13 -65.96 3.36
C GLY A 154 36.71 -67.38 2.92
N ILE A 155 36.13 -68.13 3.86
CA ILE A 155 35.77 -69.55 3.57
C ILE A 155 34.58 -69.69 2.63
N TYR A 156 34.69 -70.52 1.61
CA TYR A 156 33.62 -70.73 0.63
C TYR A 156 32.49 -71.62 1.18
N TYR A 157 31.51 -71.12 1.92
CA TYR A 157 30.41 -71.98 2.41
C TYR A 157 29.41 -72.25 1.28
N PRO A 158 28.79 -73.40 1.19
CA PRO A 158 27.79 -73.71 0.16
C PRO A 158 26.43 -73.10 0.45
N GLY A 159 25.73 -72.61 -0.58
CA GLY A 159 24.31 -72.33 -0.53
C GLY A 159 23.93 -70.94 -0.04
N GLY A 160 24.81 -70.09 0.49
CA GLY A 160 24.45 -68.72 0.91
C GLY A 160 24.53 -68.59 2.44
N SER A 161 23.35 -68.62 3.08
CA SER A 161 23.30 -68.51 4.53
C SER A 161 24.02 -69.65 5.27
N TYR A 162 24.74 -69.32 6.32
CA TYR A 162 25.47 -70.23 7.15
C TYR A 162 25.23 -69.74 8.56
N ASP A 163 25.59 -70.54 9.53
CA ASP A 163 25.40 -70.29 10.95
C ASP A 163 26.76 -70.46 11.60
N PRO A 164 27.30 -69.35 12.08
CA PRO A 164 28.63 -69.37 12.68
C PRO A 164 28.68 -70.30 13.90
N ARG A 165 27.49 -70.46 14.54
CA ARG A 165 27.42 -71.41 15.64
C ARG A 165 27.97 -72.74 15.13
N ASN A 166 27.76 -73.03 13.85
CA ASN A 166 28.18 -74.26 13.23
C ASN A 166 29.59 -74.25 12.66
N ASN A 167 30.41 -73.23 12.97
CA ASN A 167 31.73 -73.20 12.35
C ASN A 167 32.83 -73.75 13.26
N SER A 168 33.83 -74.38 12.66
CA SER A 168 34.97 -74.89 13.43
C SER A 168 36.21 -74.65 12.59
N PRO A 169 37.31 -74.31 13.25
CA PRO A 169 37.41 -74.22 14.68
C PRO A 169 36.86 -72.95 15.30
N TYR A 170 36.40 -71.98 14.52
CA TYR A 170 35.90 -70.73 15.10
C TYR A 170 34.48 -70.43 14.63
N GLU A 171 33.62 -70.26 15.62
CA GLU A 171 32.21 -69.98 15.43
C GLU A 171 32.17 -68.48 15.21
N ILE A 172 32.31 -68.08 13.95
CA ILE A 172 32.39 -66.62 13.67
C ILE A 172 31.97 -66.36 12.24
N GLU A 173 31.73 -65.15 11.82
CA GLU A 173 31.25 -64.89 10.44
C GLU A 173 32.36 -64.79 9.41
N ASN A 174 32.97 -65.96 9.15
CA ASN A 174 34.10 -65.97 8.24
C ASN A 174 33.86 -66.49 6.86
N GLY A 175 32.77 -66.18 6.19
CA GLY A 175 32.57 -66.57 4.78
C GLY A 175 33.05 -65.56 3.76
N VAL A 176 32.68 -65.72 2.48
CA VAL A 176 32.96 -64.76 1.43
C VAL A 176 31.82 -63.73 1.51
N VAL A 177 32.10 -62.59 2.10
CA VAL A 177 31.08 -61.65 2.55
C VAL A 177 31.33 -60.23 2.14
N TRP A 178 30.25 -59.47 1.95
CA TRP A 178 30.20 -58.05 1.64
C TRP A 178 28.95 -57.49 2.37
N VAL A 179 29.16 -57.05 3.61
CA VAL A 179 28.10 -56.82 4.58
C VAL A 179 26.98 -55.95 4.07
N SER A 180 27.26 -54.88 3.31
CA SER A 180 26.19 -54.03 2.86
C SER A 180 25.35 -54.66 1.75
N PHE A 181 25.77 -55.73 1.08
CA PHE A 181 24.96 -56.32 0.03
C PHE A 181 24.11 -57.46 0.63
N ARG A 182 24.76 -58.42 1.30
CA ARG A 182 24.10 -59.60 1.75
C ARG A 182 24.25 -59.92 3.23
N GLY A 183 24.77 -58.99 4.01
CA GLY A 183 24.96 -59.25 5.42
C GLY A 183 26.23 -60.03 5.73
N ALA A 184 26.47 -60.25 7.02
CA ALA A 184 27.62 -61.02 7.46
C ALA A 184 27.45 -62.54 7.50
N ASP A 185 26.23 -63.05 7.49
CA ASP A 185 26.10 -64.52 7.54
C ASP A 185 25.54 -65.15 6.27
N TYR A 186 25.97 -64.51 5.18
CA TYR A 186 25.59 -65.05 3.86
C TYR A 186 26.90 -65.06 3.09
N SER A 187 27.35 -66.22 2.67
CA SER A 187 28.55 -66.34 1.89
C SER A 187 28.21 -66.35 0.43
N LEU A 188 28.89 -65.59 -0.39
CA LEU A 188 28.61 -65.39 -1.80
C LEU A 188 29.08 -66.48 -2.76
N ARG A 189 28.40 -66.61 -3.92
CA ARG A 189 28.69 -67.74 -4.80
C ARG A 189 29.81 -67.44 -5.78
N ALA A 190 29.87 -66.20 -6.28
CA ALA A 190 30.97 -65.91 -7.22
C ALA A 190 31.38 -64.48 -6.94
N VAL A 191 32.66 -64.18 -6.95
CA VAL A 191 33.09 -62.77 -6.67
C VAL A 191 34.36 -62.59 -7.48
N ARG A 192 34.66 -61.36 -7.84
CA ARG A 192 35.93 -61.14 -8.54
C ARG A 192 36.38 -59.69 -8.38
N MET A 193 37.67 -59.43 -8.53
CA MET A 193 38.23 -58.08 -8.44
C MET A 193 39.06 -57.82 -9.69
N LYS A 194 38.93 -56.65 -10.28
CA LYS A 194 39.61 -56.32 -11.50
C LYS A 194 40.08 -54.86 -11.50
N ILE A 195 41.15 -54.60 -12.25
CA ILE A 195 41.68 -53.26 -12.31
C ILE A 195 41.99 -52.75 -13.71
N ARG A 196 42.18 -51.44 -13.78
CA ARG A 196 42.57 -50.80 -15.06
C ARG A 196 43.12 -49.41 -14.71
N PRO A 197 43.99 -48.84 -15.51
CA PRO A 197 44.54 -47.51 -15.28
C PRO A 197 43.46 -46.45 -15.55
N LEU A 198 43.52 -45.40 -14.77
CA LEU A 198 42.57 -44.29 -14.75
C LEU A 198 42.19 -43.72 -16.10
N VAL A 199 43.23 -43.46 -16.87
CA VAL A 199 43.14 -43.05 -18.26
C VAL A 199 42.15 -43.78 -19.16
N THR A 200 42.06 -45.11 -19.05
CA THR A 200 41.32 -45.92 -19.97
C THR A 200 39.87 -46.16 -19.66
N GLN A 201 39.11 -46.88 -20.46
CA GLN A 201 37.69 -47.17 -20.24
C GLN A 201 36.88 -47.20 -21.54
N GLY B 5 21.82 -17.94 -8.99
CA GLY B 5 22.63 -18.80 -9.82
C GLY B 5 23.17 -20.10 -9.26
N GLY B 6 22.28 -20.94 -8.71
CA GLY B 6 22.60 -22.29 -8.27
C GLY B 6 23.13 -22.39 -6.84
N TRP B 7 23.38 -23.65 -6.44
CA TRP B 7 23.83 -24.01 -5.12
C TRP B 7 24.87 -25.13 -5.11
N LEU B 8 25.56 -25.23 -3.97
CA LEU B 8 26.50 -26.35 -3.77
C LEU B 8 25.94 -27.16 -2.59
N LEU B 9 25.79 -28.45 -2.71
CA LEU B 9 25.34 -29.35 -1.67
C LEU B 9 26.43 -29.59 -0.63
N ILE B 10 26.08 -29.48 0.67
CA ILE B 10 27.10 -29.71 1.69
C ILE B 10 26.62 -30.80 2.64
N GLN B 11 25.37 -31.26 2.57
CA GLN B 11 24.97 -32.40 3.43
C GLN B 11 23.64 -32.90 2.83
N GLN B 12 23.34 -34.17 3.05
CA GLN B 12 22.11 -34.79 2.62
C GLN B 12 21.81 -36.04 3.44
N ARG B 13 20.60 -36.27 3.89
CA ARG B 13 20.15 -37.52 4.45
C ARG B 13 18.97 -38.03 3.61
N MET B 14 18.77 -39.31 3.41
CA MET B 14 17.58 -39.75 2.66
C MET B 14 17.19 -41.18 2.92
N ASP B 15 18.03 -42.02 3.49
CA ASP B 15 17.64 -43.39 3.81
C ASP B 15 18.32 -44.03 5.00
N GLY B 16 19.21 -43.32 5.74
CA GLY B 16 19.94 -43.90 6.86
C GLY B 16 20.97 -44.95 6.51
N SER B 17 21.40 -45.15 5.29
CA SER B 17 22.46 -46.06 4.90
C SER B 17 23.86 -45.66 5.43
N LEU B 18 24.16 -44.47 5.89
CA LEU B 18 25.44 -43.97 6.35
C LEU B 18 25.39 -43.73 7.85
N ASN B 19 26.39 -44.16 8.58
CA ASN B 19 26.45 -43.89 10.02
C ASN B 19 27.02 -42.47 10.23
N PHE B 20 26.34 -41.59 10.97
CA PHE B 20 26.75 -40.22 11.20
C PHE B 20 27.31 -40.02 12.63
N ASN B 21 27.48 -41.10 13.39
CA ASN B 21 28.02 -41.02 14.73
C ASN B 21 29.55 -41.19 14.61
N ARG B 22 30.19 -40.10 14.16
CA ARG B 22 31.56 -40.10 13.77
C ARG B 22 32.46 -39.11 14.51
N THR B 23 33.76 -39.33 14.40
CA THR B 23 34.80 -38.63 15.12
C THR B 23 35.02 -37.23 14.58
N TRP B 24 35.73 -36.37 15.31
CA TRP B 24 36.14 -35.06 14.89
C TRP B 24 36.90 -35.18 13.57
N GLN B 25 37.82 -36.12 13.39
CA GLN B 25 38.54 -36.26 12.13
C GLN B 25 37.61 -36.54 10.95
N ASP B 26 36.66 -37.48 11.09
CA ASP B 26 35.72 -37.75 10.01
C ASP B 26 34.94 -36.48 9.65
N TYR B 27 34.45 -35.73 10.63
CA TYR B 27 33.70 -34.52 10.31
C TYR B 27 34.52 -33.42 9.72
N LYS B 28 35.80 -33.29 10.01
CA LYS B 28 36.70 -32.32 9.41
C LYS B 28 37.00 -32.68 7.95
N ARG B 29 37.24 -33.94 7.66
CA ARG B 29 37.56 -34.40 6.33
C ARG B 29 36.35 -34.57 5.41
N GLY B 30 35.21 -35.02 5.92
CA GLY B 30 34.10 -35.40 5.05
C GLY B 30 33.96 -36.91 4.92
N PHE B 31 32.75 -37.44 4.69
CA PHE B 31 32.55 -38.89 4.48
C PHE B 31 31.28 -39.04 3.67
N GLY B 32 30.95 -40.19 3.08
CA GLY B 32 29.76 -40.42 2.35
C GLY B 32 30.00 -40.17 0.86
N SER B 33 29.00 -40.30 0.01
CA SER B 33 29.16 -40.01 -1.40
C SER B 33 27.79 -39.81 -2.05
N LEU B 34 27.71 -38.99 -3.06
CA LEU B 34 26.51 -38.92 -3.90
C LEU B 34 26.72 -39.61 -5.24
N ASN B 35 25.70 -40.23 -5.82
CA ASN B 35 25.81 -40.77 -7.19
C ASN B 35 25.54 -39.67 -8.21
N ASP B 36 25.73 -39.92 -9.51
CA ASP B 36 25.52 -38.86 -10.50
C ASP B 36 24.07 -38.42 -10.62
N GLU B 37 23.12 -39.10 -9.99
CA GLU B 37 21.75 -38.61 -9.94
C GLU B 37 21.50 -37.73 -8.71
N GLY B 38 22.53 -37.20 -8.08
CA GLY B 38 22.46 -36.53 -6.80
C GLY B 38 21.96 -37.30 -5.59
N GLU B 39 21.74 -38.61 -5.60
CA GLU B 39 21.27 -39.37 -4.47
C GLU B 39 22.42 -39.81 -3.54
N GLY B 40 22.06 -40.21 -2.32
CA GLY B 40 23.02 -40.71 -1.36
C GLY B 40 23.13 -39.78 -0.12
N GLU B 41 24.02 -40.15 0.82
CA GLU B 41 24.14 -39.40 2.06
C GLU B 41 25.59 -38.99 2.18
N PHE B 42 25.84 -37.81 2.73
CA PHE B 42 27.23 -37.35 2.90
C PHE B 42 27.26 -36.11 3.80
N TRP B 43 28.47 -35.76 4.13
CA TRP B 43 28.86 -34.58 4.90
C TRP B 43 30.07 -34.03 4.17
N LEU B 44 30.02 -32.85 3.61
CA LEU B 44 31.17 -32.31 2.87
C LEU B 44 32.47 -32.14 3.66
N GLY B 45 32.49 -31.91 4.97
CA GLY B 45 33.78 -31.67 5.66
C GLY B 45 33.89 -30.24 6.19
N ASN B 46 34.16 -30.09 7.48
CA ASN B 46 34.25 -28.75 8.10
C ASN B 46 35.39 -27.89 7.57
N ASP B 47 36.52 -28.50 7.21
CA ASP B 47 37.64 -27.75 6.66
C ASP B 47 37.24 -27.10 5.35
N TYR B 48 36.49 -27.87 4.57
CA TYR B 48 35.97 -27.33 3.30
C TYR B 48 34.91 -26.27 3.53
N LEU B 49 33.97 -26.47 4.44
CA LEU B 49 32.99 -25.44 4.79
C LEU B 49 33.69 -24.15 5.24
N HIS B 50 34.69 -24.21 6.07
CA HIS B 50 35.37 -22.97 6.50
C HIS B 50 35.90 -22.20 5.28
N LEU B 51 36.53 -22.92 4.38
CA LEU B 51 37.11 -22.37 3.14
C LEU B 51 36.05 -21.69 2.31
N LEU B 52 35.00 -22.40 1.91
CA LEU B 52 33.94 -21.83 1.09
C LEU B 52 33.10 -20.70 1.66
N THR B 53 33.11 -20.56 2.99
CA THR B 53 32.21 -19.59 3.66
C THR B 53 32.94 -18.38 4.18
N GLN B 54 34.22 -18.26 3.84
CA GLN B 54 35.06 -17.16 4.30
C GLN B 54 34.66 -15.77 3.92
N ARG B 55 33.99 -15.53 2.82
CA ARG B 55 33.51 -14.18 2.49
C ARG B 55 32.03 -14.07 2.81
N GLY B 56 31.46 -15.05 3.54
CA GLY B 56 30.00 -15.06 3.78
C GLY B 56 29.29 -15.97 2.77
N SER B 57 28.04 -16.35 3.05
CA SER B 57 27.31 -17.21 2.15
C SER B 57 25.85 -17.18 2.58
N VAL B 58 24.99 -17.70 1.74
CA VAL B 58 23.61 -18.02 2.10
C VAL B 58 23.53 -19.54 2.23
N LEU B 59 22.94 -20.04 3.29
CA LEU B 59 22.69 -21.44 3.54
C LEU B 59 21.20 -21.68 3.27
N ARG B 60 20.90 -22.73 2.53
CA ARG B 60 19.48 -23.13 2.43
C ARG B 60 19.34 -24.55 3.01
N VAL B 61 18.35 -24.76 3.85
CA VAL B 61 17.99 -26.04 4.45
C VAL B 61 16.66 -26.52 3.86
N GLU B 62 16.51 -27.75 3.43
CA GLU B 62 15.28 -28.22 2.80
C GLU B 62 14.90 -29.48 3.57
N LEU B 63 13.63 -29.53 3.98
CA LEU B 63 13.21 -30.55 4.86
C LEU B 63 11.93 -31.25 4.27
N GLU B 64 11.85 -32.53 4.49
CA GLU B 64 10.74 -33.33 4.01
C GLU B 64 10.30 -34.33 5.06
N ASP B 65 8.97 -34.39 5.26
CA ASP B 65 8.48 -35.38 6.23
C ASP B 65 8.07 -36.68 5.52
N TRP B 66 7.59 -37.68 6.23
CA TRP B 66 7.21 -38.98 5.64
C TRP B 66 5.79 -38.92 5.03
N ALA B 67 5.11 -37.76 5.02
CA ALA B 67 3.80 -37.68 4.40
C ALA B 67 3.91 -36.79 3.17
N GLY B 68 5.10 -36.38 2.76
CA GLY B 68 5.18 -35.47 1.62
C GLY B 68 5.17 -34.00 1.94
N ASN B 69 5.19 -33.49 3.16
CA ASN B 69 5.22 -32.05 3.39
C ASN B 69 6.70 -31.62 3.36
N GLU B 70 7.01 -30.44 2.85
CA GLU B 70 8.29 -29.86 2.67
C GLU B 70 8.33 -28.43 3.21
N ALA B 71 9.51 -28.03 3.66
CA ALA B 71 9.67 -26.66 4.17
C ALA B 71 11.15 -26.32 3.97
N TYR B 72 11.48 -25.05 4.08
CA TYR B 72 12.88 -24.68 3.93
C TYR B 72 13.14 -23.52 4.87
N ALA B 73 14.43 -23.29 5.12
CA ALA B 73 14.95 -22.17 5.83
C ALA B 73 16.24 -21.67 5.12
N GLU B 74 16.39 -20.34 5.11
CA GLU B 74 17.54 -19.68 4.57
C GLU B 74 18.15 -18.73 5.62
N TYR B 75 19.47 -18.78 5.65
CA TYR B 75 20.25 -17.92 6.50
C TYR B 75 21.50 -17.38 5.80
N HIS B 76 22.05 -16.29 6.37
CA HIS B 76 23.40 -15.87 6.13
C HIS B 76 24.29 -16.73 7.04
N PHE B 77 25.34 -17.29 6.43
CA PHE B 77 26.04 -18.38 7.15
C PHE B 77 27.57 -18.25 7.03
N ARG B 78 28.26 -18.66 8.09
CA ARG B 78 29.70 -18.74 8.12
C ARG B 78 30.12 -19.71 9.21
N VAL B 79 31.21 -20.45 8.94
CA VAL B 79 31.75 -21.38 9.92
C VAL B 79 33.14 -20.87 10.31
N GLY B 80 33.56 -21.02 11.58
CA GLY B 80 34.88 -20.49 11.98
C GLY B 80 35.98 -21.50 11.61
N SER B 81 37.24 -21.21 12.01
CA SER B 81 38.34 -22.13 11.67
C SER B 81 38.35 -23.24 12.67
N GLU B 82 39.26 -24.19 12.50
CA GLU B 82 39.37 -25.32 13.43
C GLU B 82 39.64 -24.88 14.87
N ALA B 83 40.64 -24.01 15.08
CA ALA B 83 41.00 -23.51 16.40
C ALA B 83 39.84 -22.77 17.05
N GLU B 84 38.93 -22.18 16.26
CA GLU B 84 37.68 -21.64 16.81
C GLU B 84 36.55 -22.70 16.89
N GLY B 85 36.91 -23.98 16.75
CA GLY B 85 35.87 -25.02 16.86
C GLY B 85 34.84 -25.08 15.73
N TYR B 86 35.11 -24.58 14.56
CA TYR B 86 34.28 -24.36 13.41
C TYR B 86 32.94 -23.72 13.84
N ALA B 87 33.01 -22.70 14.69
CA ALA B 87 31.81 -22.11 15.28
C ALA B 87 30.87 -21.58 14.21
N LEU B 88 29.61 -21.72 14.46
CA LEU B 88 28.56 -21.28 13.57
C LEU B 88 28.19 -19.81 13.77
N GLN B 89 28.03 -19.10 12.65
CA GLN B 89 27.49 -17.75 12.79
C GLN B 89 26.34 -17.59 11.79
N VAL B 90 25.13 -17.35 12.30
CA VAL B 90 24.02 -17.25 11.33
C VAL B 90 23.26 -15.93 11.53
N SER B 91 22.60 -15.42 10.50
CA SER B 91 21.70 -14.29 10.77
C SER B 91 20.65 -14.25 9.69
N SER B 92 19.70 -13.32 9.70
CA SER B 92 18.80 -13.10 8.58
C SER B 92 17.89 -14.24 8.16
N TYR B 93 17.29 -14.92 9.12
CA TYR B 93 16.44 -16.04 8.75
C TYR B 93 15.33 -15.65 7.78
N GLU B 94 15.05 -16.49 6.81
CA GLU B 94 13.78 -16.40 6.09
C GLU B 94 13.33 -17.81 5.72
N GLY B 95 12.03 -18.04 5.68
CA GLY B 95 11.54 -19.33 5.26
C GLY B 95 10.18 -19.74 5.81
N THR B 96 9.96 -21.03 5.66
CA THR B 96 8.70 -21.69 6.06
C THR B 96 8.92 -22.69 7.14
N ALA B 97 10.19 -23.13 7.42
CA ALA B 97 10.39 -24.18 8.42
C ALA B 97 10.38 -23.66 9.83
N GLY B 98 10.47 -22.35 10.00
CA GLY B 98 10.53 -21.81 11.39
C GLY B 98 12.04 -21.68 11.72
N ASP B 99 12.42 -20.73 12.54
CA ASP B 99 13.82 -20.45 12.85
C ASP B 99 14.35 -21.24 14.06
N ALA B 100 14.74 -22.48 13.93
CA ALA B 100 15.29 -23.28 15.01
C ALA B 100 16.78 -22.96 15.30
N LEU B 101 17.54 -22.36 14.37
CA LEU B 101 18.93 -22.05 14.67
C LEU B 101 19.21 -20.86 15.56
N ILE B 102 18.46 -19.77 15.39
CA ILE B 102 18.63 -18.58 16.21
C ILE B 102 17.66 -18.46 17.37
N GLU B 103 16.34 -18.59 17.17
CA GLU B 103 15.43 -18.52 18.34
C GLU B 103 15.41 -19.83 19.08
N GLY B 104 15.86 -20.94 18.42
CA GLY B 104 15.87 -22.22 19.12
C GLY B 104 14.46 -22.71 19.45
N SER B 105 14.19 -23.38 20.56
CA SER B 105 12.87 -23.87 20.85
C SER B 105 12.18 -22.98 21.86
N VAL B 106 11.15 -22.25 21.43
CA VAL B 106 10.55 -21.26 22.32
C VAL B 106 10.16 -21.95 23.64
N GLU B 107 9.67 -23.17 23.50
CA GLU B 107 9.21 -23.88 24.69
C GLU B 107 10.29 -24.19 25.67
N GLU B 108 11.45 -24.64 25.21
CA GLU B 108 12.53 -25.06 26.09
C GLU B 108 13.36 -23.81 26.41
N GLY B 109 13.25 -22.80 25.59
CA GLY B 109 14.00 -21.56 25.79
C GLY B 109 15.30 -21.43 25.01
N ALA B 110 15.50 -20.24 24.45
CA ALA B 110 16.68 -19.95 23.67
C ALA B 110 18.02 -20.06 24.39
N GLU B 111 18.15 -19.83 25.68
CA GLU B 111 19.36 -19.88 26.43
C GLU B 111 20.03 -21.25 26.27
N TYR B 112 19.25 -22.32 26.31
CA TYR B 112 19.76 -23.66 26.17
C TYR B 112 19.73 -24.27 24.76
N THR B 113 18.93 -23.76 23.83
CA THR B 113 18.72 -24.51 22.61
C THR B 113 19.06 -23.78 21.36
N SER B 114 19.47 -22.54 21.42
CA SER B 114 19.88 -21.74 20.27
C SER B 114 21.17 -22.32 19.69
N HIS B 115 21.45 -22.30 18.41
CA HIS B 115 22.70 -22.89 17.90
C HIS B 115 23.73 -21.80 17.55
N ASN B 116 23.26 -20.56 17.44
CA ASN B 116 24.19 -19.51 16.95
C ASN B 116 25.36 -19.20 17.86
N ASN B 117 26.58 -19.07 17.36
CA ASN B 117 27.80 -18.90 18.18
C ASN B 117 28.26 -20.13 18.90
N MET B 118 27.69 -21.32 18.65
CA MET B 118 28.12 -22.52 19.29
C MET B 118 29.29 -23.10 18.53
N GLN B 119 30.27 -23.69 19.19
CA GLN B 119 31.23 -24.54 18.45
C GLN B 119 30.57 -25.85 17.95
N PHE B 120 31.24 -26.55 17.06
CA PHE B 120 30.85 -27.86 16.61
C PHE B 120 31.38 -28.85 17.61
N SER B 121 30.71 -29.90 18.05
CA SER B 121 31.23 -30.89 18.94
C SER B 121 30.97 -32.28 18.38
N THR B 122 31.87 -33.20 18.69
CA THR B 122 31.72 -34.61 18.29
C THR B 122 31.84 -35.40 19.57
N PHE B 123 31.60 -36.70 19.62
CA PHE B 123 31.70 -37.47 20.85
C PHE B 123 33.14 -37.44 21.38
N ASP B 124 34.17 -37.37 20.55
CA ASP B 124 35.56 -37.32 21.08
C ASP B 124 36.06 -35.89 21.24
N ARG B 125 35.19 -34.89 21.09
CA ARG B 125 35.70 -33.51 21.20
C ARG B 125 34.53 -32.61 21.59
N ASP B 126 34.24 -32.63 22.85
CA ASP B 126 33.11 -31.98 23.48
C ASP B 126 33.38 -30.54 23.86
N ALA B 127 32.73 -29.58 23.18
CA ALA B 127 32.84 -28.19 23.56
C ALA B 127 31.44 -27.64 23.72
N ASP B 128 30.47 -28.45 24.15
CA ASP B 128 29.12 -27.90 24.26
C ASP B 128 28.95 -27.17 25.59
N GLN B 129 27.71 -26.73 25.86
CA GLN B 129 27.49 -26.04 27.13
C GLN B 129 26.93 -26.97 28.22
N TRP B 130 26.98 -28.28 28.05
CA TRP B 130 26.45 -29.18 29.07
C TRP B 130 27.62 -29.79 29.84
N GLU B 131 27.45 -29.98 31.15
CA GLU B 131 28.41 -30.77 31.95
C GLU B 131 28.60 -32.16 31.43
N GLU B 132 27.60 -32.71 30.72
CA GLU B 132 27.65 -33.97 30.01
C GLU B 132 28.03 -33.84 28.52
N ASN B 133 28.06 -34.94 27.79
CA ASN B 133 28.42 -34.95 26.36
C ASN B 133 27.22 -35.06 25.40
N CYS B 134 26.79 -33.92 24.84
CA CYS B 134 25.73 -33.82 23.87
C CYS B 134 25.91 -34.71 22.62
N ALA B 135 26.97 -34.60 21.86
CA ALA B 135 27.21 -35.43 20.70
C ALA B 135 27.06 -36.94 21.03
N GLU B 136 27.55 -37.35 22.19
CA GLU B 136 27.45 -38.77 22.51
C GLU B 136 25.99 -39.27 22.52
N VAL B 137 25.17 -38.51 23.24
CA VAL B 137 23.78 -38.81 23.49
C VAL B 137 22.90 -38.58 22.27
N TYR B 138 23.07 -37.46 21.55
CA TYR B 138 22.26 -37.07 20.43
C TYR B 138 22.69 -37.69 19.12
N GLY B 139 23.84 -38.34 19.07
CA GLY B 139 24.20 -39.25 18.03
C GLY B 139 24.96 -38.72 16.86
N GLY B 140 25.20 -37.41 16.73
CA GLY B 140 26.03 -37.02 15.55
C GLY B 140 26.86 -35.79 15.89
N GLY B 141 27.61 -35.29 14.89
CA GLY B 141 28.36 -34.06 15.20
C GLY B 141 27.42 -32.89 14.90
N TRP B 142 27.46 -31.79 15.62
CA TRP B 142 26.55 -30.66 15.42
C TRP B 142 27.03 -29.49 16.29
N TRP B 143 26.39 -28.35 16.13
CA TRP B 143 26.70 -27.13 16.89
C TRP B 143 25.85 -27.05 18.13
N TYR B 144 26.14 -27.92 19.10
CA TYR B 144 25.38 -28.09 20.30
C TYR B 144 25.54 -26.94 21.31
N ASN B 145 24.45 -26.79 22.05
CA ASN B 145 24.40 -25.86 23.20
C ASN B 145 24.09 -26.69 24.43
N ASN B 146 22.85 -26.76 24.89
CA ASN B 146 22.48 -27.71 25.97
C ASN B 146 21.02 -28.18 25.81
N CYS B 147 20.79 -29.09 24.87
CA CYS B 147 21.69 -29.43 23.78
C CYS B 147 21.25 -28.91 22.41
N GLN B 148 20.00 -28.96 21.97
CA GLN B 148 19.59 -28.72 20.58
C GLN B 148 18.16 -28.24 20.41
N ALA B 149 17.77 -27.49 19.42
CA ALA B 149 16.43 -27.32 18.88
C ALA B 149 16.30 -28.00 17.50
N ALA B 150 17.42 -28.18 16.82
CA ALA B 150 17.52 -28.88 15.56
C ALA B 150 18.82 -29.72 15.49
N ASN B 151 18.79 -30.75 14.67
CA ASN B 151 19.95 -31.59 14.38
C ASN B 151 19.70 -32.43 13.10
N LEU B 152 20.38 -32.05 12.03
CA LEU B 152 20.23 -32.84 10.80
C LEU B 152 21.17 -34.02 10.71
N ASN B 153 22.08 -34.17 11.69
CA ASN B 153 23.07 -35.25 11.72
C ASN B 153 22.68 -36.25 12.80
N GLY B 154 21.45 -36.18 13.33
CA GLY B 154 20.92 -37.15 14.29
C GLY B 154 20.62 -38.56 13.73
N ILE B 155 20.14 -39.46 14.57
CA ILE B 155 19.91 -40.86 14.19
C ILE B 155 18.71 -41.02 13.25
N TYR B 156 18.84 -41.67 12.12
CA TYR B 156 17.75 -41.88 11.16
C TYR B 156 16.73 -42.91 11.66
N TYR B 157 15.61 -42.47 12.20
CA TYR B 157 14.53 -43.38 12.62
C TYR B 157 13.53 -43.45 11.46
N PRO B 158 13.34 -44.62 10.87
CA PRO B 158 12.47 -44.78 9.71
C PRO B 158 11.00 -44.61 10.09
N GLY B 159 10.18 -44.00 9.25
CA GLY B 159 8.75 -43.95 9.53
C GLY B 159 8.23 -42.68 10.14
N GLY B 160 9.09 -41.78 10.69
CA GLY B 160 8.54 -40.51 11.18
C GLY B 160 8.47 -40.40 12.68
N SER B 161 7.27 -40.51 13.23
CA SER B 161 7.05 -40.34 14.67
C SER B 161 7.78 -41.39 15.47
N TYR B 162 8.49 -41.04 16.53
CA TYR B 162 9.15 -42.11 17.31
C TYR B 162 8.87 -41.79 18.78
N ASP B 163 9.05 -42.79 19.60
CA ASP B 163 8.86 -42.68 21.04
C ASP B 163 10.26 -42.85 21.63
N PRO B 164 10.76 -41.79 22.24
CA PRO B 164 12.09 -41.83 22.85
C PRO B 164 12.22 -42.95 23.87
N ARG B 165 11.05 -43.37 24.39
CA ARG B 165 11.11 -44.40 25.44
C ARG B 165 11.66 -45.68 24.83
N ASN B 166 11.47 -45.89 23.53
CA ASN B 166 12.02 -47.07 22.87
C ASN B 166 13.47 -46.97 22.44
N ASN B 167 14.12 -45.82 22.55
CA ASN B 167 15.50 -45.69 22.07
C ASN B 167 16.55 -46.27 23.01
N SER B 168 17.59 -46.81 22.41
CA SER B 168 18.72 -47.39 23.16
C SER B 168 20.05 -47.03 22.52
N PRO B 169 21.05 -46.70 23.33
CA PRO B 169 21.00 -46.77 24.77
C PRO B 169 20.53 -45.55 25.55
N TYR B 170 20.11 -44.48 24.89
CA TYR B 170 19.61 -43.31 25.63
C TYR B 170 18.17 -43.07 25.19
N GLU B 171 17.29 -42.91 26.15
CA GLU B 171 15.87 -42.68 25.96
C GLU B 171 15.66 -41.19 25.82
N ILE B 172 15.99 -40.71 24.63
CA ILE B 172 15.98 -39.26 24.38
C ILE B 172 15.56 -38.99 22.95
N GLU B 173 15.30 -37.73 22.63
CA GLU B 173 14.88 -37.32 21.31
C GLU B 173 16.05 -37.04 20.34
N ASN B 174 16.69 -38.11 19.88
CA ASN B 174 17.88 -37.90 19.03
C ASN B 174 17.74 -38.26 17.57
N GLY B 175 16.58 -38.09 16.97
CA GLY B 175 16.31 -38.37 15.55
C GLY B 175 16.77 -37.21 14.67
N VAL B 176 16.36 -37.21 13.42
CA VAL B 176 16.69 -36.17 12.45
C VAL B 176 15.61 -35.10 12.63
N VAL B 177 15.94 -34.02 13.34
CA VAL B 177 14.81 -33.16 13.88
C VAL B 177 14.99 -31.70 13.57
N TRP B 178 13.88 -30.96 13.46
CA TRP B 178 13.82 -29.52 13.25
C TRP B 178 12.54 -29.11 14.04
N VAL B 179 12.69 -28.66 15.27
CA VAL B 179 11.59 -28.60 16.21
C VAL B 179 10.49 -27.69 15.72
N SER B 180 10.73 -26.57 15.09
CA SER B 180 9.61 -25.72 14.74
C SER B 180 8.85 -26.18 13.52
N PHE B 181 9.32 -27.25 12.79
CA PHE B 181 8.57 -27.76 11.67
C PHE B 181 7.78 -29.00 12.07
N ARG B 182 8.36 -30.02 12.69
CA ARG B 182 7.69 -31.25 13.01
C ARG B 182 7.80 -31.67 14.45
N GLY B 183 8.38 -30.86 15.32
CA GLY B 183 8.47 -31.24 16.76
C GLY B 183 9.71 -32.10 16.98
N ALA B 184 9.96 -32.42 18.23
CA ALA B 184 11.13 -33.14 18.66
C ALA B 184 11.00 -34.65 18.55
N ASP B 185 9.76 -35.18 18.47
CA ASP B 185 9.75 -36.66 18.35
C ASP B 185 9.19 -37.13 17.03
N TYR B 186 9.68 -36.45 16.01
CA TYR B 186 9.47 -36.78 14.63
C TYR B 186 10.81 -36.69 13.88
N SER B 187 11.28 -37.80 13.33
CA SER B 187 12.48 -37.88 12.53
C SER B 187 12.16 -37.83 11.04
N LEU B 188 12.75 -36.86 10.37
CA LEU B 188 12.50 -36.56 8.98
C LEU B 188 13.08 -37.61 8.02
N ARG B 189 12.44 -37.58 6.87
CA ARG B 189 12.68 -38.53 5.84
C ARG B 189 13.83 -38.11 4.95
N ALA B 190 13.82 -36.85 4.50
CA ALA B 190 14.91 -36.42 3.61
C ALA B 190 15.24 -34.98 4.02
N VAL B 191 16.55 -34.73 4.05
CA VAL B 191 16.97 -33.35 4.47
C VAL B 191 18.21 -33.04 3.63
N ARG B 192 18.48 -31.78 3.35
CA ARG B 192 19.73 -31.42 2.71
C ARG B 192 20.15 -29.97 3.07
N MET B 193 21.45 -29.71 2.99
CA MET B 193 21.90 -28.35 3.29
C MET B 193 22.63 -27.90 2.04
N LYS B 194 22.43 -26.68 1.61
CA LYS B 194 23.12 -26.17 0.41
C LYS B 194 23.57 -24.72 0.64
N ILE B 195 24.68 -24.34 0.00
CA ILE B 195 25.17 -22.99 0.16
C ILE B 195 25.43 -22.34 -1.22
N ARG B 196 25.52 -21.03 -1.15
CA ARG B 196 25.89 -20.21 -2.28
C ARG B 196 26.72 -19.02 -1.82
N PRO B 197 27.76 -18.72 -2.58
CA PRO B 197 28.60 -17.52 -2.39
C PRO B 197 27.80 -16.26 -2.22
N LEU B 198 28.09 -15.45 -1.20
CA LEU B 198 27.25 -14.25 -0.98
C LEU B 198 27.03 -13.48 -2.28
N VAL B 199 28.12 -13.14 -2.96
CA VAL B 199 28.03 -12.48 -4.26
C VAL B 199 27.05 -13.16 -5.21
N THR B 200 27.20 -14.46 -5.45
CA THR B 200 26.32 -15.17 -6.35
C THR B 200 24.98 -15.61 -5.74
N GLN B 201 23.91 -14.95 -6.18
CA GLN B 201 22.55 -15.25 -5.77
C GLN B 201 21.58 -15.25 -6.94
N GLY C 5 3.36 -66.44 26.80
CA GLY C 5 3.42 -66.02 25.38
C GLY C 5 2.92 -67.16 24.50
N GLY C 6 1.61 -67.19 24.23
CA GLY C 6 1.02 -68.26 23.45
C GLY C 6 0.94 -67.98 21.94
N TRP C 7 2.08 -67.66 21.33
CA TRP C 7 2.10 -67.34 19.91
C TRP C 7 2.44 -68.51 19.00
N LEU C 8 1.78 -68.59 17.86
CA LEU C 8 2.07 -69.46 16.75
C LEU C 8 2.73 -68.65 15.65
N LEU C 9 3.76 -69.17 14.99
CA LEU C 9 4.30 -68.45 13.80
C LEU C 9 3.46 -68.82 12.58
N ILE C 10 3.14 -67.89 11.67
CA ILE C 10 2.36 -68.28 10.49
C ILE C 10 3.13 -67.95 9.23
N GLN C 11 4.13 -67.07 9.31
CA GLN C 11 4.94 -66.73 8.13
C GLN C 11 6.30 -66.26 8.70
N GLN C 12 7.33 -66.40 7.91
CA GLN C 12 8.60 -65.84 8.26
C GLN C 12 9.46 -65.86 7.02
N ARG C 13 10.22 -64.76 6.81
CA ARG C 13 11.18 -64.68 5.75
C ARG C 13 12.51 -64.29 6.47
N MET C 14 13.64 -64.67 5.90
CA MET C 14 14.91 -64.23 6.51
C MET C 14 16.05 -64.18 5.50
N ASP C 15 16.01 -64.78 4.31
CA ASP C 15 17.09 -64.65 3.34
C ASP C 15 16.73 -64.78 1.89
N GLY C 16 15.41 -64.98 1.63
CA GLY C 16 14.94 -65.02 0.29
C GLY C 16 15.17 -66.38 -0.39
N SER C 17 15.70 -67.43 0.19
CA SER C 17 15.91 -68.69 -0.51
C SER C 17 14.61 -69.44 -0.88
N LEU C 18 13.50 -69.28 -0.15
CA LEU C 18 12.22 -69.91 -0.51
C LEU C 18 11.45 -69.08 -1.53
N ASN C 19 10.96 -69.65 -2.63
CA ASN C 19 10.25 -68.89 -3.62
C ASN C 19 8.80 -68.68 -3.13
N PHE C 20 8.29 -67.47 -3.05
CA PHE C 20 6.95 -67.23 -2.51
C PHE C 20 5.93 -67.07 -3.62
N ASN C 21 6.43 -66.94 -4.86
CA ASN C 21 5.56 -66.86 -6.03
C ASN C 21 4.96 -68.23 -6.38
N ARG C 22 3.93 -68.61 -5.63
CA ARG C 22 3.34 -69.94 -5.83
C ARG C 22 1.84 -69.89 -6.08
N THR C 23 1.30 -71.12 -6.30
CA THR C 23 -0.07 -71.34 -6.61
C THR C 23 -0.99 -71.22 -5.44
N TRP C 24 -2.29 -71.15 -5.82
CA TRP C 24 -3.37 -71.14 -4.86
C TRP C 24 -3.27 -72.39 -3.99
N GLN C 25 -3.02 -73.53 -4.64
CA GLN C 25 -2.95 -74.80 -3.93
C GLN C 25 -1.81 -74.80 -2.91
N ASP C 26 -0.66 -74.26 -3.27
CA ASP C 26 0.44 -74.23 -2.28
C ASP C 26 0.09 -73.32 -1.11
N TYR C 27 -0.51 -72.14 -1.37
CA TYR C 27 -0.87 -71.23 -0.28
C TYR C 27 -1.95 -71.76 0.66
N LYS C 28 -2.84 -72.58 0.10
CA LYS C 28 -3.87 -73.23 0.87
C LYS C 28 -3.33 -74.35 1.78
N ARG C 29 -2.36 -75.14 1.33
CA ARG C 29 -1.85 -76.20 2.17
C ARG C 29 -0.66 -75.73 3.04
N GLY C 30 0.13 -74.76 2.56
CA GLY C 30 1.34 -74.37 3.31
C GLY C 30 2.58 -74.93 2.61
N PHE C 31 3.73 -74.36 2.83
CA PHE C 31 4.99 -74.72 2.21
C PHE C 31 6.16 -74.20 3.07
N GLY C 32 7.37 -74.65 2.73
CA GLY C 32 8.57 -74.24 3.46
C GLY C 32 8.79 -75.15 4.67
N SER C 33 9.67 -74.76 5.59
CA SER C 33 9.86 -75.55 6.79
C SER C 33 10.55 -74.75 7.88
N LEU C 34 10.36 -75.15 9.13
CA LEU C 34 11.07 -74.50 10.24
C LEU C 34 11.87 -75.57 10.98
N ASN C 35 13.11 -75.27 11.37
CA ASN C 35 13.87 -76.19 12.20
C ASN C 35 13.31 -76.12 13.63
N ASP C 36 14.01 -76.72 14.57
CA ASP C 36 13.61 -76.81 15.97
C ASP C 36 13.65 -75.46 16.69
N GLU C 37 14.68 -74.69 16.37
CA GLU C 37 14.87 -73.35 16.89
C GLU C 37 13.90 -72.34 16.29
N GLY C 38 12.84 -72.72 15.60
CA GLY C 38 11.91 -71.77 15.01
C GLY C 38 12.52 -70.92 13.90
N GLU C 39 13.54 -71.45 13.25
CA GLU C 39 14.20 -70.78 12.15
C GLU C 39 13.78 -71.43 10.82
N GLY C 40 13.71 -70.66 9.76
CA GLY C 40 13.34 -71.15 8.44
C GLY C 40 12.38 -70.21 7.70
N GLU C 41 12.25 -70.33 6.38
CA GLU C 41 11.24 -69.52 5.70
C GLU C 41 9.99 -70.44 5.51
N PHE C 42 8.77 -69.92 5.63
CA PHE C 42 7.61 -70.80 5.42
C PHE C 42 6.32 -70.00 5.45
N TRP C 43 5.26 -70.62 5.04
CA TRP C 43 3.89 -70.09 5.04
C TRP C 43 2.99 -71.17 5.66
N LEU C 44 2.29 -70.88 6.74
CA LEU C 44 1.49 -71.90 7.41
C LEU C 44 0.40 -72.55 6.55
N GLY C 45 -0.43 -71.87 5.80
CA GLY C 45 -1.46 -72.53 5.00
C GLY C 45 -2.78 -71.80 5.31
N ASN C 46 -3.42 -71.26 4.28
CA ASN C 46 -4.71 -70.60 4.48
C ASN C 46 -5.82 -71.48 5.08
N ASP C 47 -5.93 -72.77 4.78
CA ASP C 47 -6.98 -73.60 5.37
C ASP C 47 -6.82 -73.73 6.89
N TYR C 48 -5.58 -73.99 7.32
CA TYR C 48 -5.30 -73.99 8.76
C TYR C 48 -5.40 -72.60 9.36
N LEU C 49 -5.07 -71.53 8.65
CA LEU C 49 -5.25 -70.20 9.19
C LEU C 49 -6.71 -69.90 9.53
N HIS C 50 -7.63 -70.26 8.62
CA HIS C 50 -9.07 -70.06 8.81
C HIS C 50 -9.55 -70.82 10.06
N LEU C 51 -9.11 -72.02 10.28
CA LEU C 51 -9.44 -72.83 11.47
C LEU C 51 -8.96 -72.16 12.77
N LEU C 52 -7.68 -71.77 12.91
CA LEU C 52 -7.12 -71.12 14.07
C LEU C 52 -7.70 -69.73 14.35
N THR C 53 -8.42 -69.19 13.35
CA THR C 53 -8.95 -67.82 13.58
C THR C 53 -10.46 -67.78 13.77
N GLN C 54 -11.18 -68.89 13.89
CA GLN C 54 -12.63 -68.87 14.07
C GLN C 54 -13.16 -68.07 15.25
N ARG C 55 -12.47 -68.00 16.37
CA ARG C 55 -12.84 -67.20 17.52
C ARG C 55 -12.12 -65.86 17.58
N GLY C 56 -11.50 -65.36 16.52
CA GLY C 56 -10.82 -64.06 16.62
C GLY C 56 -9.37 -64.31 17.00
N SER C 57 -8.44 -63.40 16.91
CA SER C 57 -7.04 -63.67 17.30
C SER C 57 -6.31 -62.32 17.30
N VAL C 58 -5.12 -62.33 17.87
CA VAL C 58 -4.28 -61.15 17.75
C VAL C 58 -3.16 -61.53 16.76
N LEU C 59 -2.98 -60.66 15.75
CA LEU C 59 -1.88 -60.81 14.80
C LEU C 59 -0.71 -59.86 15.20
N ARG C 60 0.50 -60.35 15.25
CA ARG C 60 1.69 -59.54 15.50
C ARG C 60 2.61 -59.59 14.27
N VAL C 61 2.85 -58.45 13.62
CA VAL C 61 3.79 -58.37 12.51
C VAL C 61 5.16 -57.85 13.04
N GLU C 62 6.29 -58.45 12.75
CA GLU C 62 7.61 -57.96 13.19
C GLU C 62 8.51 -57.71 12.00
N LEU C 63 9.08 -56.53 11.90
CA LEU C 63 9.89 -56.15 10.75
C LEU C 63 11.31 -55.69 11.19
N GLU C 64 12.28 -55.93 10.30
CA GLU C 64 13.66 -55.62 10.44
C GLU C 64 14.25 -55.17 9.09
N ASP C 65 14.92 -54.00 9.16
CA ASP C 65 15.54 -53.48 7.94
C ASP C 65 17.04 -53.82 7.96
N TRP C 66 17.76 -53.45 6.92
CA TRP C 66 19.16 -53.84 6.79
C TRP C 66 20.12 -53.00 7.65
N ALA C 67 19.67 -52.08 8.49
CA ALA C 67 20.55 -51.36 9.40
C ALA C 67 20.20 -51.62 10.85
N GLY C 68 19.56 -52.75 11.16
CA GLY C 68 19.16 -53.03 12.53
C GLY C 68 18.00 -52.25 13.09
N ASN C 69 17.16 -51.49 12.40
CA ASN C 69 15.93 -50.97 13.03
C ASN C 69 14.84 -52.02 13.06
N GLU C 70 13.98 -52.06 14.09
CA GLU C 70 12.92 -53.04 14.14
C GLU C 70 11.60 -52.32 14.42
N ALA C 71 10.48 -52.83 13.99
CA ALA C 71 9.17 -52.24 14.25
C ALA C 71 8.20 -53.44 14.26
N TYR C 72 7.04 -53.20 14.83
CA TYR C 72 5.99 -54.19 14.99
C TYR C 72 4.61 -53.51 14.82
N ALA C 73 3.61 -54.34 14.53
CA ALA C 73 2.23 -53.91 14.35
C ALA C 73 1.35 -55.03 14.89
N GLU C 74 0.35 -54.69 15.69
CA GLU C 74 -0.56 -55.71 16.20
C GLU C 74 -2.00 -55.34 15.76
N TYR C 75 -2.80 -56.33 15.44
CA TYR C 75 -4.16 -56.18 14.98
C TYR C 75 -5.02 -57.30 15.51
N HIS C 76 -6.33 -57.04 15.55
CA HIS C 76 -7.28 -58.15 15.78
C HIS C 76 -7.47 -58.70 14.37
N PHE C 77 -7.35 -60.02 14.21
CA PHE C 77 -7.36 -60.65 12.90
C PHE C 77 -8.17 -61.93 12.70
N ARG C 78 -8.78 -62.02 11.53
CA ARG C 78 -9.50 -63.25 11.14
C ARG C 78 -9.36 -63.43 9.62
N VAL C 79 -9.34 -64.65 9.18
CA VAL C 79 -9.25 -64.98 7.75
C VAL C 79 -10.51 -65.79 7.41
N GLY C 80 -11.26 -65.51 6.36
CA GLY C 80 -12.50 -66.19 6.02
C GLY C 80 -12.23 -67.59 5.42
N SER C 81 -13.31 -68.28 4.99
CA SER C 81 -13.16 -69.60 4.43
C SER C 81 -12.74 -69.48 2.93
N GLU C 82 -12.44 -70.59 2.33
CA GLU C 82 -12.08 -70.69 0.93
C GLU C 82 -13.20 -70.20 0.02
N ALA C 83 -14.48 -70.49 0.40
CA ALA C 83 -15.57 -69.99 -0.41
C ALA C 83 -15.59 -68.47 -0.38
N GLU C 84 -15.17 -67.93 0.75
CA GLU C 84 -15.13 -66.45 0.89
C GLU C 84 -13.77 -65.92 0.42
N GLY C 85 -12.96 -66.77 -0.21
CA GLY C 85 -11.67 -66.34 -0.78
C GLY C 85 -10.60 -65.98 0.27
N TYR C 86 -10.68 -66.61 1.45
CA TYR C 86 -9.81 -66.29 2.56
C TYR C 86 -9.72 -64.81 2.91
N ALA C 87 -10.82 -64.09 2.79
CA ALA C 87 -10.87 -62.65 3.04
C ALA C 87 -10.28 -62.25 4.41
N LEU C 88 -9.64 -61.09 4.36
CA LEU C 88 -8.94 -60.56 5.55
C LEU C 88 -9.84 -59.63 6.37
N GLN C 89 -9.85 -59.73 7.69
CA GLN C 89 -10.56 -58.76 8.51
C GLN C 89 -9.68 -58.36 9.69
N VAL C 90 -9.25 -57.13 9.69
CA VAL C 90 -8.37 -56.63 10.74
C VAL C 90 -9.05 -55.40 11.36
N SER C 91 -8.72 -55.17 12.62
CA SER C 91 -9.16 -53.95 13.31
C SER C 91 -8.19 -53.75 14.50
N SER C 92 -8.28 -52.58 15.12
CA SER C 92 -7.57 -52.28 16.34
C SER C 92 -6.05 -52.20 16.26
N TYR C 93 -5.57 -51.53 15.22
CA TYR C 93 -4.14 -51.35 15.08
C TYR C 93 -3.51 -50.85 16.37
N GLU C 94 -2.32 -51.30 16.71
CA GLU C 94 -1.42 -50.60 17.60
C GLU C 94 0.01 -50.99 17.23
N GLY C 95 0.94 -50.10 17.54
CA GLY C 95 2.32 -50.54 17.26
C GLY C 95 3.17 -49.33 16.88
N THR C 96 4.24 -49.67 16.20
CA THR C 96 5.32 -48.76 15.84
C THR C 96 5.62 -48.77 14.38
N ALA C 97 5.09 -49.74 13.60
CA ALA C 97 5.39 -49.79 12.18
C ALA C 97 4.49 -48.90 11.34
N GLY C 98 3.35 -48.48 11.93
CA GLY C 98 2.40 -47.68 11.10
C GLY C 98 1.34 -48.66 10.59
N ASP C 99 0.10 -48.25 10.42
CA ASP C 99 -1.01 -49.11 9.98
C ASP C 99 -1.16 -49.27 8.49
N ALA C 100 -0.33 -50.09 7.84
CA ALA C 100 -0.38 -50.15 6.40
C ALA C 100 -1.62 -50.95 5.93
N LEU C 101 -2.12 -51.85 6.77
CA LEU C 101 -3.23 -52.65 6.34
C LEU C 101 -4.57 -51.92 6.24
N ILE C 102 -4.88 -51.05 7.20
CA ILE C 102 -6.18 -50.38 7.21
C ILE C 102 -6.11 -49.02 6.56
N GLU C 103 -5.12 -48.19 6.79
CA GLU C 103 -4.96 -46.91 6.16
C GLU C 103 -4.39 -47.00 4.76
N GLY C 104 -3.70 -48.07 4.33
CA GLY C 104 -3.14 -48.03 2.99
C GLY C 104 -2.04 -47.00 2.83
N SER C 105 -1.73 -46.62 1.60
CA SER C 105 -0.57 -45.72 1.46
C SER C 105 -1.06 -44.27 1.42
N VAL C 106 -0.48 -43.40 2.23
CA VAL C 106 -0.90 -41.99 2.26
C VAL C 106 -0.80 -41.34 0.88
N GLU C 107 0.35 -41.47 0.26
CA GLU C 107 0.57 -40.89 -1.05
C GLU C 107 -0.28 -41.58 -2.09
N GLU C 108 -0.14 -42.86 -2.43
CA GLU C 108 -0.95 -43.47 -3.48
C GLU C 108 -2.46 -43.50 -3.25
N GLY C 109 -2.97 -43.26 -2.07
CA GLY C 109 -4.41 -43.31 -1.85
C GLY C 109 -5.01 -44.55 -1.21
N ALA C 110 -5.60 -44.38 -0.04
CA ALA C 110 -6.26 -45.41 0.74
C ALA C 110 -7.28 -46.26 0.02
N GLU C 111 -8.09 -45.73 -0.87
CA GLU C 111 -9.11 -46.37 -1.65
C GLU C 111 -8.65 -47.61 -2.42
N TYR C 112 -7.47 -47.50 -2.99
CA TYR C 112 -6.80 -48.46 -3.82
C TYR C 112 -5.79 -49.38 -3.12
N THR C 113 -5.23 -48.96 -1.97
CA THR C 113 -4.11 -49.70 -1.42
C THR C 113 -4.40 -50.20 -0.01
N SER C 114 -5.60 -50.00 0.50
CA SER C 114 -6.09 -50.56 1.76
C SER C 114 -6.27 -52.09 1.68
N HIS C 115 -5.92 -52.95 2.61
CA HIS C 115 -6.06 -54.40 2.47
C HIS C 115 -7.27 -54.95 3.19
N ASN C 116 -7.89 -54.16 4.08
CA ASN C 116 -9.02 -54.71 4.85
C ASN C 116 -10.15 -55.20 3.95
N ASN C 117 -10.75 -56.35 4.27
CA ASN C 117 -11.88 -56.93 3.52
C ASN C 117 -11.51 -57.41 2.11
N MET C 118 -10.22 -57.34 1.75
CA MET C 118 -9.86 -57.96 0.46
C MET C 118 -9.76 -59.47 0.53
N GLN C 119 -9.99 -60.08 -0.59
CA GLN C 119 -9.76 -61.51 -0.75
C GLN C 119 -8.27 -61.81 -1.06
N PHE C 120 -7.90 -63.04 -0.78
CA PHE C 120 -6.59 -63.56 -1.12
C PHE C 120 -6.46 -63.78 -2.62
N SER C 121 -5.27 -63.39 -3.20
CA SER C 121 -5.12 -63.74 -4.60
C SER C 121 -3.78 -64.39 -4.87
N THR C 122 -3.65 -65.23 -5.88
CA THR C 122 -2.37 -65.77 -6.30
C THR C 122 -2.24 -65.57 -7.80
N PHE C 123 -1.10 -65.93 -8.40
CA PHE C 123 -0.98 -65.63 -9.83
C PHE C 123 -2.00 -66.46 -10.65
N ASP C 124 -2.39 -67.65 -10.24
CA ASP C 124 -3.34 -68.47 -10.96
C ASP C 124 -4.77 -68.32 -10.44
N ARG C 125 -5.10 -67.32 -9.61
CA ARG C 125 -6.41 -67.15 -9.01
C ARG C 125 -6.59 -65.68 -8.62
N ASP C 126 -6.94 -64.85 -9.60
CA ASP C 126 -7.05 -63.42 -9.38
C ASP C 126 -8.45 -63.06 -8.91
N ALA C 127 -8.56 -62.41 -7.75
CA ALA C 127 -9.76 -61.80 -7.25
C ALA C 127 -9.43 -60.41 -6.71
N ASP C 128 -8.51 -59.71 -7.35
CA ASP C 128 -8.06 -58.43 -6.83
C ASP C 128 -8.96 -57.31 -7.35
N GLN C 129 -8.65 -56.02 -7.13
CA GLN C 129 -9.56 -55.01 -7.67
C GLN C 129 -8.94 -54.29 -8.85
N TRP C 130 -7.98 -54.89 -9.52
CA TRP C 130 -7.37 -54.24 -10.67
C TRP C 130 -7.84 -54.90 -11.97
N GLU C 131 -7.78 -54.24 -13.11
CA GLU C 131 -8.18 -54.95 -14.34
C GLU C 131 -7.12 -55.94 -14.75
N GLU C 132 -5.90 -55.81 -14.27
CA GLU C 132 -4.85 -56.78 -14.49
C GLU C 132 -4.65 -57.70 -13.27
N ASN C 133 -3.58 -58.46 -13.22
CA ASN C 133 -3.29 -59.51 -12.25
C ASN C 133 -2.22 -59.07 -11.25
N CYS C 134 -2.56 -58.55 -10.08
CA CYS C 134 -1.72 -58.03 -9.05
C CYS C 134 -0.67 -59.05 -8.54
N ALA C 135 -1.14 -60.25 -8.24
CA ALA C 135 -0.26 -61.29 -7.73
C ALA C 135 0.84 -61.62 -8.73
N GLU C 136 0.49 -61.66 -10.01
CA GLU C 136 1.50 -62.00 -11.00
C GLU C 136 2.65 -60.98 -11.03
N VAL C 137 2.28 -59.71 -10.93
CA VAL C 137 3.23 -58.59 -10.99
C VAL C 137 3.99 -58.33 -9.72
N TYR C 138 3.37 -58.44 -8.57
CA TYR C 138 3.92 -58.16 -7.26
C TYR C 138 4.60 -59.35 -6.65
N GLY C 139 4.50 -60.51 -7.30
CA GLY C 139 5.27 -61.70 -6.94
C GLY C 139 4.85 -62.68 -5.91
N GLY C 140 3.75 -62.56 -5.19
CA GLY C 140 3.41 -63.52 -4.13
C GLY C 140 1.89 -63.57 -3.93
N GLY C 141 1.46 -64.45 -3.02
CA GLY C 141 0.01 -64.52 -2.74
C GLY C 141 -0.24 -63.50 -1.60
N TRP C 142 -1.29 -62.70 -1.66
CA TRP C 142 -1.46 -61.65 -0.67
C TRP C 142 -2.90 -61.13 -0.79
N TRP C 143 -3.34 -60.32 0.16
CA TRP C 143 -4.70 -59.78 0.15
C TRP C 143 -4.70 -58.46 -0.62
N TYR C 144 -4.60 -58.51 -1.93
CA TYR C 144 -4.53 -57.43 -2.85
C TYR C 144 -5.81 -56.63 -3.18
N ASN C 145 -5.59 -55.32 -3.30
CA ASN C 145 -6.65 -54.36 -3.65
C ASN C 145 -6.31 -53.86 -5.04
N ASN C 146 -5.65 -52.72 -5.18
CA ASN C 146 -5.19 -52.30 -6.51
C ASN C 146 -3.93 -51.45 -6.38
N CYS C 147 -2.82 -52.02 -5.92
CA CYS C 147 -2.74 -53.42 -5.54
C CYS C 147 -2.40 -53.54 -4.07
N GLN C 148 -1.52 -52.67 -3.53
CA GLN C 148 -0.98 -52.85 -2.22
C GLN C 148 -0.31 -51.66 -1.55
N ALA C 149 -0.25 -51.64 -0.21
CA ALA C 149 0.56 -50.71 0.57
C ALA C 149 1.63 -51.45 1.35
N ALA C 150 1.42 -52.74 1.57
CA ALA C 150 2.29 -53.72 2.21
C ALA C 150 2.25 -55.10 1.52
N ASN C 151 3.29 -55.92 1.66
CA ASN C 151 3.30 -57.29 1.08
C ASN C 151 4.54 -58.01 1.58
N LEU C 152 4.38 -58.75 2.70
CA LEU C 152 5.47 -59.55 3.21
C LEU C 152 5.82 -60.72 2.33
N ASN C 153 5.06 -61.03 1.29
CA ASN C 153 5.29 -62.18 0.41
C ASN C 153 5.94 -61.78 -0.93
N GLY C 154 6.42 -60.57 -1.03
CA GLY C 154 7.06 -60.05 -2.23
C GLY C 154 8.47 -60.59 -2.48
N ILE C 155 9.02 -60.13 -3.57
CA ILE C 155 10.33 -60.55 -4.06
C ILE C 155 11.43 -60.04 -3.10
N TYR C 156 12.35 -60.91 -2.69
CA TYR C 156 13.41 -60.54 -1.78
C TYR C 156 14.56 -59.82 -2.47
N TYR C 157 14.75 -58.51 -2.38
CA TYR C 157 15.91 -57.80 -2.97
C TYR C 157 16.97 -57.59 -1.88
N PRO C 158 18.19 -58.07 -2.00
CA PRO C 158 19.25 -57.90 -1.04
C PRO C 158 19.74 -56.50 -0.82
N GLY C 159 20.13 -56.11 0.40
CA GLY C 159 20.68 -54.79 0.65
C GLY C 159 19.71 -53.73 1.13
N GLY C 160 18.39 -53.86 0.96
CA GLY C 160 17.50 -52.78 1.41
C GLY C 160 16.95 -52.02 0.19
N SER C 161 17.47 -50.83 -0.07
CA SER C 161 17.10 -49.96 -1.16
C SER C 161 17.19 -50.65 -2.51
N TYR C 162 16.17 -50.51 -3.37
CA TYR C 162 16.23 -51.15 -4.68
C TYR C 162 15.69 -50.13 -5.67
N ASP C 163 15.99 -50.30 -6.94
CA ASP C 163 15.47 -49.37 -7.95
C ASP C 163 14.49 -50.11 -8.86
N PRO C 164 13.24 -49.69 -8.79
CA PRO C 164 12.19 -50.30 -9.59
C PRO C 164 12.61 -50.42 -11.05
N ARG C 165 13.39 -49.46 -11.52
CA ARG C 165 13.82 -49.47 -12.92
C ARG C 165 14.55 -50.74 -13.29
N ASN C 166 15.27 -51.31 -12.35
CA ASN C 166 16.09 -52.47 -12.49
C ASN C 166 15.37 -53.80 -12.34
N ASN C 167 14.06 -53.76 -12.09
CA ASN C 167 13.34 -55.01 -11.89
C ASN C 167 12.78 -55.51 -13.22
N SER C 168 12.70 -56.82 -13.31
CA SER C 168 12.17 -57.55 -14.44
C SER C 168 11.73 -58.92 -13.94
N PRO C 169 10.67 -59.47 -14.54
CA PRO C 169 10.01 -58.87 -15.68
C PRO C 169 9.36 -57.52 -15.55
N TYR C 170 8.93 -57.06 -14.38
CA TYR C 170 8.15 -55.83 -14.29
C TYR C 170 8.89 -54.75 -13.50
N GLU C 171 8.76 -53.53 -13.99
CA GLU C 171 9.40 -52.36 -13.40
C GLU C 171 8.51 -51.67 -12.36
N ILE C 172 8.38 -52.33 -11.21
CA ILE C 172 7.49 -51.86 -10.16
C ILE C 172 8.07 -52.03 -8.77
N GLU C 173 7.39 -51.55 -7.75
CA GLU C 173 7.82 -51.75 -6.38
C GLU C 173 7.36 -53.07 -5.77
N ASN C 174 7.93 -54.19 -6.23
CA ASN C 174 7.45 -55.47 -5.70
C ASN C 174 8.36 -56.20 -4.70
N GLY C 175 9.11 -55.46 -3.86
CA GLY C 175 9.93 -56.06 -2.85
C GLY C 175 9.12 -56.45 -1.60
N VAL C 176 9.82 -56.79 -0.53
CA VAL C 176 9.22 -57.18 0.74
C VAL C 176 8.99 -55.87 1.49
N VAL C 177 7.77 -55.35 1.38
CA VAL C 177 7.53 -53.95 1.81
C VAL C 177 6.47 -53.67 2.83
N TRP C 178 6.66 -52.59 3.62
CA TRP C 178 5.65 -52.10 4.57
C TRP C 178 5.76 -50.57 4.46
N VAL C 179 4.98 -50.00 3.55
CA VAL C 179 5.15 -48.59 3.21
C VAL C 179 5.17 -47.63 4.36
N SER C 180 4.44 -47.73 5.47
CA SER C 180 4.51 -46.68 6.47
C SER C 180 5.75 -46.75 7.36
N PHE C 181 6.57 -47.79 7.20
CA PHE C 181 7.74 -47.98 8.00
C PHE C 181 8.96 -47.66 7.13
N ARG C 182 9.11 -48.28 5.97
CA ARG C 182 10.33 -48.05 5.21
C ARG C 182 10.05 -47.50 3.82
N GLY C 183 8.77 -47.33 3.43
CA GLY C 183 8.53 -46.88 2.03
C GLY C 183 8.43 -48.04 1.05
N ALA C 184 8.00 -47.79 -0.17
CA ALA C 184 7.75 -48.75 -1.24
C ALA C 184 8.99 -49.20 -2.00
N ASP C 185 10.07 -48.41 -1.87
CA ASP C 185 11.26 -48.81 -2.64
C ASP C 185 12.36 -49.34 -1.75
N TYR C 186 11.97 -49.92 -0.60
CA TYR C 186 13.00 -50.49 0.28
C TYR C 186 12.48 -51.88 0.68
N SER C 187 13.30 -52.89 0.41
CA SER C 187 12.95 -54.26 0.72
C SER C 187 13.53 -54.71 2.04
N LEU C 188 12.76 -55.30 2.92
CA LEU C 188 13.11 -55.57 4.29
C LEU C 188 13.97 -56.82 4.40
N ARG C 189 14.68 -56.99 5.51
CA ARG C 189 15.67 -58.06 5.62
C ARG C 189 15.08 -59.31 6.27
N ALA C 190 14.33 -59.15 7.35
CA ALA C 190 13.73 -60.26 8.04
C ALA C 190 12.32 -59.77 8.41
N VAL C 191 11.35 -60.64 8.27
CA VAL C 191 9.92 -60.31 8.55
C VAL C 191 9.20 -61.56 9.07
N ARG C 192 8.24 -61.45 9.99
CA ARG C 192 7.48 -62.59 10.48
C ARG C 192 6.06 -62.12 10.92
N MET C 193 5.13 -63.05 10.86
CA MET C 193 3.73 -62.88 11.24
C MET C 193 3.41 -63.99 12.28
N LYS C 194 2.86 -63.62 13.40
CA LYS C 194 2.50 -64.63 14.42
C LYS C 194 1.13 -64.34 15.02
N ILE C 195 0.44 -65.37 15.46
CA ILE C 195 -0.88 -65.14 16.00
C ILE C 195 -1.01 -65.68 17.44
N ARG C 196 -1.94 -65.02 18.08
CA ARG C 196 -2.45 -65.51 19.39
C ARG C 196 -3.97 -65.71 19.29
N PRO C 197 -4.47 -66.91 19.03
CA PRO C 197 -5.88 -67.20 18.91
C PRO C 197 -6.60 -66.90 20.24
N LEU C 198 -7.76 -66.27 20.19
CA LEU C 198 -8.43 -65.96 21.47
C LEU C 198 -9.31 -67.14 21.85
N VAL C 199 -8.71 -68.25 22.27
CA VAL C 199 -9.41 -69.47 22.63
C VAL C 199 -10.49 -69.20 23.68
N THR C 200 -10.36 -68.14 24.38
CA THR C 200 -10.83 -67.16 25.25
C THR C 200 -10.79 -67.34 26.78
N GLN C 201 -11.83 -66.79 27.41
CA GLN C 201 -11.98 -66.56 28.83
C GLN C 201 -13.33 -67.10 29.35
N GLY D 5 -11.64 -37.36 37.12
CA GLY D 5 -12.20 -36.48 36.09
C GLY D 5 -13.46 -37.14 35.54
N GLY D 6 -14.51 -36.36 35.32
CA GLY D 6 -15.73 -36.96 34.78
C GLY D 6 -15.77 -36.80 33.26
N TRP D 7 -14.70 -36.27 32.66
CA TRP D 7 -14.67 -36.03 31.22
C TRP D 7 -14.35 -37.31 30.43
N LEU D 8 -14.88 -37.39 29.21
CA LEU D 8 -14.40 -38.43 28.34
C LEU D 8 -14.13 -37.83 26.96
N LEU D 9 -13.11 -38.39 26.34
CA LEU D 9 -12.60 -37.93 25.07
C LEU D 9 -13.46 -38.37 23.89
N ILE D 10 -13.70 -37.50 22.90
CA ILE D 10 -14.49 -37.97 21.75
C ILE D 10 -13.66 -37.75 20.49
N GLN D 11 -12.55 -37.00 20.56
CA GLN D 11 -11.76 -36.66 19.40
C GLN D 11 -10.35 -36.17 19.81
N GLN D 12 -9.33 -36.47 19.00
CA GLN D 12 -8.02 -35.94 19.31
C GLN D 12 -7.11 -36.04 18.09
N ARG D 13 -6.26 -35.06 17.81
CA ARG D 13 -5.29 -34.96 16.77
C ARG D 13 -3.96 -34.55 17.48
N MET D 14 -2.86 -35.09 17.01
CA MET D 14 -1.59 -34.81 17.69
C MET D 14 -0.43 -35.03 16.75
N ASP D 15 -0.52 -35.72 15.63
CA ASP D 15 0.64 -35.82 14.74
C ASP D 15 0.29 -36.06 13.29
N GLY D 16 -1.03 -36.06 12.96
CA GLY D 16 -1.36 -36.23 11.55
C GLY D 16 -1.16 -37.69 11.12
N SER D 17 -0.97 -38.68 12.00
CA SER D 17 -0.80 -40.03 11.40
C SER D 17 -2.11 -40.67 10.92
N LEU D 18 -3.29 -40.31 11.41
CA LEU D 18 -4.56 -40.83 10.99
C LEU D 18 -5.27 -40.02 9.88
N ASN D 19 -5.77 -40.72 8.86
CA ASN D 19 -6.54 -40.03 7.83
C ASN D 19 -7.93 -39.66 8.36
N PHE D 20 -8.39 -38.40 8.22
CA PHE D 20 -9.70 -38.01 8.77
C PHE D 20 -10.67 -37.85 7.62
N ASN D 21 -10.13 -37.87 6.38
CA ASN D 21 -10.99 -37.73 5.20
C ASN D 21 -11.74 -39.04 4.95
N ARG D 22 -12.77 -39.35 5.73
CA ARG D 22 -13.46 -40.62 5.62
C ARG D 22 -14.94 -40.55 5.29
N THR D 23 -15.52 -41.74 5.08
CA THR D 23 -16.92 -41.91 4.68
C THR D 23 -17.86 -41.69 5.86
N TRP D 24 -19.12 -41.53 5.47
CA TRP D 24 -20.23 -41.45 6.44
C TRP D 24 -20.14 -42.59 7.42
N GLN D 25 -19.98 -43.79 6.89
CA GLN D 25 -19.98 -44.99 7.78
C GLN D 25 -18.81 -45.04 8.76
N ASP D 26 -17.60 -44.62 8.34
CA ASP D 26 -16.49 -44.46 9.30
C ASP D 26 -16.82 -43.39 10.36
N TYR D 27 -17.43 -42.28 9.93
CA TYR D 27 -17.72 -41.27 10.99
C TYR D 27 -18.79 -41.73 11.96
N LYS D 28 -19.73 -42.55 11.46
CA LYS D 28 -20.80 -43.09 12.25
C LYS D 28 -20.34 -44.14 13.26
N ARG D 29 -19.45 -45.04 12.85
CA ARG D 29 -18.97 -46.05 13.77
C ARG D 29 -17.80 -45.69 14.68
N GLY D 30 -16.92 -44.79 14.24
CA GLY D 30 -15.74 -44.42 15.08
C GLY D 30 -14.53 -45.02 14.41
N PHE D 31 -13.39 -44.37 14.48
CA PHE D 31 -12.14 -44.89 13.86
C PHE D 31 -10.96 -44.42 14.73
N GLY D 32 -9.81 -45.05 14.51
CA GLY D 32 -8.60 -44.77 15.23
C GLY D 32 -8.63 -45.38 16.63
N SER D 33 -7.68 -45.10 17.51
CA SER D 33 -7.79 -45.55 18.89
C SER D 33 -6.79 -44.79 19.76
N LEU D 34 -7.06 -44.83 21.03
CA LEU D 34 -6.21 -44.20 22.03
C LEU D 34 -5.56 -45.28 22.88
N ASN D 35 -4.49 -44.92 23.58
CA ASN D 35 -3.76 -45.85 24.42
C ASN D 35 -4.03 -45.60 25.90
N ASP D 36 -3.32 -46.41 26.66
CA ASP D 36 -3.24 -46.40 28.11
C ASP D 36 -3.05 -44.97 28.59
N GLU D 37 -2.05 -44.33 28.00
CA GLU D 37 -1.69 -42.95 28.27
C GLU D 37 -2.77 -41.97 27.81
N GLY D 38 -3.60 -42.38 26.87
CA GLY D 38 -4.62 -41.45 26.35
C GLY D 38 -4.04 -40.68 25.15
N GLU D 39 -3.00 -41.23 24.53
CA GLU D 39 -2.38 -40.61 23.39
C GLU D 39 -2.89 -41.36 22.14
N GLY D 40 -2.85 -40.71 20.99
CA GLY D 40 -3.36 -41.32 19.77
C GLY D 40 -4.40 -40.38 19.11
N GLU D 41 -4.67 -40.58 17.84
CA GLU D 41 -5.65 -39.83 17.10
C GLU D 41 -6.92 -40.68 16.93
N PHE D 42 -8.12 -40.06 17.00
CA PHE D 42 -9.33 -40.91 16.82
C PHE D 42 -10.56 -40.05 16.70
N TRP D 43 -11.70 -40.63 16.42
CA TRP D 43 -13.04 -40.03 16.39
C TRP D 43 -13.97 -41.01 17.09
N LEU D 44 -14.67 -40.67 18.15
CA LEU D 44 -15.53 -41.61 18.86
C LEU D 44 -16.67 -42.22 18.03
N GLY D 45 -17.38 -41.56 17.14
CA GLY D 45 -18.45 -42.24 16.39
C GLY D 45 -19.73 -41.51 16.63
N ASN D 46 -20.40 -41.04 15.58
CA ASN D 46 -21.54 -40.14 15.76
C ASN D 46 -22.72 -40.82 16.43
N ASP D 47 -22.90 -42.11 16.15
CA ASP D 47 -24.00 -42.84 16.76
C ASP D 47 -23.77 -42.89 18.27
N TYR D 48 -22.64 -43.22 18.83
CA TYR D 48 -22.42 -43.26 20.29
C TYR D 48 -22.46 -41.86 20.89
N LEU D 49 -21.99 -40.89 20.08
CA LEU D 49 -22.04 -39.48 20.53
C LEU D 49 -23.47 -39.01 20.68
N HIS D 50 -24.38 -39.32 19.72
CA HIS D 50 -25.80 -39.06 19.90
C HIS D 50 -26.36 -39.58 21.23
N LEU D 51 -26.14 -40.84 21.52
CA LEU D 51 -26.52 -41.53 22.77
C LEU D 51 -25.96 -40.89 24.04
N LEU D 52 -24.68 -40.50 24.05
CA LEU D 52 -24.04 -39.91 25.20
C LEU D 52 -24.53 -38.52 25.57
N THR D 53 -25.21 -37.87 24.67
CA THR D 53 -25.67 -36.47 24.81
C THR D 53 -27.16 -36.42 25.06
N GLN D 54 -27.83 -37.57 25.12
CA GLN D 54 -29.26 -37.61 25.36
C GLN D 54 -29.70 -36.74 26.55
N ARG D 55 -29.00 -36.75 27.68
CA ARG D 55 -29.46 -36.02 28.86
C ARG D 55 -28.76 -34.66 28.94
N GLY D 56 -28.16 -34.19 27.84
CA GLY D 56 -27.43 -32.93 27.86
C GLY D 56 -25.96 -33.13 28.13
N SER D 57 -25.07 -32.19 27.87
CA SER D 57 -23.66 -32.40 28.18
C SER D 57 -22.92 -31.08 28.07
N VAL D 58 -21.75 -31.02 28.61
CA VAL D 58 -20.82 -29.91 28.49
C VAL D 58 -19.66 -30.42 27.58
N LEU D 59 -19.43 -29.67 26.52
CA LEU D 59 -18.29 -29.95 25.64
C LEU D 59 -17.09 -29.02 26.00
N ARG D 60 -15.90 -29.58 26.02
CA ARG D 60 -14.69 -28.81 26.19
C ARG D 60 -13.75 -29.06 25.01
N VAL D 61 -13.41 -27.98 24.30
CA VAL D 61 -12.48 -28.01 23.20
C VAL D 61 -11.11 -27.48 23.69
N GLU D 62 -10.01 -28.15 23.50
CA GLU D 62 -8.67 -27.72 23.95
C GLU D 62 -7.77 -27.65 22.72
N LEU D 63 -7.13 -26.49 22.57
CA LEU D 63 -6.29 -26.25 21.39
C LEU D 63 -4.84 -25.89 21.71
N GLU D 64 -3.91 -26.21 20.79
CA GLU D 64 -2.50 -25.92 21.12
C GLU D 64 -1.79 -25.54 19.84
N ASP D 65 -1.03 -24.40 19.85
CA ASP D 65 -0.34 -24.04 18.60
C ASP D 65 1.10 -24.57 18.61
N TRP D 66 1.84 -24.39 17.54
CA TRP D 66 3.20 -24.90 17.40
C TRP D 66 4.24 -24.18 18.25
N ALA D 67 3.90 -23.26 19.12
CA ALA D 67 4.80 -22.60 20.03
C ALA D 67 4.36 -22.97 21.45
N GLY D 68 3.41 -23.92 21.57
CA GLY D 68 2.95 -24.27 22.90
C GLY D 68 2.01 -23.25 23.52
N ASN D 69 1.38 -22.28 22.85
CA ASN D 69 0.29 -21.51 23.49
C ASN D 69 -1.01 -22.32 23.48
N GLU D 70 -1.86 -22.18 24.45
CA GLU D 70 -3.06 -23.03 24.55
C GLU D 70 -4.30 -22.16 24.70
N ALA D 71 -5.46 -22.65 24.38
CA ALA D 71 -6.73 -21.96 24.61
C ALA D 71 -7.82 -23.04 24.71
N TYR D 72 -8.97 -22.64 25.25
CA TYR D 72 -10.09 -23.57 25.35
C TYR D 72 -11.42 -22.88 25.16
N ALA D 73 -12.43 -23.68 24.82
CA ALA D 73 -13.82 -23.22 24.66
C ALA D 73 -14.74 -24.29 25.27
N GLU D 74 -15.75 -23.88 26.01
CA GLU D 74 -16.68 -24.80 26.63
C GLU D 74 -18.10 -24.44 26.16
N TYR D 75 -18.95 -25.42 25.95
CA TYR D 75 -20.31 -25.19 25.52
C TYR D 75 -21.32 -26.20 26.08
N HIS D 76 -22.61 -25.78 26.12
CA HIS D 76 -23.62 -26.84 26.37
C HIS D 76 -23.79 -27.55 25.02
N PHE D 77 -23.85 -28.88 24.98
CA PHE D 77 -23.79 -29.56 23.68
C PHE D 77 -24.65 -30.80 23.49
N ARG D 78 -25.27 -30.86 22.31
CA ARG D 78 -26.09 -31.99 21.92
C ARG D 78 -25.84 -32.43 20.48
N VAL D 79 -25.98 -33.71 20.24
CA VAL D 79 -25.83 -34.18 18.84
C VAL D 79 -27.13 -34.92 18.47
N GLY D 80 -27.82 -34.58 17.41
CA GLY D 80 -29.10 -35.18 16.99
C GLY D 80 -28.87 -36.61 16.49
N SER D 81 -29.99 -37.31 16.24
CA SER D 81 -29.87 -38.69 15.74
C SER D 81 -29.48 -38.79 14.29
N GLU D 82 -29.21 -40.00 13.73
CA GLU D 82 -28.92 -40.09 12.30
C GLU D 82 -30.02 -39.51 11.41
N ALA D 83 -31.34 -39.69 11.69
CA ALA D 83 -32.40 -39.09 10.93
C ALA D 83 -32.31 -37.55 10.90
N GLU D 84 -31.80 -36.93 11.98
CA GLU D 84 -31.65 -35.49 11.98
C GLU D 84 -30.30 -35.07 11.39
N GLY D 85 -29.60 -35.96 10.76
CA GLY D 85 -28.27 -35.72 10.21
C GLY D 85 -27.23 -35.50 11.32
N TYR D 86 -27.37 -36.01 12.56
CA TYR D 86 -26.43 -35.71 13.60
C TYR D 86 -26.25 -34.23 13.82
N ALA D 87 -27.35 -33.46 13.79
CA ALA D 87 -27.18 -32.01 13.87
C ALA D 87 -26.63 -31.52 15.22
N LEU D 88 -25.82 -30.47 15.06
CA LEU D 88 -25.13 -29.84 16.17
C LEU D 88 -26.04 -28.83 16.88
N GLN D 89 -26.14 -28.93 18.21
CA GLN D 89 -26.74 -27.86 19.01
C GLN D 89 -25.84 -27.43 20.16
N VAL D 90 -25.40 -26.16 20.09
CA VAL D 90 -24.51 -25.65 21.14
C VAL D 90 -25.03 -24.30 21.66
N SER D 91 -24.73 -23.96 22.90
CA SER D 91 -25.08 -22.65 23.46
C SER D 91 -24.13 -22.35 24.64
N SER D 92 -24.28 -21.22 25.29
CA SER D 92 -23.55 -20.83 26.45
C SER D 92 -22.01 -20.89 26.36
N TYR D 93 -21.47 -20.31 25.32
CA TYR D 93 -20.04 -20.28 25.15
C TYR D 93 -19.34 -19.75 26.42
N GLU D 94 -18.22 -20.33 26.81
CA GLU D 94 -17.33 -19.67 27.77
C GLU D 94 -15.89 -20.09 27.37
N GLY D 95 -14.93 -19.19 27.49
CA GLY D 95 -13.55 -19.59 27.24
C GLY D 95 -12.61 -18.51 26.78
N THR D 96 -11.52 -18.97 26.21
CA THR D 96 -10.44 -18.10 25.70
C THR D 96 -10.15 -18.28 24.25
N ALA D 97 -10.62 -19.38 23.62
CA ALA D 97 -10.39 -19.59 22.19
C ALA D 97 -11.27 -18.77 21.27
N GLY D 98 -12.33 -18.16 21.74
CA GLY D 98 -13.25 -17.41 20.84
C GLY D 98 -14.36 -18.44 20.39
N ASP D 99 -15.51 -17.90 20.11
CA ASP D 99 -16.73 -18.62 19.79
C ASP D 99 -16.84 -18.91 18.32
N ALA D 100 -16.00 -19.76 17.77
CA ALA D 100 -16.17 -20.06 16.33
C ALA D 100 -17.43 -20.90 16.02
N LEU D 101 -18.07 -21.58 16.94
CA LEU D 101 -19.20 -22.47 16.60
C LEU D 101 -20.54 -21.78 16.46
N ILE D 102 -20.83 -20.78 17.29
CA ILE D 102 -22.09 -20.01 17.22
C ILE D 102 -21.91 -18.74 16.39
N GLU D 103 -20.88 -17.94 16.67
CA GLU D 103 -20.67 -16.72 15.90
C GLU D 103 -19.88 -16.90 14.62
N GLY D 104 -19.14 -17.96 14.33
CA GLY D 104 -18.46 -18.03 13.05
C GLY D 104 -17.30 -17.01 13.02
N SER D 105 -16.89 -16.51 11.88
CA SER D 105 -15.70 -15.69 11.82
C SER D 105 -16.07 -14.20 11.72
N VAL D 106 -15.25 -13.35 12.38
CA VAL D 106 -15.59 -11.92 12.30
C VAL D 106 -15.44 -11.43 10.86
N GLU D 107 -14.42 -11.80 10.13
CA GLU D 107 -14.25 -11.39 8.75
C GLU D 107 -15.49 -11.66 7.92
N GLU D 108 -16.09 -12.86 7.93
CA GLU D 108 -17.27 -13.01 7.08
C GLU D 108 -18.57 -13.29 7.80
N GLY D 109 -18.71 -12.92 9.07
CA GLY D 109 -20.01 -13.04 9.74
C GLY D 109 -20.59 -14.43 9.82
N ALA D 110 -21.55 -14.57 10.73
CA ALA D 110 -22.22 -15.79 11.06
C ALA D 110 -23.01 -16.49 9.97
N GLU D 111 -23.79 -15.78 9.18
CA GLU D 111 -24.64 -16.30 8.16
C GLU D 111 -24.08 -17.53 7.47
N TYR D 112 -22.84 -17.47 6.98
CA TYR D 112 -22.27 -18.59 6.25
C TYR D 112 -21.30 -19.48 7.03
N THR D 113 -20.76 -19.04 8.17
CA THR D 113 -19.66 -19.77 8.79
C THR D 113 -20.03 -20.22 10.19
N SER D 114 -21.13 -19.79 10.77
CA SER D 114 -21.68 -20.39 11.97
C SER D 114 -21.92 -21.93 11.88
N HIS D 115 -21.66 -22.74 12.89
CA HIS D 115 -21.83 -24.21 12.83
C HIS D 115 -23.09 -24.69 13.54
N ASN D 116 -23.60 -23.82 14.42
CA ASN D 116 -24.79 -24.20 15.20
C ASN D 116 -26.00 -24.62 14.37
N ASN D 117 -26.71 -25.68 14.72
CA ASN D 117 -27.86 -26.19 13.99
C ASN D 117 -27.50 -26.76 12.63
N MET D 118 -26.23 -26.88 12.25
CA MET D 118 -25.95 -27.49 10.96
C MET D 118 -25.95 -29.02 11.08
N GLN D 119 -26.24 -29.74 10.01
CA GLN D 119 -26.09 -31.17 9.99
C GLN D 119 -24.62 -31.58 9.75
N PHE D 120 -24.35 -32.81 10.07
CA PHE D 120 -23.04 -33.40 9.71
C PHE D 120 -22.96 -33.74 8.24
N SER D 121 -21.86 -33.42 7.54
CA SER D 121 -21.58 -33.96 6.22
C SER D 121 -20.25 -34.66 6.13
N THR D 122 -20.09 -35.51 5.13
CA THR D 122 -18.88 -36.18 4.72
C THR D 122 -18.77 -36.12 3.20
N PHE D 123 -17.66 -36.58 2.62
CA PHE D 123 -17.51 -36.32 1.16
C PHE D 123 -18.59 -37.13 0.38
N ASP D 124 -19.00 -38.27 0.91
CA ASP D 124 -20.08 -39.06 0.25
C ASP D 124 -21.45 -38.78 0.83
N ARG D 125 -21.75 -37.78 1.62
CA ARG D 125 -23.09 -37.48 2.16
C ARG D 125 -23.14 -35.98 2.43
N ASP D 126 -23.48 -35.20 1.42
CA ASP D 126 -23.46 -33.74 1.45
C ASP D 126 -24.78 -33.16 1.93
N ALA D 127 -24.79 -32.52 3.07
CA ALA D 127 -26.01 -31.90 3.61
C ALA D 127 -25.66 -30.50 4.06
N ASP D 128 -24.73 -29.87 3.33
CA ASP D 128 -24.28 -28.52 3.75
C ASP D 128 -25.07 -27.43 3.06
N GLN D 129 -24.72 -26.14 3.22
CA GLN D 129 -25.49 -25.11 2.57
C GLN D 129 -24.82 -24.53 1.35
N TRP D 130 -23.80 -25.24 0.83
CA TRP D 130 -23.11 -24.78 -0.36
C TRP D 130 -23.66 -25.54 -1.59
N GLU D 131 -23.65 -24.89 -2.75
CA GLU D 131 -24.03 -25.53 -4.01
C GLU D 131 -23.03 -26.64 -4.33
N GLU D 132 -21.80 -26.54 -3.79
CA GLU D 132 -20.78 -27.58 -3.98
C GLU D 132 -20.63 -28.43 -2.72
N ASN D 133 -19.65 -29.29 -2.61
CA ASN D 133 -19.45 -30.21 -1.50
C ASN D 133 -18.31 -29.78 -0.52
N CYS D 134 -18.64 -29.08 0.54
CA CYS D 134 -17.71 -28.64 1.57
C CYS D 134 -16.72 -29.72 2.05
N ALA D 135 -17.25 -30.88 2.42
CA ALA D 135 -16.47 -31.94 3.03
C ALA D 135 -15.38 -32.45 2.07
N GLU D 136 -15.73 -32.45 0.78
CA GLU D 136 -14.77 -32.95 -0.19
C GLU D 136 -13.50 -32.06 -0.19
N VAL D 137 -13.72 -30.77 -0.19
CA VAL D 137 -12.72 -29.73 -0.26
C VAL D 137 -12.05 -29.40 1.05
N TYR D 138 -12.71 -29.38 2.18
CA TYR D 138 -12.17 -29.09 3.46
C TYR D 138 -11.54 -30.30 4.13
N GLY D 139 -11.74 -31.47 3.56
CA GLY D 139 -11.07 -32.65 3.98
C GLY D 139 -11.48 -33.50 5.13
N GLY D 140 -12.56 -33.24 5.84
CA GLY D 140 -12.95 -34.17 6.93
C GLY D 140 -14.50 -34.16 7.03
N GLY D 141 -14.98 -34.95 8.00
CA GLY D 141 -16.43 -34.86 8.24
C GLY D 141 -16.59 -33.78 9.31
N TRP D 142 -17.60 -32.93 9.22
CA TRP D 142 -17.81 -31.83 10.13
C TRP D 142 -19.23 -31.28 9.93
N TRP D 143 -19.60 -30.36 10.82
CA TRP D 143 -20.92 -29.73 10.74
C TRP D 143 -20.82 -28.50 9.85
N TYR D 144 -20.71 -28.69 8.56
CA TYR D 144 -20.58 -27.58 7.62
C TYR D 144 -21.80 -26.71 7.36
N ASN D 145 -21.50 -25.44 7.11
CA ASN D 145 -22.50 -24.43 6.70
C ASN D 145 -22.11 -24.04 5.29
N ASN D 146 -21.34 -22.94 5.11
CA ASN D 146 -20.93 -22.57 3.77
C ASN D 146 -19.64 -21.71 3.80
N CYS D 147 -18.54 -22.30 4.23
CA CYS D 147 -18.54 -23.68 4.71
C CYS D 147 -18.17 -23.75 6.19
N GLN D 148 -17.18 -22.93 6.66
CA GLN D 148 -16.76 -23.11 8.04
C GLN D 148 -16.02 -21.93 8.66
N ALA D 149 -16.00 -21.90 9.98
CA ALA D 149 -15.18 -20.99 10.73
C ALA D 149 -14.16 -21.84 11.53
N ALA D 150 -14.48 -23.10 11.78
CA ALA D 150 -13.62 -24.00 12.52
C ALA D 150 -13.71 -25.44 11.99
N ASN D 151 -12.61 -26.19 12.09
CA ASN D 151 -12.72 -27.60 11.62
C ASN D 151 -11.56 -28.38 12.24
N LEU D 152 -11.78 -29.06 13.35
CA LEU D 152 -10.77 -29.88 13.96
C LEU D 152 -10.47 -31.19 13.25
N ASN D 153 -11.23 -31.59 12.26
CA ASN D 153 -11.04 -32.74 11.42
C ASN D 153 -10.43 -32.36 10.07
N GLY D 154 -9.79 -31.20 9.92
CA GLY D 154 -9.18 -30.81 8.65
C GLY D 154 -7.82 -31.50 8.37
N ILE D 155 -7.12 -31.05 7.40
CA ILE D 155 -5.84 -31.65 6.98
C ILE D 155 -4.69 -31.19 7.90
N TYR D 156 -3.86 -32.12 8.37
CA TYR D 156 -2.80 -31.76 9.30
C TYR D 156 -1.59 -31.18 8.57
N TYR D 157 -1.39 -29.89 8.58
CA TYR D 157 -0.23 -29.23 8.00
C TYR D 157 0.80 -28.90 9.10
N PRO D 158 1.99 -29.48 9.07
CA PRO D 158 2.97 -29.32 10.16
C PRO D 158 3.58 -27.93 10.20
N GLY D 159 3.99 -27.40 11.35
CA GLY D 159 4.60 -26.08 11.34
C GLY D 159 3.69 -24.90 11.68
N GLY D 160 2.38 -24.93 11.42
CA GLY D 160 1.53 -23.80 11.80
C GLY D 160 1.02 -23.07 10.56
N SER D 161 1.62 -21.93 10.23
CA SER D 161 1.28 -21.17 9.05
C SER D 161 1.41 -22.02 7.80
N TYR D 162 0.49 -21.84 6.88
CA TYR D 162 0.52 -22.63 5.65
C TYR D 162 -0.04 -21.69 4.57
N ASP D 163 0.38 -21.92 3.34
CA ASP D 163 -0.07 -21.04 2.26
C ASP D 163 -1.02 -21.89 1.41
N PRO D 164 -2.29 -21.55 1.47
CA PRO D 164 -3.32 -22.28 0.76
C PRO D 164 -3.06 -22.37 -0.73
N ARG D 165 -2.40 -21.35 -1.28
CA ARG D 165 -2.09 -21.41 -2.71
C ARG D 165 -1.12 -22.57 -2.93
N ASN D 166 -0.52 -23.10 -1.87
CA ASN D 166 0.37 -24.25 -2.00
C ASN D 166 -0.36 -25.59 -1.80
N ASN D 167 -1.68 -25.60 -1.69
CA ASN D 167 -2.35 -26.90 -1.47
C ASN D 167 -2.93 -27.50 -2.75
N SER D 168 -3.11 -28.80 -2.71
CA SER D 168 -3.70 -29.60 -3.77
C SER D 168 -4.45 -30.78 -3.18
N PRO D 169 -5.56 -31.15 -3.79
CA PRO D 169 -6.06 -30.54 -4.98
C PRO D 169 -6.80 -29.22 -4.84
N TYR D 170 -6.95 -28.64 -3.66
CA TYR D 170 -7.70 -27.38 -3.56
C TYR D 170 -6.87 -26.32 -2.85
N GLU D 171 -6.86 -25.12 -3.40
CA GLU D 171 -6.12 -23.97 -2.88
C GLU D 171 -7.02 -23.18 -1.94
N ILE D 172 -7.15 -23.73 -0.74
CA ILE D 172 -8.10 -23.28 0.27
C ILE D 172 -7.55 -23.56 1.66
N GLU D 173 -8.13 -22.86 2.64
CA GLU D 173 -7.71 -23.03 4.03
C GLU D 173 -8.36 -24.27 4.63
N ASN D 174 -7.87 -25.46 4.27
CA ASN D 174 -8.44 -26.69 4.78
C ASN D 174 -7.60 -27.35 5.88
N GLY D 175 -6.85 -26.60 6.69
CA GLY D 175 -6.05 -27.10 7.78
C GLY D 175 -6.86 -27.41 9.04
N VAL D 176 -6.19 -27.82 10.12
CA VAL D 176 -6.87 -28.00 11.44
C VAL D 176 -7.03 -26.62 12.03
N VAL D 177 -8.22 -26.03 11.94
CA VAL D 177 -8.37 -24.59 12.21
C VAL D 177 -9.42 -24.18 13.18
N TRP D 178 -9.23 -23.07 13.87
CA TRP D 178 -10.21 -22.45 14.79
C TRP D 178 -9.96 -20.95 14.59
N VAL D 179 -10.71 -20.30 13.69
CA VAL D 179 -10.43 -18.94 13.30
C VAL D 179 -10.19 -17.90 14.42
N SER D 180 -11.00 -17.89 15.47
CA SER D 180 -10.90 -16.84 16.45
C SER D 180 -9.74 -17.01 17.43
N PHE D 181 -8.96 -18.06 17.28
CA PHE D 181 -7.76 -18.32 18.05
C PHE D 181 -6.51 -18.01 17.17
N ARG D 182 -6.31 -18.66 16.04
CA ARG D 182 -5.14 -18.40 15.22
C ARG D 182 -5.43 -18.04 13.78
N GLY D 183 -6.65 -17.92 13.29
CA GLY D 183 -6.78 -17.47 11.88
C GLY D 183 -6.91 -18.74 11.02
N ALA D 184 -7.43 -18.56 9.83
CA ALA D 184 -7.72 -19.61 8.87
C ALA D 184 -6.46 -20.18 8.19
N ASP D 185 -5.35 -19.44 8.25
CA ASP D 185 -4.14 -19.94 7.62
C ASP D 185 -3.13 -20.46 8.60
N TYR D 186 -3.61 -20.96 9.73
CA TYR D 186 -2.74 -21.51 10.76
C TYR D 186 -3.33 -22.87 11.16
N SER D 187 -2.56 -23.91 10.89
CA SER D 187 -3.00 -25.25 11.27
C SER D 187 -2.42 -25.57 12.64
N LEU D 188 -3.17 -26.08 13.57
CA LEU D 188 -2.86 -26.34 14.93
C LEU D 188 -2.11 -27.64 15.15
N ARG D 189 -1.28 -27.63 16.22
CA ARG D 189 -0.46 -28.80 16.51
C ARG D 189 -1.25 -29.92 17.23
N ALA D 190 -1.96 -29.61 18.31
CA ALA D 190 -2.66 -30.65 19.01
C ALA D 190 -4.06 -30.08 19.35
N VAL D 191 -5.06 -30.95 19.26
CA VAL D 191 -6.44 -30.47 19.53
C VAL D 191 -7.24 -31.59 20.12
N ARG D 192 -8.21 -31.36 21.02
CA ARG D 192 -9.01 -32.51 21.46
C ARG D 192 -10.40 -32.03 21.86
N MET D 193 -11.37 -32.92 21.79
CA MET D 193 -12.76 -32.58 22.22
C MET D 193 -13.15 -33.53 23.35
N LYS D 194 -13.67 -32.99 24.44
CA LYS D 194 -14.06 -33.81 25.57
C LYS D 194 -15.44 -33.42 26.12
N ILE D 195 -16.21 -34.47 26.50
CA ILE D 195 -17.53 -34.08 27.00
C ILE D 195 -17.73 -34.58 28.43
N ARG D 196 -18.67 -33.95 29.06
CA ARG D 196 -19.11 -34.37 30.41
C ARG D 196 -20.62 -34.56 30.31
N PRO D 197 -21.08 -35.78 30.13
CA PRO D 197 -22.50 -36.09 30.02
C PRO D 197 -23.20 -35.87 31.37
N LEU D 198 -24.26 -35.10 31.36
CA LEU D 198 -24.96 -34.70 32.59
C LEU D 198 -25.95 -35.80 32.95
N VAL D 199 -25.41 -36.97 33.25
CA VAL D 199 -26.10 -38.20 33.54
C VAL D 199 -27.06 -38.19 34.72
N THR D 200 -26.86 -37.28 35.71
CA THR D 200 -27.84 -37.30 36.81
C THR D 200 -28.68 -36.05 36.71
N GLN D 201 -29.32 -35.58 37.76
CA GLN D 201 -30.26 -34.47 37.75
C GLN D 201 -31.68 -34.95 38.14
N GLY E 5 -10.97 25.75 16.11
CA GLY E 5 -11.14 26.29 14.76
C GLY E 5 -10.94 27.80 14.70
N GLY E 6 -10.49 28.36 15.82
CA GLY E 6 -10.24 29.78 15.97
C GLY E 6 -8.86 30.19 15.46
N TRP E 7 -8.95 31.15 14.52
CA TRP E 7 -7.78 31.71 13.88
C TRP E 7 -7.68 33.20 14.13
N LEU E 8 -6.47 33.73 14.25
CA LEU E 8 -6.35 35.20 14.39
C LEU E 8 -5.94 35.76 13.02
N LEU E 9 -6.75 36.66 12.48
CA LEU E 9 -6.42 37.34 11.21
C LEU E 9 -5.29 38.30 11.34
N ILE E 10 -4.18 38.25 10.57
CA ILE E 10 -3.13 39.24 10.64
C ILE E 10 -3.03 40.08 9.36
N GLN E 11 -3.70 39.72 8.27
CA GLN E 11 -3.54 40.46 7.01
C GLN E 11 -4.73 40.18 6.12
N GLN E 12 -5.15 41.18 5.34
CA GLN E 12 -6.27 40.97 4.44
C GLN E 12 -6.38 42.04 3.33
N ARG E 13 -6.79 41.62 2.15
CA ARG E 13 -7.02 42.47 1.01
C ARG E 13 -8.38 42.00 0.43
N MET E 14 -9.14 43.01 -0.02
CA MET E 14 -10.41 42.65 -0.64
C MET E 14 -11.01 43.78 -1.48
N ASP E 15 -10.50 45.01 -1.44
CA ASP E 15 -11.17 46.06 -2.23
C ASP E 15 -10.33 47.25 -2.66
N GLY E 16 -9.03 47.24 -2.51
CA GLY E 16 -8.17 48.34 -2.90
C GLY E 16 -8.45 49.62 -2.16
N SER E 17 -9.19 49.63 -1.08
CA SER E 17 -9.45 50.87 -0.35
C SER E 17 -8.26 51.44 0.39
N LEU E 18 -7.42 50.61 0.99
CA LEU E 18 -6.27 51.02 1.78
C LEU E 18 -4.95 51.01 1.02
N ASN E 19 -4.08 51.89 1.49
CA ASN E 19 -2.77 52.09 0.95
C ASN E 19 -1.69 51.21 1.58
N PHE E 20 -1.12 50.27 0.82
CA PHE E 20 -0.10 49.38 1.39
C PHE E 20 1.31 49.85 1.07
N ASN E 21 1.43 50.93 0.29
CA ASN E 21 2.79 51.47 0.03
C ASN E 21 3.12 52.37 1.22
N ARG E 22 3.63 51.80 2.32
CA ARG E 22 3.89 52.60 3.52
C ARG E 22 5.31 52.52 4.08
N THR E 23 5.61 53.27 5.13
CA THR E 23 6.93 53.25 5.76
C THR E 23 7.14 52.07 6.73
N TRP E 24 8.36 51.94 7.20
CA TRP E 24 8.81 50.95 8.17
C TRP E 24 7.98 51.04 9.46
N GLN E 25 7.88 52.29 9.93
CA GLN E 25 7.12 52.56 11.16
C GLN E 25 5.66 52.14 11.00
N ASP E 26 5.07 52.44 9.83
CA ASP E 26 3.69 52.00 9.61
C ASP E 26 3.63 50.48 9.63
N TYR E 27 4.60 49.81 8.98
CA TYR E 27 4.51 48.34 8.98
C TYR E 27 4.74 47.80 10.39
N LYS E 28 5.55 48.49 11.17
CA LYS E 28 5.84 48.09 12.55
C LYS E 28 4.65 48.22 13.47
N ARG E 29 3.88 49.31 13.37
CA ARG E 29 2.72 49.46 14.25
C ARG E 29 1.46 48.82 13.70
N GLY E 30 1.24 48.76 12.38
CA GLY E 30 -0.04 48.21 11.91
C GLY E 30 -0.92 49.34 11.37
N PHE E 31 -1.84 49.08 10.45
CA PHE E 31 -2.70 50.06 9.82
C PHE E 31 -3.96 49.36 9.33
N GLY E 32 -5.02 50.10 9.03
CA GLY E 32 -6.24 49.48 8.51
C GLY E 32 -7.19 49.02 9.61
N SER E 33 -8.34 48.42 9.32
CA SER E 33 -9.23 48.04 10.42
C SER E 33 -10.23 47.02 9.98
N LEU E 34 -10.93 46.31 10.83
CA LEU E 34 -11.94 45.37 10.38
C LEU E 34 -13.28 45.61 11.06
N ASN E 35 -14.37 45.18 10.41
CA ASN E 35 -15.67 45.33 11.06
C ASN E 35 -15.95 44.14 11.99
N ASP E 36 -17.21 44.08 12.44
CA ASP E 36 -17.61 43.03 13.37
C ASP E 36 -17.60 41.67 12.67
N GLU E 37 -17.85 41.70 11.35
CA GLU E 37 -17.86 40.45 10.60
C GLU E 37 -16.51 40.06 10.00
N GLY E 38 -15.45 40.78 10.32
CA GLY E 38 -14.14 40.45 9.80
C GLY E 38 -13.83 41.00 8.42
N GLU E 39 -14.64 41.88 7.85
CA GLU E 39 -14.35 42.47 6.55
C GLU E 39 -13.44 43.68 6.66
N GLY E 40 -12.73 44.02 5.59
CA GLY E 40 -11.83 45.17 5.63
C GLY E 40 -10.40 44.80 5.21
N GLU E 41 -9.62 45.80 4.90
CA GLU E 41 -8.24 45.61 4.49
C GLU E 41 -7.38 45.97 5.69
N PHE E 42 -6.35 45.17 5.95
CA PHE E 42 -5.66 45.38 7.23
C PHE E 42 -4.26 44.83 7.31
N TRP E 43 -3.43 45.32 8.20
CA TRP E 43 -2.10 44.81 8.49
C TRP E 43 -1.84 44.94 10.02
N LEU E 44 -1.79 43.77 10.66
CA LEU E 44 -1.60 43.69 12.10
C LEU E 44 -0.42 44.46 12.65
N GLY E 45 0.75 44.36 12.06
CA GLY E 45 1.94 45.08 12.50
C GLY E 45 3.01 44.05 12.95
N ASN E 46 4.25 44.35 12.62
CA ASN E 46 5.36 43.45 12.79
C ASN E 46 5.66 43.24 14.28
N ASP E 47 5.49 44.34 15.04
CA ASP E 47 5.72 44.30 16.47
C ASP E 47 4.92 43.16 17.10
N TYR E 48 3.64 43.12 16.79
CA TYR E 48 2.72 42.12 17.22
C TYR E 48 3.07 40.74 16.66
N LEU E 49 3.32 40.72 15.35
CA LEU E 49 3.69 39.47 14.69
C LEU E 49 4.83 38.75 15.43
N HIS E 50 5.93 39.42 15.72
CA HIS E 50 7.02 38.82 16.45
C HIS E 50 6.51 38.24 17.79
N LEU E 51 5.78 39.15 18.48
CA LEU E 51 5.26 38.78 19.78
C LEU E 51 4.39 37.53 19.77
N LEU E 52 3.43 37.43 18.86
CA LEU E 52 2.53 36.28 18.86
C LEU E 52 3.15 35.03 18.27
N THR E 53 4.32 35.21 17.69
CA THR E 53 5.01 34.20 16.90
C THR E 53 6.26 33.59 17.46
N GLN E 54 6.81 34.15 18.52
CA GLN E 54 8.05 33.81 19.17
C GLN E 54 8.22 32.34 19.55
N ARG E 55 7.11 31.66 19.80
CA ARG E 55 7.24 30.23 20.16
C ARG E 55 6.79 29.38 19.00
N GLY E 56 6.74 29.99 17.81
CA GLY E 56 6.27 29.22 16.66
C GLY E 56 4.76 29.30 16.59
N SER E 57 4.24 29.07 15.39
CA SER E 57 2.81 29.11 15.10
C SER E 57 2.51 28.49 13.76
N VAL E 58 1.23 28.32 13.45
CA VAL E 58 0.83 27.88 12.12
C VAL E 58 0.26 29.09 11.37
N LEU E 59 0.77 29.31 10.17
CA LEU E 59 0.24 30.30 9.24
C LEU E 59 -0.60 29.66 8.16
N ARG E 60 -1.83 30.09 7.99
CA ARG E 60 -2.70 29.75 6.90
C ARG E 60 -2.91 30.99 5.99
N VAL E 61 -2.60 30.76 4.71
CA VAL E 61 -2.74 31.76 3.65
C VAL E 61 -3.90 31.38 2.75
N GLU E 62 -4.86 32.28 2.53
CA GLU E 62 -6.00 31.95 1.71
C GLU E 62 -6.01 32.93 0.50
N LEU E 63 -6.30 32.32 -0.65
CA LEU E 63 -6.29 33.08 -1.90
C LEU E 63 -7.53 32.89 -2.75
N GLU E 64 -8.03 33.97 -3.35
CA GLU E 64 -9.17 33.87 -4.23
C GLU E 64 -8.95 34.68 -5.52
N ASP E 65 -9.32 34.13 -6.68
CA ASP E 65 -9.10 34.88 -7.93
C ASP E 65 -10.36 35.59 -8.37
N TRP E 66 -10.36 36.29 -9.51
CA TRP E 66 -11.56 37.00 -9.95
C TRP E 66 -12.57 36.07 -10.56
N ALA E 67 -12.26 34.78 -10.74
CA ALA E 67 -13.26 33.85 -11.27
C ALA E 67 -13.84 32.89 -10.24
N GLY E 68 -13.61 33.09 -8.95
CA GLY E 68 -14.25 32.17 -8.00
C GLY E 68 -13.42 30.96 -7.64
N ASN E 69 -12.18 30.84 -8.09
CA ASN E 69 -11.30 29.75 -7.71
C ASN E 69 -10.55 30.12 -6.41
N GLU E 70 -10.46 29.16 -5.49
CA GLU E 70 -9.76 29.41 -4.24
C GLU E 70 -8.63 28.42 -3.97
N ALA E 71 -7.62 28.83 -3.24
CA ALA E 71 -6.52 27.93 -2.88
C ALA E 71 -5.96 28.37 -1.53
N TYR E 72 -5.21 27.49 -0.87
CA TYR E 72 -4.60 27.82 0.40
C TYR E 72 -3.19 27.24 0.50
N ALA E 73 -2.36 27.78 1.38
CA ALA E 73 -1.09 27.25 1.81
C ALA E 73 -0.99 27.31 3.36
N GLU E 74 -0.43 26.30 3.98
CA GLU E 74 -0.17 26.28 5.42
C GLU E 74 1.30 26.06 5.71
N TYR E 75 1.90 26.82 6.61
CA TYR E 75 3.25 26.78 7.03
C TYR E 75 3.39 26.76 8.58
N HIS E 76 4.54 26.32 9.06
CA HIS E 76 5.06 26.65 10.36
C HIS E 76 5.72 28.02 10.16
N PHE E 77 5.37 28.95 11.05
CA PHE E 77 5.84 30.32 10.86
C PHE E 77 6.34 31.04 12.09
N ARG E 78 7.37 31.82 11.90
CA ARG E 78 7.97 32.64 12.92
C ARG E 78 8.49 33.94 12.31
N VAL E 79 8.32 35.06 13.00
CA VAL E 79 8.87 36.33 12.51
C VAL E 79 9.93 36.75 13.50
N GLY E 80 11.06 37.26 13.07
CA GLY E 80 12.11 37.68 13.99
C GLY E 80 11.90 39.03 14.64
N SER E 81 12.84 39.36 15.54
CA SER E 81 12.80 40.64 16.26
C SER E 81 13.08 41.77 15.27
N GLU E 82 12.98 43.02 15.72
CA GLU E 82 13.27 44.11 14.78
C GLU E 82 14.78 44.27 14.64
N ALA E 83 15.51 43.74 15.60
CA ALA E 83 16.97 43.74 15.51
C ALA E 83 17.42 42.86 14.35
N GLU E 84 16.55 41.90 14.01
CA GLU E 84 16.82 40.95 12.94
C GLU E 84 15.99 41.21 11.70
N GLY E 85 15.54 42.44 11.53
CA GLY E 85 14.75 42.92 10.42
C GLY E 85 13.44 42.19 10.26
N TYR E 86 12.84 41.69 11.34
CA TYR E 86 11.64 40.89 11.30
C TYR E 86 11.74 39.74 10.31
N ALA E 87 12.90 39.11 10.22
CA ALA E 87 13.15 38.10 9.18
C ALA E 87 12.15 36.96 9.24
N LEU E 88 11.82 36.36 8.10
CA LEU E 88 10.80 35.31 8.03
C LEU E 88 11.48 33.94 8.15
N GLN E 89 10.86 32.97 8.79
CA GLN E 89 11.26 31.60 8.93
C GLN E 89 10.02 30.74 8.67
N VAL E 90 10.01 30.01 7.57
CA VAL E 90 8.84 29.18 7.28
C VAL E 90 9.35 27.77 7.03
N SER E 91 8.49 26.77 7.14
CA SER E 91 8.83 25.38 6.89
C SER E 91 7.50 24.61 6.88
N SER E 92 7.60 23.33 6.62
CA SER E 92 6.50 22.39 6.59
C SER E 92 5.30 22.91 5.83
N TYR E 93 5.55 23.25 4.56
CA TYR E 93 4.50 23.61 3.66
C TYR E 93 3.46 22.51 3.51
N GLU E 94 2.23 22.97 3.32
CA GLU E 94 1.14 22.05 3.01
C GLU E 94 0.03 22.88 2.38
N GLY E 95 -0.66 22.32 1.39
CA GLY E 95 -1.75 23.00 0.77
C GLY E 95 -1.90 22.81 -0.73
N THR E 96 -2.54 23.79 -1.34
CA THR E 96 -3.02 23.69 -2.72
C THR E 96 -2.61 24.86 -3.58
N ALA E 97 -2.00 25.90 -3.01
CA ALA E 97 -1.63 27.09 -3.75
C ALA E 97 -0.29 26.91 -4.49
N GLY E 98 0.44 25.91 -3.97
CA GLY E 98 1.81 25.69 -4.41
C GLY E 98 2.70 26.48 -3.46
N ASP E 99 3.94 26.00 -3.31
CA ASP E 99 4.78 26.65 -2.33
C ASP E 99 5.64 27.78 -2.84
N ALA E 100 5.02 28.99 -2.90
CA ALA E 100 5.83 30.13 -3.34
C ALA E 100 6.78 30.67 -2.31
N LEU E 101 6.54 30.56 -0.99
CA LEU E 101 7.44 31.18 -0.04
C LEU E 101 8.72 30.37 0.14
N ILE E 102 8.67 29.03 0.06
CA ILE E 102 9.96 28.34 0.29
C ILE E 102 10.67 28.02 -1.02
N GLU E 103 10.02 27.31 -1.93
CA GLU E 103 10.62 26.94 -3.21
C GLU E 103 10.64 28.08 -4.21
N GLY E 104 9.82 29.12 -4.08
CA GLY E 104 9.85 30.25 -5.00
C GLY E 104 9.22 29.91 -6.34
N SER E 105 9.72 30.56 -7.42
CA SER E 105 9.09 30.28 -8.73
C SER E 105 9.82 29.16 -9.50
N VAL E 106 9.14 28.20 -10.09
CA VAL E 106 9.76 27.12 -10.83
C VAL E 106 10.56 27.70 -11.99
N GLU E 107 10.06 28.76 -12.62
CA GLU E 107 10.76 29.24 -13.81
C GLU E 107 12.03 30.01 -13.49
N GLU E 108 12.04 30.92 -12.53
CA GLU E 108 13.26 31.66 -12.23
C GLU E 108 14.09 31.08 -11.10
N GLY E 109 13.65 30.06 -10.36
CA GLY E 109 14.49 29.44 -9.37
C GLY E 109 14.46 30.02 -7.96
N ALA E 110 14.60 29.10 -7.01
CA ALA E 110 14.60 29.40 -5.59
C ALA E 110 15.67 30.37 -5.15
N GLU E 111 16.75 30.54 -5.90
CA GLU E 111 17.84 31.38 -5.45
C GLU E 111 17.47 32.86 -5.31
N TYR E 112 16.76 33.48 -6.25
CA TYR E 112 16.43 34.89 -6.06
C TYR E 112 14.93 35.08 -5.76
N THR E 113 14.09 34.03 -5.87
CA THR E 113 12.68 34.24 -5.57
C THR E 113 12.23 33.61 -4.27
N SER E 114 13.15 33.05 -3.46
CA SER E 114 12.69 32.38 -2.24
C SER E 114 12.43 33.36 -1.12
N HIS E 115 11.35 33.28 -0.34
CA HIS E 115 11.22 34.29 0.73
C HIS E 115 11.71 33.80 2.09
N ASN E 116 12.00 32.51 2.24
CA ASN E 116 12.48 31.97 3.51
C ASN E 116 13.77 32.61 3.99
N ASN E 117 13.82 33.08 5.23
CA ASN E 117 14.96 33.77 5.80
C ASN E 117 15.23 35.19 5.35
N MET E 118 14.37 35.78 4.51
CA MET E 118 14.65 37.17 4.11
C MET E 118 14.19 38.15 5.19
N GLN E 119 14.87 39.26 5.40
CA GLN E 119 14.40 40.31 6.29
C GLN E 119 13.19 41.03 5.67
N PHE E 120 12.42 41.76 6.50
CA PHE E 120 11.36 42.62 5.97
C PHE E 120 11.99 43.86 5.32
N SER E 121 11.45 44.34 4.21
CA SER E 121 11.96 45.56 3.59
C SER E 121 10.80 46.48 3.22
N THR E 122 11.00 47.77 3.43
CA THR E 122 10.01 48.78 3.06
C THR E 122 10.73 49.80 2.18
N PHE E 123 9.99 50.70 1.53
CA PHE E 123 10.68 51.65 0.65
C PHE E 123 11.74 52.43 1.40
N ASP E 124 11.57 52.73 2.67
CA ASP E 124 12.58 53.45 3.44
C ASP E 124 13.48 52.55 4.24
N ARG E 125 13.48 51.25 3.96
CA ARG E 125 14.35 50.32 4.69
C ARG E 125 14.63 49.14 3.76
N ASP E 126 15.69 49.28 2.98
CA ASP E 126 16.02 48.26 1.99
C ASP E 126 16.97 47.20 2.56
N ALA E 127 16.46 46.01 2.84
CA ALA E 127 17.34 44.93 3.29
C ALA E 127 17.11 43.71 2.39
N ASP E 128 16.88 43.98 1.11
CA ASP E 128 16.67 42.92 0.13
C ASP E 128 17.98 42.49 -0.53
N GLN E 129 17.88 41.61 -1.52
CA GLN E 129 19.03 41.00 -2.16
C GLN E 129 19.45 41.72 -3.45
N TRP E 130 18.67 42.70 -3.86
CA TRP E 130 18.83 43.35 -5.14
C TRP E 130 19.65 44.62 -5.04
N GLU E 131 20.25 45.02 -6.15
CA GLU E 131 21.05 46.24 -6.17
C GLU E 131 20.08 47.42 -6.06
N GLU E 132 18.91 47.21 -6.64
CA GLU E 132 17.86 48.24 -6.58
C GLU E 132 17.08 48.10 -5.27
N ASN E 133 15.90 48.72 -5.21
CA ASN E 133 15.02 48.70 -4.04
C ASN E 133 13.71 47.99 -4.35
N CYS E 134 13.55 46.70 -4.02
CA CYS E 134 12.32 45.99 -4.33
C CYS E 134 11.07 46.61 -3.72
N ALA E 135 11.07 47.02 -2.47
CA ALA E 135 9.86 47.62 -1.90
C ALA E 135 9.39 48.80 -2.76
N GLU E 136 10.27 49.73 -3.10
CA GLU E 136 9.94 50.88 -3.93
C GLU E 136 9.15 50.53 -5.20
N VAL E 137 9.67 49.58 -5.96
CA VAL E 137 9.17 49.17 -7.25
C VAL E 137 8.01 48.19 -7.14
N TYR E 138 8.01 47.28 -6.18
CA TYR E 138 6.93 46.30 -6.09
C TYR E 138 5.75 46.79 -5.28
N GLY E 139 5.87 47.96 -4.68
CA GLY E 139 4.84 48.69 -4.01
C GLY E 139 4.36 48.50 -2.63
N GLY E 140 4.95 47.55 -1.90
CA GLY E 140 4.49 47.22 -0.55
C GLY E 140 5.66 46.69 0.29
N GLY E 141 5.45 46.62 1.59
CA GLY E 141 6.40 46.04 2.52
C GLY E 141 6.25 44.52 2.42
N TRP E 142 7.41 43.87 2.37
CA TRP E 142 7.43 42.40 2.27
C TRP E 142 8.81 41.82 2.53
N TRP E 143 8.87 40.49 2.55
CA TRP E 143 10.17 39.82 2.75
C TRP E 143 10.80 39.56 1.38
N TYR E 144 11.44 40.61 0.88
CA TYR E 144 12.04 40.57 -0.44
C TYR E 144 13.36 39.82 -0.48
N ASN E 145 13.52 39.15 -1.60
CA ASN E 145 14.80 38.54 -1.98
C ASN E 145 15.28 39.29 -3.22
N ASN E 146 15.00 38.77 -4.41
CA ASN E 146 15.46 39.45 -5.62
C ASN E 146 14.60 39.18 -6.84
N CYS E 147 13.35 39.59 -6.83
CA CYS E 147 12.70 40.18 -5.67
C CYS E 147 11.60 39.27 -5.11
N GLN E 148 10.79 38.63 -5.94
CA GLN E 148 9.69 37.88 -5.39
C GLN E 148 9.08 36.79 -6.24
N ALA E 149 8.44 35.84 -5.56
CA ALA E 149 7.63 34.78 -6.16
C ALA E 149 6.20 34.99 -5.66
N ALA E 150 6.13 35.71 -4.52
CA ALA E 150 4.82 36.10 -4.01
C ALA E 150 4.84 37.38 -3.20
N ASN E 151 3.72 38.12 -3.29
CA ASN E 151 3.61 39.39 -2.57
C ASN E 151 2.13 39.71 -2.34
N LEU E 152 1.65 39.54 -1.11
CA LEU E 152 0.23 39.85 -0.87
C LEU E 152 0.00 41.31 -0.58
N ASN E 153 0.97 42.15 -0.34
CA ASN E 153 0.84 43.57 -0.07
C ASN E 153 1.09 44.43 -1.31
N GLY E 154 0.92 43.85 -2.51
CA GLY E 154 1.19 44.56 -3.76
C GLY E 154 0.05 45.43 -4.31
N ILE E 155 0.25 46.03 -5.50
CA ILE E 155 -0.76 46.97 -6.02
C ILE E 155 -2.05 46.22 -6.34
N TYR E 156 -3.19 46.75 -5.91
CA TYR E 156 -4.47 46.08 -6.18
C TYR E 156 -5.06 46.41 -7.55
N TYR E 157 -4.85 45.56 -8.55
CA TYR E 157 -5.40 45.81 -9.88
C TYR E 157 -6.78 45.20 -9.99
N PRO E 158 -7.68 45.79 -10.77
CA PRO E 158 -8.98 45.26 -11.03
C PRO E 158 -8.96 44.15 -12.06
N GLY E 159 -9.92 43.25 -11.99
CA GLY E 159 -10.17 42.17 -12.86
C GLY E 159 -9.18 41.04 -13.02
N GLY E 160 -7.98 41.05 -12.46
CA GLY E 160 -7.12 39.88 -12.61
C GLY E 160 -5.92 40.11 -13.48
N SER E 161 -6.01 39.69 -14.76
CA SER E 161 -4.85 39.95 -15.63
C SER E 161 -4.60 41.44 -15.80
N TYR E 162 -3.33 41.79 -15.83
CA TYR E 162 -2.81 43.11 -15.98
C TYR E 162 -1.59 43.04 -16.92
N ASP E 163 -1.19 44.22 -17.36
CA ASP E 163 -0.05 44.35 -18.27
C ASP E 163 0.96 45.29 -17.62
N PRO E 164 2.11 44.73 -17.26
CA PRO E 164 3.19 45.48 -16.62
C PRO E 164 3.63 46.65 -17.49
N ARG E 165 3.44 46.49 -18.81
CA ARG E 165 3.78 47.58 -19.72
C ARG E 165 2.89 48.77 -19.36
N ASN E 166 1.63 48.47 -19.09
CA ASN E 166 0.60 49.40 -18.70
C ASN E 166 0.81 50.07 -17.34
N ASN E 167 1.74 49.58 -16.52
CA ASN E 167 1.88 50.11 -15.17
C ASN E 167 2.88 51.25 -15.09
N SER E 168 2.53 52.18 -14.20
CA SER E 168 3.35 53.36 -13.91
C SER E 168 3.31 53.55 -12.39
N PRO E 169 4.42 54.00 -11.83
CA PRO E 169 5.57 54.43 -12.57
C PRO E 169 6.50 53.32 -13.03
N TYR E 170 6.14 52.06 -12.82
CA TYR E 170 7.05 50.97 -13.22
C TYR E 170 6.33 49.89 -13.99
N GLU E 171 6.91 49.55 -15.15
CA GLU E 171 6.34 48.51 -16.02
C GLU E 171 6.86 47.18 -15.48
N ILE E 172 6.33 46.81 -14.33
CA ILE E 172 6.79 45.65 -13.55
C ILE E 172 5.62 44.84 -13.02
N GLU E 173 5.83 43.57 -12.71
CA GLU E 173 4.77 42.72 -12.18
C GLU E 173 4.54 42.93 -10.68
N ASN E 174 3.83 44.01 -10.34
CA ASN E 174 3.67 44.34 -8.92
C ASN E 174 2.25 44.17 -8.44
N GLY E 175 1.48 43.27 -8.99
CA GLY E 175 0.14 43.01 -8.47
C GLY E 175 0.18 42.32 -7.07
N VAL E 176 -0.98 41.90 -6.64
CA VAL E 176 -1.22 41.00 -5.50
C VAL E 176 -1.11 39.58 -6.05
N VAL E 177 0.12 39.07 -6.01
CA VAL E 177 0.44 37.81 -6.68
C VAL E 177 0.84 36.60 -5.85
N TRP E 178 0.63 35.42 -6.39
CA TRP E 178 1.08 34.15 -5.78
C TRP E 178 1.48 33.31 -7.01
N VAL E 179 2.72 33.36 -7.43
CA VAL E 179 3.10 32.81 -8.74
C VAL E 179 2.68 31.38 -9.01
N SER E 180 2.88 30.45 -8.10
CA SER E 180 2.54 29.07 -8.32
C SER E 180 1.06 28.86 -8.51
N PHE E 181 0.22 29.81 -8.13
CA PHE E 181 -1.21 29.60 -8.33
C PHE E 181 -1.77 30.29 -9.59
N ARG E 182 -1.41 31.55 -9.87
CA ARG E 182 -2.05 32.29 -10.94
C ARG E 182 -1.10 33.05 -11.86
N GLY E 183 0.22 32.88 -11.66
CA GLY E 183 1.18 33.56 -12.49
C GLY E 183 1.37 34.99 -11.98
N ALA E 184 2.44 35.62 -12.44
CA ALA E 184 2.86 36.93 -12.07
C ALA E 184 2.06 38.10 -12.64
N ASP E 185 1.35 37.83 -13.73
CA ASP E 185 0.61 38.97 -14.32
C ASP E 185 -0.89 38.82 -14.17
N TYR E 186 -1.25 38.31 -12.99
CA TYR E 186 -2.64 38.14 -12.58
C TYR E 186 -2.71 38.55 -11.11
N SER E 187 -3.59 39.51 -10.82
CA SER E 187 -3.67 40.11 -9.51
C SER E 187 -4.92 39.58 -8.83
N LEU E 188 -4.76 39.05 -7.61
CA LEU E 188 -5.83 38.30 -6.96
C LEU E 188 -6.95 39.20 -6.45
N ARG E 189 -8.18 38.74 -6.34
CA ARG E 189 -9.30 39.49 -5.85
C ARG E 189 -9.33 39.58 -4.30
N ALA E 190 -9.19 38.44 -3.60
CA ALA E 190 -9.25 38.46 -2.14
C ALA E 190 -8.16 37.54 -1.60
N VAL E 191 -7.55 38.03 -0.56
CA VAL E 191 -6.40 37.33 0.04
C VAL E 191 -6.42 37.62 1.54
N ARG E 192 -5.88 36.67 2.31
CA ARG E 192 -5.74 36.83 3.74
C ARG E 192 -4.74 35.85 4.38
N MET E 193 -4.13 36.31 5.45
CA MET E 193 -3.18 35.66 6.29
C MET E 193 -3.73 35.54 7.73
N LYS E 194 -3.56 34.33 8.30
CA LYS E 194 -4.11 34.04 9.62
C LYS E 194 -3.25 33.04 10.38
N ILE E 195 -3.15 33.20 11.71
CA ILE E 195 -2.27 32.41 12.56
C ILE E 195 -3.01 31.78 13.76
N ARG E 196 -2.40 30.75 14.35
CA ARG E 196 -2.88 30.03 15.53
C ARG E 196 -1.78 29.13 16.08
N PRO E 197 -1.68 28.95 17.39
CA PRO E 197 -0.67 28.09 18.02
C PRO E 197 -0.84 26.66 17.50
N LEU E 198 0.21 26.00 17.04
CA LEU E 198 0.08 24.65 16.43
C LEU E 198 -0.70 23.64 17.25
N VAL E 199 -0.56 23.78 18.57
CA VAL E 199 -1.21 22.86 19.51
C VAL E 199 -2.71 22.89 19.35
N THR E 200 -3.26 24.01 18.87
CA THR E 200 -4.71 24.13 18.73
C THR E 200 -5.17 23.57 17.39
N GLN E 201 -6.46 23.62 17.03
CA GLN E 201 -6.83 23.44 15.64
C GLN E 201 -8.31 23.30 15.27
N GLY F 5 -23.90 52.82 28.61
CA GLY F 5 -23.74 53.73 29.73
C GLY F 5 -24.14 55.18 29.42
N GLY F 6 -24.34 55.52 28.14
CA GLY F 6 -24.65 56.90 27.76
C GLY F 6 -23.39 57.61 27.25
N TRP F 7 -23.55 58.90 26.96
CA TRP F 7 -22.53 59.79 26.45
C TRP F 7 -22.73 61.26 26.86
N LEU F 8 -21.66 62.01 26.85
CA LEU F 8 -21.61 63.43 27.12
C LEU F 8 -21.41 64.13 25.76
N LEU F 9 -22.32 65.03 25.36
CA LEU F 9 -22.11 65.82 24.14
C LEU F 9 -20.98 66.81 24.30
N ILE F 10 -20.20 67.02 23.24
CA ILE F 10 -19.13 68.00 23.24
C ILE F 10 -19.22 68.92 22.01
N GLN F 11 -20.00 68.58 21.00
CA GLN F 11 -19.98 69.45 19.80
C GLN F 11 -21.21 69.09 19.00
N GLN F 12 -21.84 70.06 18.35
CA GLN F 12 -22.98 69.71 17.53
C GLN F 12 -23.20 70.80 16.47
N ARG F 13 -23.70 70.45 15.29
CA ARG F 13 -24.00 71.47 14.30
C ARG F 13 -25.35 71.02 13.70
N MET F 14 -26.19 71.95 13.28
CA MET F 14 -27.42 71.47 12.67
C MET F 14 -28.07 72.52 11.79
N ASP F 15 -27.62 73.75 11.67
CA ASP F 15 -28.29 74.71 10.79
C ASP F 15 -27.51 75.97 10.47
N GLY F 16 -26.25 76.11 10.83
CA GLY F 16 -25.50 77.32 10.54
C GLY F 16 -25.93 78.53 11.36
N SER F 17 -26.62 78.36 12.49
CA SER F 17 -27.04 79.56 13.25
C SER F 17 -25.93 80.18 14.05
N LEU F 18 -24.82 79.51 14.30
CA LEU F 18 -23.73 80.00 15.12
C LEU F 18 -22.46 80.16 14.30
N ASN F 19 -21.61 81.12 14.61
CA ASN F 19 -20.35 81.35 13.94
C ASN F 19 -19.27 80.46 14.55
N PHE F 20 -18.55 79.64 13.79
CA PHE F 20 -17.47 78.82 14.35
C PHE F 20 -16.10 79.35 13.94
N ASN F 21 -16.12 80.46 13.17
CA ASN F 21 -14.83 81.06 12.82
C ASN F 21 -14.37 81.84 14.03
N ARG F 22 -13.89 81.18 15.08
CA ARG F 22 -13.56 81.94 16.28
C ARG F 22 -12.15 81.84 16.80
N THR F 23 -11.78 82.79 17.68
CA THR F 23 -10.47 82.85 18.26
C THR F 23 -10.12 81.65 19.15
N TRP F 24 -8.85 81.63 19.53
CA TRP F 24 -8.31 80.63 20.44
C TRP F 24 -9.05 80.72 21.77
N GLN F 25 -9.16 81.92 22.35
CA GLN F 25 -9.87 82.12 23.60
C GLN F 25 -11.28 81.52 23.58
N ASP F 26 -12.08 81.83 22.57
CA ASP F 26 -13.38 81.24 22.38
C ASP F 26 -13.35 79.71 22.33
N TYR F 27 -12.38 79.10 21.66
CA TYR F 27 -12.39 77.64 21.53
C TYR F 27 -11.92 77.04 22.86
N LYS F 28 -11.12 77.81 23.56
CA LYS F 28 -10.61 77.41 24.86
C LYS F 28 -11.77 77.35 25.88
N ARG F 29 -12.57 78.40 25.93
CA ARG F 29 -13.67 78.52 26.86
C ARG F 29 -14.93 77.80 26.42
N GLY F 30 -15.28 77.80 25.15
CA GLY F 30 -16.50 77.12 24.72
C GLY F 30 -17.50 78.15 24.23
N PHE F 31 -18.47 77.80 23.38
CA PHE F 31 -19.46 78.79 22.96
C PHE F 31 -20.72 78.08 22.50
N GLY F 32 -21.85 78.78 22.42
CA GLY F 32 -23.06 78.15 21.91
C GLY F 32 -23.93 77.64 23.04
N SER F 33 -25.01 76.94 22.77
CA SER F 33 -25.85 76.47 23.83
C SER F 33 -26.82 75.49 23.20
N LEU F 34 -27.32 74.55 23.98
CA LEU F 34 -28.35 73.64 23.53
C LEU F 34 -29.64 73.97 24.31
N ASN F 35 -30.78 73.60 23.75
CA ASN F 35 -32.01 73.80 24.50
C ASN F 35 -32.33 72.54 25.30
N ASP F 36 -33.53 72.51 25.89
CA ASP F 36 -33.89 71.41 26.76
C ASP F 36 -34.10 70.14 25.95
N GLU F 37 -34.38 70.29 24.66
CA GLU F 37 -34.54 69.05 23.89
C GLU F 37 -33.15 68.44 23.70
N GLY F 38 -32.24 69.19 23.13
CA GLY F 38 -30.87 68.85 22.87
C GLY F 38 -30.48 69.48 21.52
N GLU F 39 -31.35 70.37 21.07
CA GLU F 39 -31.17 71.02 19.76
C GLU F 39 -30.36 72.30 19.88
N GLY F 40 -29.60 72.65 18.82
CA GLY F 40 -28.78 73.85 18.88
C GLY F 40 -27.35 73.61 18.43
N GLU F 41 -26.43 74.55 18.59
CA GLU F 41 -25.08 74.37 18.06
C GLU F 41 -24.06 74.77 19.11
N PHE F 42 -22.91 74.12 19.26
CA PHE F 42 -22.03 74.52 20.35
C PHE F 42 -20.69 73.83 20.25
N TRP F 43 -19.73 74.32 21.00
CA TRP F 43 -18.41 73.74 21.20
C TRP F 43 -18.22 73.70 22.73
N LEU F 44 -18.02 72.55 23.36
CA LEU F 44 -17.86 72.51 24.81
C LEU F 44 -16.69 73.31 25.33
N GLY F 45 -15.56 73.39 24.63
CA GLY F 45 -14.40 74.13 25.15
C GLY F 45 -13.23 73.15 25.35
N ASN F 46 -12.04 73.55 24.88
CA ASN F 46 -10.86 72.68 24.92
C ASN F 46 -10.39 72.42 26.34
N ASP F 47 -10.51 73.43 27.19
CA ASP F 47 -10.11 73.26 28.58
C ASP F 47 -10.90 72.15 29.25
N TYR F 48 -12.21 72.24 29.05
CA TYR F 48 -13.13 71.23 29.53
C TYR F 48 -12.74 69.87 28.98
N LEU F 49 -12.66 69.81 27.64
CA LEU F 49 -12.31 68.58 26.94
C LEU F 49 -11.01 67.95 27.44
N HIS F 50 -9.98 68.74 27.71
CA HIS F 50 -8.75 68.13 28.21
C HIS F 50 -9.11 67.42 29.52
N LEU F 51 -9.88 68.16 30.34
CA LEU F 51 -10.28 67.68 31.66
C LEU F 51 -11.00 66.34 31.55
N LEU F 52 -12.06 66.28 30.78
CA LEU F 52 -12.80 65.03 30.71
C LEU F 52 -12.07 63.85 30.07
N THR F 53 -10.90 64.12 29.52
CA THR F 53 -10.23 63.10 28.68
C THR F 53 -8.89 62.64 29.13
N GLN F 54 -8.42 63.15 30.26
CA GLN F 54 -7.20 62.78 30.94
C GLN F 54 -7.01 61.27 31.14
N ARG F 55 -8.06 60.52 31.45
CA ARG F 55 -7.88 59.07 31.65
C ARG F 55 -8.36 58.27 30.43
N GLY F 56 -8.45 58.96 29.29
CA GLY F 56 -8.87 58.31 28.05
C GLY F 56 -10.38 58.31 27.93
N SER F 57 -10.90 58.04 26.74
CA SER F 57 -12.32 58.04 26.49
C SER F 57 -12.62 57.45 25.11
N VAL F 58 -13.85 57.13 24.86
CA VAL F 58 -14.33 56.74 23.55
C VAL F 58 -15.06 57.99 22.98
N LEU F 59 -14.68 58.39 21.78
CA LEU F 59 -15.32 59.41 21.00
C LEU F 59 -16.27 58.76 20.02
N ARG F 60 -17.52 59.19 19.98
CA ARG F 60 -18.42 58.78 18.91
C ARG F 60 -18.77 60.01 18.06
N VAL F 61 -18.62 59.85 16.74
CA VAL F 61 -18.88 60.95 15.80
C VAL F 61 -20.13 60.55 15.02
N GLU F 62 -21.17 61.39 14.94
CA GLU F 62 -22.35 61.02 14.18
C GLU F 62 -22.50 62.02 13.03
N LEU F 63 -22.88 61.53 11.85
CA LEU F 63 -23.01 62.31 10.64
C LEU F 63 -24.33 62.05 9.93
N GLU F 64 -24.86 63.09 9.29
CA GLU F 64 -26.10 63.03 8.55
C GLU F 64 -26.05 63.95 7.31
N ASP F 65 -26.42 63.42 6.15
CA ASP F 65 -26.36 64.26 4.94
C ASP F 65 -27.71 64.90 4.65
N TRP F 66 -27.90 65.53 3.51
CA TRP F 66 -29.13 66.24 3.20
C TRP F 66 -30.20 65.31 2.63
N ALA F 67 -29.88 64.03 2.51
CA ALA F 67 -30.81 63.01 2.03
C ALA F 67 -31.16 61.99 3.11
N GLY F 68 -30.89 62.15 4.38
CA GLY F 68 -31.29 61.12 5.32
C GLY F 68 -30.26 60.05 5.65
N ASN F 69 -29.20 59.85 4.87
CA ASN F 69 -28.18 58.87 5.21
C ASN F 69 -27.43 59.26 6.46
N GLU F 70 -27.11 58.27 7.28
CA GLU F 70 -26.37 58.50 8.53
C GLU F 70 -25.21 57.53 8.64
N ALA F 71 -24.15 57.90 9.35
CA ALA F 71 -23.01 57.02 9.53
C ALA F 71 -22.39 57.39 10.86
N TYR F 72 -21.46 56.61 11.36
CA TYR F 72 -20.79 56.98 12.60
C TYR F 72 -19.33 56.55 12.55
N ALA F 73 -18.51 57.15 13.38
CA ALA F 73 -17.16 56.65 13.62
C ALA F 73 -16.94 56.60 15.13
N GLU F 74 -16.17 55.65 15.61
CA GLU F 74 -15.75 55.65 17.01
C GLU F 74 -14.24 55.42 17.11
N TYR F 75 -13.61 56.18 17.99
CA TYR F 75 -12.22 56.07 18.34
C TYR F 75 -11.92 56.03 19.85
N HIS F 76 -10.70 55.62 20.21
CA HIS F 76 -10.15 55.97 21.52
C HIS F 76 -9.63 57.40 21.35
N PHE F 77 -9.98 58.26 22.30
CA PHE F 77 -9.66 59.69 22.16
C PHE F 77 -9.15 60.41 23.38
N ARG F 78 -8.08 61.17 23.18
CA ARG F 78 -7.56 62.08 24.19
C ARG F 78 -7.10 63.42 23.59
N VAL F 79 -7.31 64.45 24.39
CA VAL F 79 -6.92 65.82 24.07
C VAL F 79 -5.85 66.32 25.03
N GLY F 80 -4.80 66.96 24.50
CA GLY F 80 -3.70 67.42 25.35
C GLY F 80 -3.99 68.66 26.16
N SER F 81 -2.98 69.06 26.94
CA SER F 81 -3.12 70.28 27.75
C SER F 81 -2.89 71.50 26.87
N GLU F 82 -3.17 72.67 27.40
CA GLU F 82 -2.94 73.90 26.67
C GLU F 82 -1.46 73.98 26.29
N ALA F 83 -0.65 73.48 27.24
CA ALA F 83 0.79 73.44 26.99
C ALA F 83 1.09 72.53 25.81
N GLU F 84 0.24 71.54 25.51
CA GLU F 84 0.51 70.66 24.38
C GLU F 84 -0.30 71.06 23.15
N GLY F 85 -0.77 72.29 23.10
CA GLY F 85 -1.57 72.80 22.00
C GLY F 85 -2.85 71.97 21.82
N TYR F 86 -3.38 71.38 22.88
CA TYR F 86 -4.58 70.59 22.81
C TYR F 86 -4.46 69.47 21.76
N ALA F 87 -3.22 68.97 21.60
CA ALA F 87 -2.96 67.96 20.57
C ALA F 87 -3.95 66.81 20.64
N LEU F 88 -4.26 66.27 19.46
CA LEU F 88 -5.21 65.15 19.38
C LEU F 88 -4.45 63.83 19.43
N GLN F 89 -4.98 62.81 20.07
CA GLN F 89 -4.42 61.48 20.03
C GLN F 89 -5.62 60.55 19.85
N VAL F 90 -5.68 59.81 18.75
CA VAL F 90 -6.75 58.84 18.54
C VAL F 90 -6.22 57.45 18.17
N SER F 91 -7.05 56.41 18.32
CA SER F 91 -6.62 55.09 17.87
C SER F 91 -7.84 54.19 17.80
N SER F 92 -7.70 52.93 17.47
CA SER F 92 -8.80 51.97 17.46
C SER F 92 -10.05 52.40 16.74
N TYR F 93 -9.91 52.81 15.47
CA TYR F 93 -11.04 53.25 14.68
C TYR F 93 -12.01 52.10 14.57
N GLU F 94 -13.27 52.41 14.47
CA GLU F 94 -14.35 51.44 14.27
C GLU F 94 -15.56 52.24 13.79
N GLY F 95 -16.31 51.65 12.87
CA GLY F 95 -17.52 52.29 12.41
C GLY F 95 -17.87 52.11 10.94
N THR F 96 -18.64 53.06 10.44
CA THR F 96 -19.23 53.05 9.12
C THR F 96 -18.94 54.30 8.33
N ALA F 97 -18.39 55.35 8.95
CA ALA F 97 -18.16 56.59 8.22
C ALA F 97 -16.86 56.58 7.42
N GLY F 98 -16.00 55.59 7.73
CA GLY F 98 -14.67 55.54 7.18
C GLY F 98 -13.73 56.35 8.06
N ASP F 99 -12.49 55.91 8.25
CA ASP F 99 -11.54 56.53 9.15
C ASP F 99 -10.87 57.76 8.57
N ALA F 100 -11.44 58.96 8.75
CA ALA F 100 -10.77 60.15 8.24
C ALA F 100 -9.70 60.68 9.20
N LEU F 101 -9.75 60.39 10.51
CA LEU F 101 -8.78 60.99 11.39
C LEU F 101 -7.42 60.29 11.36
N ILE F 102 -7.43 58.98 11.07
CA ILE F 102 -6.15 58.27 11.10
C ILE F 102 -5.60 58.09 9.70
N GLU F 103 -6.32 57.40 8.83
CA GLU F 103 -5.89 57.16 7.45
C GLU F 103 -6.04 58.42 6.61
N GLY F 104 -7.01 59.27 7.01
CA GLY F 104 -7.16 60.55 6.30
C GLY F 104 -7.71 60.31 4.90
N SER F 105 -7.33 61.13 3.93
CA SER F 105 -7.86 60.98 2.58
C SER F 105 -6.91 60.14 1.72
N VAL F 106 -7.46 59.02 1.30
CA VAL F 106 -6.87 58.03 0.43
C VAL F 106 -6.18 58.70 -0.76
N GLU F 107 -6.83 59.70 -1.35
CA GLU F 107 -6.17 60.38 -2.48
C GLU F 107 -4.96 61.15 -1.97
N GLU F 108 -5.12 62.38 -1.56
CA GLU F 108 -4.03 63.22 -1.09
C GLU F 108 -3.04 62.53 -0.16
N GLY F 109 -3.31 61.34 0.34
CA GLY F 109 -2.41 60.61 1.21
C GLY F 109 -2.33 61.03 2.66
N ALA F 110 -2.10 60.08 3.56
CA ALA F 110 -2.04 60.32 4.99
C ALA F 110 -0.99 61.32 5.46
N GLU F 111 0.15 61.38 4.76
CA GLU F 111 1.21 62.30 5.11
C GLU F 111 0.73 63.70 5.46
N TYR F 112 -0.18 64.29 4.69
CA TYR F 112 -0.59 65.65 5.02
C TYR F 112 -2.04 65.86 5.39
N THR F 113 -2.88 64.84 5.36
CA THR F 113 -4.28 64.98 5.72
C THR F 113 -4.71 64.15 6.95
N SER F 114 -3.87 63.32 7.52
CA SER F 114 -4.07 62.63 8.78
C SER F 114 -4.22 63.64 9.94
N HIS F 115 -5.16 63.42 10.86
CA HIS F 115 -5.31 64.41 11.94
C HIS F 115 -4.64 63.96 13.21
N ASN F 116 -4.38 62.65 13.32
CA ASN F 116 -3.77 62.08 14.52
C ASN F 116 -2.47 62.77 14.91
N ASN F 117 -2.28 63.00 16.20
CA ASN F 117 -1.14 63.70 16.77
C ASN F 117 -1.03 65.15 16.41
N MET F 118 -1.93 65.79 15.65
CA MET F 118 -1.77 67.21 15.36
C MET F 118 -2.22 68.11 16.53
N GLN F 119 -1.66 69.31 16.59
CA GLN F 119 -2.03 70.33 17.57
C GLN F 119 -3.29 71.03 17.06
N PHE F 120 -3.99 71.76 17.91
CA PHE F 120 -5.23 72.41 17.44
C PHE F 120 -4.92 73.81 16.96
N SER F 121 -5.58 74.32 15.93
CA SER F 121 -5.25 75.69 15.53
C SER F 121 -6.47 76.57 15.24
N THR F 122 -6.29 77.86 15.46
CA THR F 122 -7.27 78.89 15.20
C THR F 122 -6.66 80.00 14.32
N PHE F 123 -7.51 80.74 13.58
CA PHE F 123 -6.96 81.79 12.73
C PHE F 123 -5.89 82.61 13.46
N ASP F 124 -5.97 82.73 14.78
CA ASP F 124 -5.08 83.56 15.56
C ASP F 124 -4.02 82.73 16.26
N ARG F 125 -4.10 81.42 16.14
CA ARG F 125 -3.05 80.60 16.81
C ARG F 125 -2.73 79.44 15.87
N ASP F 126 -1.77 79.68 15.01
CA ASP F 126 -1.33 78.74 13.99
C ASP F 126 -0.29 77.72 14.43
N ALA F 127 -0.62 76.44 14.34
CA ALA F 127 0.33 75.38 14.67
C ALA F 127 0.17 74.20 13.69
N ASP F 128 -0.27 74.50 12.47
CA ASP F 128 -0.44 73.47 11.45
C ASP F 128 0.88 73.21 10.73
N GLN F 129 0.98 72.36 9.72
CA GLN F 129 2.23 72.15 9.00
C GLN F 129 2.16 72.76 7.59
N TRP F 130 1.71 74.00 7.54
CA TRP F 130 1.58 74.69 6.26
C TRP F 130 2.30 76.02 6.36
N GLU F 131 2.87 76.45 5.23
CA GLU F 131 3.57 77.74 5.21
C GLU F 131 2.51 78.82 5.44
N GLU F 132 1.27 78.46 5.12
CA GLU F 132 0.09 79.30 5.30
C GLU F 132 -0.72 78.92 6.54
N ASN F 133 -1.87 79.55 6.72
CA ASN F 133 -2.75 79.37 7.87
C ASN F 133 -4.02 78.60 7.53
N CYS F 134 -4.05 77.31 7.85
CA CYS F 134 -5.20 76.47 7.58
C CYS F 134 -6.53 77.00 8.14
N ALA F 135 -6.51 77.41 9.40
CA ALA F 135 -7.74 77.85 10.08
C ALA F 135 -8.41 79.02 9.36
N GLU F 136 -7.60 80.05 9.09
CA GLU F 136 -8.14 81.24 8.43
C GLU F 136 -8.93 80.90 7.18
N VAL F 137 -8.33 79.98 6.45
CA VAL F 137 -8.79 79.55 5.13
C VAL F 137 -9.87 78.52 5.18
N TYR F 138 -9.75 77.61 6.16
CA TYR F 138 -10.75 76.55 6.30
C TYR F 138 -11.88 76.97 7.22
N GLY F 139 -11.73 78.08 7.91
CA GLY F 139 -12.85 78.69 8.61
C GLY F 139 -13.23 78.25 10.01
N GLY F 140 -12.44 77.35 10.61
CA GLY F 140 -12.84 76.92 11.98
C GLY F 140 -11.66 76.43 12.78
N GLY F 141 -11.81 76.26 14.10
CA GLY F 141 -10.72 75.67 14.90
C GLY F 141 -10.69 74.17 14.65
N TRP F 142 -9.51 73.60 14.37
CA TRP F 142 -9.44 72.15 14.16
C TRP F 142 -8.02 71.66 14.36
N TRP F 143 -7.83 70.35 14.28
CA TRP F 143 -6.50 69.72 14.43
C TRP F 143 -5.93 69.58 13.02
N TYR F 144 -5.62 70.70 12.43
CA TYR F 144 -5.12 70.79 11.06
C TYR F 144 -3.75 70.14 10.85
N ASN F 145 -3.62 69.49 9.70
CA ASN F 145 -2.28 69.02 9.26
C ASN F 145 -1.91 69.86 8.05
N ASN F 146 -2.27 69.43 6.83
CA ASN F 146 -1.94 70.30 5.69
C ASN F 146 -2.81 69.98 4.48
N CYS F 147 -4.09 70.30 4.59
CA CYS F 147 -4.63 70.82 5.84
C CYS F 147 -5.59 69.84 6.51
N GLN F 148 -6.45 69.12 5.77
CA GLN F 148 -7.44 68.29 6.40
C GLN F 148 -8.06 67.18 5.59
N ALA F 149 -8.63 66.17 6.26
CA ALA F 149 -9.41 65.14 5.57
C ALA F 149 -10.85 65.27 6.07
N ALA F 150 -10.95 65.92 7.25
CA ALA F 150 -12.25 66.12 7.91
C ALA F 150 -12.29 67.46 8.64
N ASN F 151 -13.48 68.07 8.76
CA ASN F 151 -13.59 69.29 9.58
C ASN F 151 -15.04 69.53 10.00
N LEU F 152 -15.45 69.11 11.22
CA LEU F 152 -16.84 69.37 11.62
C LEU F 152 -17.08 70.80 12.07
N ASN F 153 -16.04 71.58 12.31
CA ASN F 153 -16.17 72.99 12.63
C ASN F 153 -16.03 73.88 11.38
N GLY F 154 -16.23 73.33 10.17
CA GLY F 154 -16.09 74.08 8.92
C GLY F 154 -17.27 75.01 8.63
N ILE F 155 -17.36 75.53 7.40
CA ILE F 155 -18.32 76.57 7.07
C ILE F 155 -19.62 75.88 6.72
N TYR F 156 -20.74 76.21 7.36
CA TYR F 156 -21.99 75.51 7.04
C TYR F 156 -22.60 75.91 5.70
N TYR F 157 -22.40 75.18 4.60
CA TYR F 157 -23.03 75.50 3.32
C TYR F 157 -24.34 74.76 3.18
N PRO F 158 -25.47 75.47 3.10
CA PRO F 158 -26.76 74.83 3.04
C PRO F 158 -26.97 74.00 1.81
N GLY F 159 -27.74 72.91 1.87
CA GLY F 159 -28.08 72.11 0.74
C GLY F 159 -27.21 70.93 0.39
N GLY F 160 -25.95 70.87 0.81
CA GLY F 160 -25.15 69.68 0.48
C GLY F 160 -24.01 69.90 -0.48
N SER F 161 -24.20 69.53 -1.75
CA SER F 161 -23.11 69.69 -2.74
C SER F 161 -22.80 71.17 -2.90
N TYR F 162 -21.55 71.52 -3.08
CA TYR F 162 -21.20 72.92 -3.26
C TYR F 162 -19.99 73.00 -4.21
N ASP F 163 -19.88 74.18 -4.81
CA ASP F 163 -18.76 74.40 -5.75
C ASP F 163 -17.81 75.39 -5.08
N PRO F 164 -16.61 74.90 -4.78
CA PRO F 164 -15.61 75.72 -4.12
C PRO F 164 -15.39 77.02 -4.86
N ARG F 165 -15.56 76.93 -6.19
CA ARG F 165 -15.36 78.08 -7.06
C ARG F 165 -16.22 79.26 -6.63
N ASN F 166 -17.37 78.98 -6.04
CA ASN F 166 -18.29 80.01 -5.59
C ASN F 166 -17.94 80.51 -4.18
N ASN F 167 -16.93 79.91 -3.55
CA ASN F 167 -16.63 80.30 -2.17
C ASN F 167 -15.69 81.49 -2.09
N SER F 168 -16.11 82.50 -1.34
CA SER F 168 -15.35 83.71 -1.09
C SER F 168 -15.42 84.03 0.40
N PRO F 169 -14.28 84.39 0.98
CA PRO F 169 -13.11 84.79 0.24
C PRO F 169 -12.20 83.76 -0.39
N TYR F 170 -12.34 82.49 -0.09
CA TYR F 170 -11.43 81.47 -0.61
C TYR F 170 -12.13 80.41 -1.42
N GLU F 171 -11.57 80.06 -2.58
CA GLU F 171 -12.18 79.00 -3.40
C GLU F 171 -11.56 77.68 -2.97
N ILE F 172 -11.86 77.27 -1.74
CA ILE F 172 -11.32 76.03 -1.19
C ILE F 172 -12.47 75.12 -0.75
N GLU F 173 -12.18 73.86 -0.40
CA GLU F 173 -13.29 73.01 0.04
C GLU F 173 -13.37 73.08 1.57
N ASN F 174 -14.00 74.16 2.06
CA ASN F 174 -14.00 74.44 3.50
C ASN F 174 -15.36 74.24 4.14
N GLY F 175 -16.13 73.26 3.71
CA GLY F 175 -17.44 72.98 4.30
C GLY F 175 -17.34 72.12 5.59
N VAL F 176 -18.48 71.54 5.95
CA VAL F 176 -18.60 70.64 7.10
C VAL F 176 -18.54 69.27 6.43
N VAL F 177 -17.33 68.77 6.42
CA VAL F 177 -16.90 67.64 5.60
C VAL F 177 -16.31 66.46 6.35
N TRP F 178 -16.49 65.24 5.90
CA TRP F 178 -15.95 63.98 6.34
C TRP F 178 -15.68 63.16 5.04
N VAL F 179 -14.46 63.26 4.56
CA VAL F 179 -14.08 62.85 3.20
C VAL F 179 -14.50 61.47 2.79
N SER F 180 -14.25 60.47 3.62
CA SER F 180 -14.55 59.09 3.35
C SER F 180 -16.02 58.78 3.38
N PHE F 181 -16.89 59.72 3.78
CA PHE F 181 -18.31 59.32 3.84
C PHE F 181 -19.06 60.01 2.70
N ARG F 182 -18.79 61.31 2.57
CA ARG F 182 -19.48 62.07 1.53
C ARG F 182 -18.60 62.83 0.56
N GLY F 183 -17.31 63.00 0.69
CA GLY F 183 -16.42 63.63 -0.26
C GLY F 183 -16.03 65.02 0.21
N ALA F 184 -15.10 65.68 -0.45
CA ALA F 184 -14.63 66.98 -0.02
C ALA F 184 -15.52 68.14 -0.44
N ASP F 185 -16.50 67.93 -1.30
CA ASP F 185 -17.32 69.10 -1.69
C ASP F 185 -18.79 68.83 -1.47
N TYR F 186 -19.00 68.29 -0.28
CA TYR F 186 -20.36 68.07 0.23
C TYR F 186 -20.37 68.47 1.71
N SER F 187 -21.22 69.47 2.01
CA SER F 187 -21.38 70.01 3.34
C SER F 187 -22.48 69.24 4.04
N LEU F 188 -22.20 68.68 5.21
CA LEU F 188 -23.22 67.84 5.89
C LEU F 188 -24.24 68.73 6.62
N ARG F 189 -25.46 68.27 6.74
CA ARG F 189 -26.58 68.86 7.40
C ARG F 189 -26.52 68.86 8.94
N ALA F 190 -26.21 67.74 9.58
CA ALA F 190 -26.18 67.74 11.05
C ALA F 190 -25.02 66.84 11.49
N VAL F 191 -24.32 67.29 12.50
CA VAL F 191 -23.13 66.47 12.90
C VAL F 191 -23.04 66.59 14.41
N ARG F 192 -22.45 65.61 15.10
CA ARG F 192 -22.20 65.79 16.53
C ARG F 192 -21.05 64.90 17.05
N MET F 193 -20.44 65.38 18.13
CA MET F 193 -19.35 64.61 18.70
C MET F 193 -19.81 64.25 20.13
N LYS F 194 -19.59 63.04 20.58
CA LYS F 194 -19.90 62.63 21.94
C LYS F 194 -18.82 61.73 22.56
N ILE F 195 -18.66 61.84 23.91
CA ILE F 195 -17.63 61.10 24.60
C ILE F 195 -18.16 60.33 25.84
N ARG F 196 -17.46 59.26 26.14
CA ARG F 196 -17.61 58.41 27.31
C ARG F 196 -16.27 58.10 27.99
N PRO F 197 -16.26 58.06 29.32
CA PRO F 197 -15.15 57.52 30.11
C PRO F 197 -14.82 56.10 29.68
N LEU F 198 -13.54 55.79 29.48
CA LEU F 198 -13.11 54.49 28.96
C LEU F 198 -13.81 53.29 29.60
N VAL F 199 -14.03 53.31 30.90
CA VAL F 199 -14.72 52.25 31.62
C VAL F 199 -16.23 52.26 31.34
N THR F 200 -16.79 53.45 31.62
CA THR F 200 -18.20 53.75 31.48
C THR F 200 -18.81 53.20 30.20
N GLN F 201 -18.32 52.04 29.83
CA GLN F 201 -18.69 51.31 28.62
C GLN F 201 -17.86 50.01 28.75
N GLY G 5 5.65 33.44 -41.97
CA GLY G 5 4.85 32.30 -41.50
C GLY G 5 3.38 32.43 -41.94
N GLY G 6 2.82 33.64 -41.78
CA GLY G 6 1.49 34.00 -42.12
C GLY G 6 0.42 33.13 -41.47
N TRP G 7 -0.03 33.41 -40.25
CA TRP G 7 -1.08 32.52 -39.70
C TRP G 7 -2.32 33.32 -39.32
N LEU G 8 -3.50 32.78 -39.45
CA LEU G 8 -4.72 33.40 -38.96
C LEU G 8 -5.13 32.68 -37.63
N LEU G 9 -5.21 33.36 -36.53
CA LEU G 9 -5.71 32.87 -35.26
C LEU G 9 -7.22 32.55 -35.33
N ILE G 10 -7.62 31.36 -34.90
CA ILE G 10 -9.01 30.94 -34.85
C ILE G 10 -9.49 30.62 -33.41
N GLN G 11 -8.62 30.51 -32.45
CA GLN G 11 -9.05 30.20 -31.06
C GLN G 11 -7.88 30.56 -30.16
N GLN G 12 -8.11 31.13 -28.98
CA GLN G 12 -7.02 31.41 -28.08
C GLN G 12 -7.54 31.43 -26.65
N ARG G 13 -6.75 30.86 -25.72
CA ARG G 13 -7.06 31.06 -24.31
C ARG G 13 -5.78 31.51 -23.63
N MET G 14 -5.93 32.24 -22.52
CA MET G 14 -4.76 32.40 -21.68
C MET G 14 -5.08 32.74 -20.23
N ASP G 15 -6.33 32.90 -19.82
CA ASP G 15 -6.47 33.27 -18.38
C ASP G 15 -7.76 32.76 -17.81
N GLY G 16 -8.59 32.14 -18.65
CA GLY G 16 -9.87 31.57 -18.33
C GLY G 16 -10.98 32.58 -18.07
N SER G 17 -10.76 33.88 -18.34
CA SER G 17 -11.86 34.80 -17.98
C SER G 17 -13.07 34.64 -18.86
N LEU G 18 -12.93 34.09 -20.06
CA LEU G 18 -14.07 33.93 -20.96
C LEU G 18 -14.76 32.59 -20.81
N ASN G 19 -16.06 32.53 -20.79
CA ASN G 19 -16.80 31.30 -20.65
C ASN G 19 -16.95 30.50 -21.93
N PHE G 20 -16.30 29.34 -21.99
CA PHE G 20 -16.33 28.51 -23.22
C PHE G 20 -17.46 27.50 -23.24
N ASN G 21 -18.20 27.43 -22.12
CA ASN G 21 -19.36 26.52 -22.05
C ASN G 21 -20.58 27.19 -22.64
N ARG G 22 -20.75 27.14 -23.96
CA ARG G 22 -21.81 27.85 -24.63
C ARG G 22 -22.61 27.04 -25.63
N THR G 23 -23.67 27.64 -26.15
CA THR G 23 -24.60 26.98 -27.02
C THR G 23 -24.09 26.83 -28.45
N TRP G 24 -24.84 26.08 -29.24
CA TRP G 24 -24.58 25.86 -30.65
C TRP G 24 -24.45 27.20 -31.37
N GLN G 25 -25.46 28.04 -31.20
CA GLN G 25 -25.48 29.36 -31.80
C GLN G 25 -24.20 30.14 -31.53
N ASP G 26 -23.73 30.15 -30.29
CA ASP G 26 -22.56 30.94 -29.94
C ASP G 26 -21.32 30.45 -30.70
N TYR G 27 -21.16 29.13 -30.75
CA TYR G 27 -20.05 28.46 -31.40
C TYR G 27 -20.13 28.66 -32.91
N LYS G 28 -21.34 28.78 -33.39
CA LYS G 28 -21.63 28.92 -34.81
C LYS G 28 -21.27 30.34 -35.28
N ARG G 29 -21.56 31.37 -34.47
CA ARG G 29 -21.19 32.69 -35.02
C ARG G 29 -19.87 33.18 -34.44
N GLY G 30 -19.35 32.62 -33.35
CA GLY G 30 -18.12 33.11 -32.74
C GLY G 30 -18.30 34.01 -31.55
N PHE G 31 -17.30 34.19 -30.67
CA PHE G 31 -17.57 34.95 -29.45
C PHE G 31 -16.22 35.31 -28.87
N GLY G 32 -16.20 36.31 -27.98
CA GLY G 32 -14.96 36.69 -27.32
C GLY G 32 -14.43 37.93 -28.06
N SER G 33 -13.17 38.25 -27.81
CA SER G 33 -12.64 39.45 -28.46
C SER G 33 -11.13 39.46 -28.47
N LEU G 34 -10.55 39.96 -29.52
CA LEU G 34 -9.11 40.11 -29.69
C LEU G 34 -8.72 41.58 -29.78
N ASN G 35 -7.66 42.04 -29.15
CA ASN G 35 -7.29 43.45 -29.35
C ASN G 35 -6.40 43.57 -30.59
N ASP G 36 -5.90 44.78 -30.87
CA ASP G 36 -5.06 45.05 -32.03
C ASP G 36 -3.72 44.36 -31.92
N GLU G 37 -3.32 43.95 -30.73
CA GLU G 37 -2.04 43.26 -30.59
C GLU G 37 -2.22 41.76 -30.70
N GLY G 38 -3.40 41.25 -31.02
CA GLY G 38 -3.57 39.80 -31.10
C GLY G 38 -3.70 39.12 -29.74
N GLU G 39 -3.98 39.90 -28.71
CA GLU G 39 -4.16 39.36 -27.36
C GLU G 39 -5.65 39.38 -26.98
N GLY G 40 -6.07 38.38 -26.21
CA GLY G 40 -7.45 38.20 -25.80
C GLY G 40 -7.89 36.73 -25.90
N GLU G 41 -9.12 36.36 -25.58
CA GLU G 41 -9.61 34.99 -25.64
C GLU G 41 -10.77 34.96 -26.61
N PHE G 42 -10.90 34.00 -27.53
CA PHE G 42 -12.04 34.00 -28.42
C PHE G 42 -12.23 32.71 -29.15
N TRP G 43 -13.30 32.64 -29.91
CA TRP G 43 -13.54 31.49 -30.83
C TRP G 43 -14.01 32.11 -32.15
N LEU G 44 -13.44 31.83 -33.29
CA LEU G 44 -13.71 32.46 -34.57
C LEU G 44 -15.17 32.36 -35.00
N GLY G 45 -15.72 31.14 -34.92
CA GLY G 45 -17.08 30.85 -35.31
C GLY G 45 -17.05 29.75 -36.39
N ASN G 46 -17.86 28.70 -36.24
CA ASN G 46 -17.80 27.58 -37.16
C ASN G 46 -18.28 27.87 -38.58
N ASP G 47 -19.26 28.73 -38.84
CA ASP G 47 -19.65 28.95 -40.22
C ASP G 47 -18.46 29.58 -40.95
N TYR G 48 -17.82 30.55 -40.28
CA TYR G 48 -16.72 31.23 -40.92
C TYR G 48 -15.57 30.24 -41.13
N LEU G 49 -15.32 29.39 -40.17
CA LEU G 49 -14.24 28.42 -40.20
C LEU G 49 -14.37 27.38 -41.30
N HIS G 50 -15.62 27.02 -41.57
CA HIS G 50 -15.91 26.15 -42.72
C HIS G 50 -15.57 26.82 -44.05
N LEU G 51 -15.97 28.07 -44.26
CA LEU G 51 -15.66 28.83 -45.45
C LEU G 51 -14.14 28.97 -45.65
N LEU G 52 -13.42 29.16 -44.54
CA LEU G 52 -11.98 29.42 -44.68
C LEU G 52 -11.19 28.18 -45.02
N THR G 53 -11.79 27.07 -44.69
CA THR G 53 -11.13 25.74 -44.69
C THR G 53 -11.64 24.87 -45.80
N GLN G 54 -12.61 25.36 -46.57
CA GLN G 54 -13.27 24.64 -47.64
C GLN G 54 -12.30 23.92 -48.57
N ARG G 55 -11.33 24.62 -49.13
CA ARG G 55 -10.37 24.01 -50.04
C ARG G 55 -9.14 23.43 -49.38
N GLY G 56 -9.19 23.22 -48.05
CA GLY G 56 -8.14 22.49 -47.34
C GLY G 56 -7.19 23.48 -46.67
N SER G 57 -6.60 23.10 -45.52
CA SER G 57 -5.67 24.04 -44.90
C SER G 57 -4.75 23.36 -43.92
N VAL G 58 -3.80 24.08 -43.37
CA VAL G 58 -2.89 23.54 -42.36
C VAL G 58 -3.26 24.16 -41.01
N LEU G 59 -3.43 23.34 -40.00
CA LEU G 59 -3.71 23.78 -38.64
C LEU G 59 -2.44 23.69 -37.81
N ARG G 60 -2.16 24.75 -37.05
CA ARG G 60 -1.09 24.72 -36.08
C ARG G 60 -1.71 24.94 -34.67
N VAL G 61 -1.49 23.97 -33.80
CA VAL G 61 -1.93 24.04 -32.40
C VAL G 61 -0.73 24.42 -31.54
N GLU G 62 -0.73 25.44 -30.70
CA GLU G 62 0.40 25.78 -29.86
C GLU G 62 0.03 25.63 -28.36
N LEU G 63 0.88 24.98 -27.58
CA LEU G 63 0.56 24.62 -26.19
C LEU G 63 1.60 25.06 -25.18
N GLU G 64 1.16 25.51 -24.01
CA GLU G 64 2.04 26.08 -22.98
C GLU G 64 1.56 25.69 -21.58
N ASP G 65 2.43 25.05 -20.81
CA ASP G 65 2.08 24.57 -19.48
C ASP G 65 2.49 25.63 -18.46
N TRP G 66 2.29 25.34 -17.17
CA TRP G 66 2.63 26.35 -16.17
C TRP G 66 4.09 26.42 -15.76
N ALA G 67 4.98 25.76 -16.47
CA ALA G 67 6.41 25.87 -16.16
C ALA G 67 7.19 26.49 -17.31
N GLY G 68 6.59 26.74 -18.46
CA GLY G 68 7.39 27.25 -19.56
C GLY G 68 7.64 26.23 -20.65
N ASN G 69 7.19 24.99 -20.47
CA ASN G 69 7.39 24.02 -21.56
C ASN G 69 6.48 24.41 -22.71
N GLU G 70 6.89 24.30 -23.95
CA GLU G 70 6.03 24.66 -25.06
C GLU G 70 6.00 23.52 -26.07
N ALA G 71 4.82 23.23 -26.61
CA ALA G 71 4.80 22.17 -27.64
C ALA G 71 3.88 22.63 -28.77
N TYR G 72 3.97 21.96 -29.91
CA TYR G 72 3.05 22.27 -30.99
C TYR G 72 2.70 21.01 -31.77
N ALA G 73 1.61 21.08 -32.50
CA ALA G 73 1.12 20.06 -33.39
C ALA G 73 0.58 20.74 -34.66
N GLU G 74 0.96 20.19 -35.82
CA GLU G 74 0.47 20.62 -37.11
C GLU G 74 -0.19 19.50 -37.91
N TYR G 75 -1.31 19.78 -38.55
CA TYR G 75 -2.14 18.94 -39.36
C TYR G 75 -2.74 19.61 -40.60
N HIS G 76 -3.17 18.79 -41.55
CA HIS G 76 -3.95 19.18 -42.70
C HIS G 76 -5.36 19.13 -42.09
N PHE G 77 -6.17 20.13 -42.37
CA PHE G 77 -7.40 20.30 -41.62
C PHE G 77 -8.55 20.78 -42.48
N ARG G 78 -9.74 20.34 -42.08
CA ARG G 78 -10.93 20.87 -42.76
C ARG G 78 -12.10 20.71 -41.81
N VAL G 79 -13.02 21.66 -41.81
CA VAL G 79 -14.26 21.58 -41.05
C VAL G 79 -15.40 21.51 -42.07
N GLY G 80 -16.38 20.62 -41.90
CA GLY G 80 -17.50 20.55 -42.86
C GLY G 80 -18.58 21.59 -42.58
N SER G 81 -19.63 21.64 -43.41
CA SER G 81 -20.73 22.55 -43.20
C SER G 81 -21.55 22.20 -41.95
N GLU G 82 -22.47 23.13 -41.72
CA GLU G 82 -23.40 23.02 -40.60
C GLU G 82 -24.20 21.73 -40.81
N ALA G 83 -24.61 21.54 -42.06
CA ALA G 83 -25.43 20.36 -42.36
C ALA G 83 -24.62 19.11 -42.04
N GLU G 84 -23.30 19.23 -41.86
CA GLU G 84 -22.55 18.01 -41.57
C GLU G 84 -22.04 18.04 -40.14
N GLY G 85 -22.63 18.90 -39.32
CA GLY G 85 -22.22 18.98 -37.93
C GLY G 85 -20.78 19.49 -37.79
N TYR G 86 -20.38 20.34 -38.74
CA TYR G 86 -19.04 20.93 -38.72
C TYR G 86 -18.01 19.85 -38.48
N ALA G 87 -18.25 18.67 -39.11
CA ALA G 87 -17.33 17.55 -38.86
C ALA G 87 -15.87 17.89 -39.10
N LEU G 88 -14.98 17.25 -38.35
CA LEU G 88 -13.56 17.50 -38.39
C LEU G 88 -12.82 16.50 -39.30
N GLN G 89 -12.02 17.02 -40.23
CA GLN G 89 -11.19 16.13 -41.04
C GLN G 89 -9.72 16.56 -40.88
N VAL G 90 -8.91 15.71 -40.28
CA VAL G 90 -7.49 15.99 -40.13
C VAL G 90 -6.61 14.84 -40.66
N SER G 91 -5.38 15.22 -41.00
CA SER G 91 -4.42 14.24 -41.47
C SER G 91 -3.02 14.88 -41.42
N SER G 92 -2.06 14.04 -41.74
CA SER G 92 -0.66 14.34 -41.76
C SER G 92 -0.13 15.01 -40.52
N TYR G 93 -0.40 14.37 -39.38
CA TYR G 93 0.14 14.89 -38.13
C TYR G 93 1.62 15.18 -38.31
N GLU G 94 2.12 16.14 -37.56
CA GLU G 94 3.53 16.43 -37.46
C GLU G 94 3.72 17.33 -36.24
N GLY G 95 4.87 17.21 -35.59
CA GLY G 95 5.12 18.10 -34.47
C GLY G 95 5.70 17.41 -33.23
N THR G 96 5.54 18.12 -32.14
CA THR G 96 6.14 17.85 -30.84
C THR G 96 5.21 17.51 -29.72
N ALA G 97 3.92 17.84 -29.79
CA ALA G 97 2.99 17.77 -28.68
C ALA G 97 2.42 16.35 -28.61
N GLY G 98 2.53 15.65 -29.73
CA GLY G 98 1.99 14.29 -29.80
C GLY G 98 0.64 14.35 -30.51
N ASP G 99 0.23 13.27 -31.11
CA ASP G 99 -0.97 13.17 -31.89
C ASP G 99 -2.27 12.91 -31.17
N ALA G 100 -2.83 13.89 -30.43
CA ALA G 100 -4.11 13.59 -29.79
C ALA G 100 -5.28 13.56 -30.76
N LEU G 101 -5.26 14.22 -31.90
CA LEU G 101 -6.46 14.24 -32.71
C LEU G 101 -6.72 12.93 -33.43
N ILE G 102 -5.71 12.31 -34.04
CA ILE G 102 -5.96 11.07 -34.78
C ILE G 102 -5.84 9.80 -33.95
N GLU G 103 -4.70 9.53 -33.33
CA GLU G 103 -4.52 8.36 -32.48
C GLU G 103 -5.35 8.37 -31.20
N GLY G 104 -5.50 9.52 -30.54
CA GLY G 104 -6.30 9.60 -29.31
C GLY G 104 -5.48 9.26 -28.07
N SER G 105 -6.16 8.68 -27.07
CA SER G 105 -5.47 8.34 -25.83
C SER G 105 -5.19 6.84 -25.78
N VAL G 106 -3.93 6.48 -25.95
CA VAL G 106 -3.55 5.06 -25.92
C VAL G 106 -4.16 4.36 -24.70
N GLU G 107 -4.18 5.05 -23.57
CA GLU G 107 -4.72 4.53 -22.32
C GLU G 107 -6.23 4.47 -22.26
N GLU G 108 -6.93 4.77 -23.33
CA GLU G 108 -8.36 4.57 -23.44
C GLU G 108 -8.61 4.00 -24.84
N GLY G 109 -7.64 4.25 -25.72
CA GLY G 109 -7.65 3.73 -27.07
C GLY G 109 -8.44 4.54 -28.08
N ALA G 110 -7.80 4.77 -29.23
CA ALA G 110 -8.40 5.51 -30.32
C ALA G 110 -9.80 5.07 -30.69
N GLU G 111 -10.40 4.17 -29.93
CA GLU G 111 -11.75 3.73 -30.28
C GLU G 111 -12.78 4.73 -29.76
N TYR G 112 -12.46 5.28 -28.58
CA TYR G 112 -13.38 6.19 -27.92
C TYR G 112 -12.79 7.58 -27.72
N THR G 113 -11.56 7.80 -28.17
CA THR G 113 -10.98 9.12 -27.93
C THR G 113 -10.32 9.76 -29.12
N SER G 114 -10.52 9.18 -30.30
CA SER G 114 -9.99 9.75 -31.53
C SER G 114 -10.92 10.90 -31.92
N HIS G 115 -10.40 12.01 -32.45
CA HIS G 115 -11.35 13.09 -32.80
C HIS G 115 -11.67 13.14 -34.27
N ASN G 116 -10.91 12.44 -35.11
CA ASN G 116 -11.13 12.52 -36.56
C ASN G 116 -12.48 11.99 -37.00
N ASN G 117 -13.11 12.68 -37.93
CA ASN G 117 -14.43 12.43 -38.46
C ASN G 117 -15.53 12.64 -37.43
N MET G 118 -15.25 13.18 -36.25
CA MET G 118 -16.35 13.44 -35.32
C MET G 118 -17.09 14.75 -35.66
N GLN G 119 -18.37 14.76 -35.34
CA GLN G 119 -19.19 15.97 -35.43
C GLN G 119 -18.88 16.92 -34.27
N PHE G 120 -19.33 18.17 -34.41
CA PHE G 120 -19.10 19.18 -33.35
C PHE G 120 -20.28 19.09 -32.39
N SER G 121 -20.03 18.95 -31.09
CA SER G 121 -21.16 18.92 -30.16
C SER G 121 -21.05 20.00 -29.09
N THR G 122 -22.19 20.51 -28.67
CA THR G 122 -22.30 21.39 -27.51
C THR G 122 -23.42 20.85 -26.60
N PHE G 123 -23.51 21.32 -25.36
CA PHE G 123 -24.54 20.84 -24.42
C PHE G 123 -25.92 20.79 -25.04
N ASP G 124 -26.39 21.75 -25.81
CA ASP G 124 -27.68 21.80 -26.45
C ASP G 124 -27.74 21.15 -27.82
N ARG G 125 -26.73 20.37 -28.19
CA ARG G 125 -26.78 19.71 -29.51
C ARG G 125 -25.85 18.52 -29.47
N ASP G 126 -26.25 17.48 -28.76
CA ASP G 126 -25.42 16.31 -28.57
C ASP G 126 -25.36 15.44 -29.82
N ALA G 127 -24.19 15.37 -30.46
CA ALA G 127 -24.02 14.44 -31.58
C ALA G 127 -22.80 13.56 -31.33
N ASP G 128 -22.49 13.31 -30.07
CA ASP G 128 -21.27 12.57 -29.73
C ASP G 128 -21.45 11.06 -29.80
N GLN G 129 -20.57 10.28 -29.17
CA GLN G 129 -20.63 8.82 -29.24
C GLN G 129 -20.95 8.15 -27.90
N TRP G 130 -21.34 8.93 -26.92
CA TRP G 130 -21.67 8.47 -25.58
C TRP G 130 -23.19 8.33 -25.47
N GLU G 131 -23.68 7.54 -24.52
CA GLU G 131 -25.15 7.45 -24.40
C GLU G 131 -25.59 8.78 -23.77
N GLU G 132 -24.60 9.41 -23.11
CA GLU G 132 -24.84 10.72 -22.52
C GLU G 132 -24.32 11.86 -23.40
N ASN G 133 -24.07 12.99 -22.75
CA ASN G 133 -23.63 14.25 -23.32
C ASN G 133 -22.25 14.67 -22.84
N CYS G 134 -21.25 14.46 -23.69
CA CYS G 134 -19.88 14.85 -23.45
C CYS G 134 -19.68 16.34 -23.19
N ALA G 135 -20.29 17.21 -23.98
CA ALA G 135 -20.14 18.66 -23.85
C ALA G 135 -20.61 19.18 -22.50
N GLU G 136 -21.75 18.67 -22.01
CA GLU G 136 -22.21 19.05 -20.68
C GLU G 136 -21.18 18.80 -19.58
N VAL G 137 -20.51 17.67 -19.63
CA VAL G 137 -19.58 17.30 -18.58
C VAL G 137 -18.19 17.85 -18.77
N TYR G 138 -17.67 17.81 -20.01
CA TYR G 138 -16.30 18.27 -20.21
C TYR G 138 -16.13 19.78 -20.25
N GLY G 139 -17.21 20.56 -20.34
CA GLY G 139 -17.11 22.00 -20.31
C GLY G 139 -17.20 22.89 -21.52
N GLY G 140 -17.00 22.37 -22.74
CA GLY G 140 -17.05 23.23 -23.91
C GLY G 140 -17.61 22.58 -25.16
N GLY G 141 -17.59 23.34 -26.24
CA GLY G 141 -18.03 22.84 -27.55
C GLY G 141 -16.80 22.14 -28.15
N TRP G 142 -16.97 20.98 -28.77
CA TRP G 142 -15.78 20.26 -29.24
C TRP G 142 -16.18 19.11 -30.13
N TRP G 143 -15.13 18.47 -30.69
CA TRP G 143 -15.42 17.34 -31.58
C TRP G 143 -15.36 16.03 -30.78
N TYR G 144 -16.34 15.80 -29.92
CA TYR G 144 -16.34 14.66 -29.04
C TYR G 144 -16.68 13.31 -29.69
N ASN G 145 -16.03 12.30 -29.12
CA ASN G 145 -16.30 10.91 -29.58
C ASN G 145 -16.92 10.23 -28.35
N ASN G 146 -16.08 9.75 -27.43
CA ASN G 146 -16.61 9.17 -26.21
C ASN G 146 -15.55 9.02 -25.15
N CYS G 147 -15.01 10.15 -24.69
CA CYS G 147 -15.40 11.44 -25.21
C CYS G 147 -14.20 12.12 -25.90
N GLN G 148 -13.04 12.11 -25.26
CA GLN G 148 -11.92 12.93 -25.70
C GLN G 148 -10.54 12.52 -25.27
N ALA G 149 -9.54 12.90 -26.09
CA ALA G 149 -8.13 12.86 -25.71
C ALA G 149 -7.55 14.26 -25.69
N ALA G 150 -8.30 15.21 -26.27
CA ALA G 150 -7.80 16.61 -26.25
C ALA G 150 -9.00 17.55 -26.10
N ASN G 151 -8.82 18.69 -25.47
CA ASN G 151 -10.01 19.61 -25.40
C ASN G 151 -9.46 21.00 -25.12
N LEU G 152 -9.31 21.82 -26.16
CA LEU G 152 -8.76 23.17 -25.91
C LEU G 152 -9.80 24.13 -25.36
N ASN G 153 -11.06 23.72 -25.44
CA ASN G 153 -12.16 24.51 -24.91
C ASN G 153 -12.70 24.04 -23.56
N GLY G 154 -11.93 23.27 -22.78
CA GLY G 154 -12.38 22.71 -21.49
C GLY G 154 -12.39 23.79 -20.39
N ILE G 155 -12.64 23.35 -19.14
CA ILE G 155 -12.70 24.25 -17.99
C ILE G 155 -11.28 24.67 -17.66
N TYR G 156 -11.08 25.94 -17.37
CA TYR G 156 -9.74 26.45 -17.06
C TYR G 156 -9.48 26.35 -15.55
N TYR G 157 -8.59 25.44 -15.17
CA TYR G 157 -8.22 25.30 -13.76
C TYR G 157 -6.89 25.97 -13.58
N PRO G 158 -6.71 26.95 -12.72
CA PRO G 158 -5.43 27.59 -12.49
C PRO G 158 -4.39 26.72 -11.81
N GLY G 159 -3.12 26.97 -12.07
CA GLY G 159 -2.03 26.24 -11.45
C GLY G 159 -1.53 25.02 -12.20
N GLY G 160 -2.33 24.40 -13.04
CA GLY G 160 -1.88 23.24 -13.82
C GLY G 160 -2.47 21.93 -13.32
N SER G 161 -1.68 21.26 -12.46
CA SER G 161 -2.08 19.98 -11.88
C SER G 161 -3.41 20.11 -11.13
N TYR G 162 -4.41 19.29 -11.47
CA TYR G 162 -5.71 19.35 -10.83
C TYR G 162 -6.22 17.93 -10.55
N ASP G 163 -7.11 17.84 -9.56
CA ASP G 163 -7.68 16.56 -9.14
C ASP G 163 -9.17 16.55 -9.45
N PRO G 164 -9.63 15.56 -10.20
CA PRO G 164 -11.01 15.43 -10.59
C PRO G 164 -11.96 15.29 -9.41
N ARG G 165 -11.45 14.81 -8.28
CA ARG G 165 -12.30 14.61 -7.10
C ARG G 165 -12.81 15.97 -6.61
N ASN G 166 -11.97 16.99 -6.77
CA ASN G 166 -12.27 18.35 -6.36
C ASN G 166 -13.20 19.09 -7.31
N ASN G 167 -13.55 18.46 -8.43
CA ASN G 167 -14.39 19.11 -9.41
C ASN G 167 -15.87 18.92 -9.20
N SER G 168 -16.59 20.01 -9.39
CA SER G 168 -18.05 20.08 -9.35
C SER G 168 -18.44 21.01 -10.50
N PRO G 169 -19.58 20.74 -11.11
CA PRO G 169 -20.51 19.74 -10.65
C PRO G 169 -20.16 18.32 -11.03
N TYR G 170 -19.13 18.12 -11.83
CA TYR G 170 -18.75 16.77 -12.25
C TYR G 170 -17.30 16.51 -11.85
N GLU G 171 -17.02 15.33 -11.33
CA GLU G 171 -15.67 14.98 -10.89
C GLU G 171 -14.88 14.22 -11.94
N ILE G 172 -14.81 14.77 -13.17
CA ILE G 172 -14.06 14.13 -14.24
C ILE G 172 -12.82 14.92 -14.66
N GLU G 173 -12.14 14.49 -15.71
CA GLU G 173 -10.95 15.19 -16.21
C GLU G 173 -11.39 16.15 -17.31
N ASN G 174 -11.69 17.38 -16.89
CA ASN G 174 -12.28 18.32 -17.83
C ASN G 174 -11.56 19.65 -17.95
N GLY G 175 -10.26 19.67 -17.74
CA GLY G 175 -9.49 20.90 -17.88
C GLY G 175 -9.06 21.19 -19.34
N VAL G 176 -8.12 22.09 -19.50
CA VAL G 176 -7.62 22.48 -20.84
C VAL G 176 -6.51 21.46 -21.13
N VAL G 177 -6.95 20.42 -21.83
CA VAL G 177 -6.13 19.21 -21.96
C VAL G 177 -5.62 18.78 -23.29
N TRP G 178 -4.41 18.22 -23.33
CA TRP G 178 -3.86 17.54 -24.52
C TRP G 178 -3.07 16.32 -23.98
N VAL G 179 -3.80 15.23 -23.87
CA VAL G 179 -3.39 14.01 -23.16
C VAL G 179 -2.00 13.51 -23.47
N SER G 180 -1.54 13.55 -24.70
CA SER G 180 -0.21 13.10 -25.07
C SER G 180 0.91 14.05 -24.70
N PHE G 181 0.60 15.26 -24.22
CA PHE G 181 1.75 16.14 -23.92
C PHE G 181 1.96 16.25 -22.42
N ARG G 182 0.87 16.39 -21.69
CA ARG G 182 0.88 16.65 -20.27
C ARG G 182 -0.10 15.76 -19.51
N GLY G 183 -0.83 14.87 -20.20
CA GLY G 183 -1.68 13.93 -19.45
C GLY G 183 -3.04 14.54 -19.13
N ALA G 184 -4.02 13.72 -18.77
CA ALA G 184 -5.36 14.21 -18.49
C ALA G 184 -5.66 15.03 -17.25
N ASP G 185 -4.89 15.08 -16.18
CA ASP G 185 -5.29 15.96 -15.08
C ASP G 185 -4.30 17.09 -14.85
N TYR G 186 -3.87 17.70 -15.97
CA TYR G 186 -3.01 18.87 -15.96
C TYR G 186 -3.63 19.88 -16.93
N SER G 187 -3.93 21.07 -16.44
CA SER G 187 -4.63 22.09 -17.22
C SER G 187 -3.63 23.09 -17.74
N LEU G 188 -3.61 23.27 -19.06
CA LEU G 188 -2.59 24.13 -19.68
C LEU G 188 -2.82 25.60 -19.36
N ARG G 189 -1.79 26.40 -19.34
CA ARG G 189 -1.90 27.81 -19.05
C ARG G 189 -2.33 28.61 -20.28
N ALA G 190 -1.75 28.43 -21.46
CA ALA G 190 -2.12 29.20 -22.64
C ALA G 190 -2.20 28.22 -23.80
N VAL G 191 -3.05 28.51 -24.76
CA VAL G 191 -3.33 27.61 -25.89
C VAL G 191 -3.87 28.44 -27.05
N ARG G 192 -3.61 28.04 -28.28
CA ARG G 192 -4.18 28.68 -29.46
C ARG G 192 -4.10 27.79 -30.69
N MET G 193 -4.98 28.08 -31.63
CA MET G 193 -5.17 27.38 -32.88
C MET G 193 -5.15 28.42 -34.01
N LYS G 194 -4.31 28.18 -34.99
CA LYS G 194 -4.03 29.04 -36.12
C LYS G 194 -4.13 28.33 -37.48
N ILE G 195 -4.43 29.04 -38.58
CA ILE G 195 -4.52 28.37 -39.85
C ILE G 195 -3.87 29.16 -41.00
N ARG G 196 -3.61 28.41 -42.05
CA ARG G 196 -3.08 28.95 -43.31
C ARG G 196 -3.51 28.01 -44.44
N PRO G 197 -3.58 28.56 -45.65
CA PRO G 197 -3.98 27.80 -46.82
C PRO G 197 -3.00 26.69 -47.17
N LEU G 198 -3.48 25.56 -47.66
CA LEU G 198 -2.54 24.51 -48.06
C LEU G 198 -1.48 24.98 -49.04
N VAL G 199 -1.63 26.14 -49.66
CA VAL G 199 -0.58 26.68 -50.54
C VAL G 199 0.45 27.56 -49.83
N THR G 200 0.21 28.87 -49.74
CA THR G 200 1.12 29.84 -49.18
C THR G 200 1.18 30.04 -47.67
N GLN G 201 0.20 30.76 -47.16
CA GLN G 201 0.16 31.46 -45.89
C GLN G 201 0.89 30.82 -44.71
N GLY H 5 -11.53 61.77 -29.93
CA GLY H 5 -11.98 60.83 -28.89
C GLY H 5 -13.47 60.52 -28.98
N GLY H 6 -14.24 61.47 -29.49
CA GLY H 6 -15.62 61.48 -29.75
C GLY H 6 -16.61 60.59 -29.04
N TRP H 7 -17.02 60.91 -27.82
CA TRP H 7 -18.03 60.10 -27.16
C TRP H 7 -19.27 60.90 -26.80
N LEU H 8 -20.45 60.30 -26.86
CA LEU H 8 -21.65 60.99 -26.38
C LEU H 8 -22.07 60.41 -25.01
N LEU H 9 -22.27 61.21 -23.99
CA LEU H 9 -22.71 60.80 -22.67
C LEU H 9 -24.19 60.44 -22.70
N ILE H 10 -24.55 59.28 -22.15
CA ILE H 10 -25.96 58.90 -22.11
C ILE H 10 -26.49 58.64 -20.68
N GLN H 11 -25.58 58.53 -19.73
CA GLN H 11 -26.04 58.27 -18.34
C GLN H 11 -24.94 58.76 -17.43
N GLN H 12 -25.24 59.45 -16.33
CA GLN H 12 -24.18 59.77 -15.39
C GLN H 12 -24.70 59.73 -13.95
N ARG H 13 -23.86 59.31 -13.02
CA ARG H 13 -24.18 59.40 -11.60
C ARG H 13 -22.95 60.01 -10.92
N MET H 14 -23.19 60.86 -9.93
CA MET H 14 -22.08 61.44 -9.21
C MET H 14 -22.45 61.92 -7.81
N ASP H 15 -23.69 62.06 -7.39
CA ASP H 15 -23.92 62.53 -6.02
C ASP H 15 -25.23 62.07 -5.41
N GLY H 16 -26.06 61.29 -6.07
CA GLY H 16 -27.29 60.75 -5.52
C GLY H 16 -28.41 61.78 -5.43
N SER H 17 -28.16 63.02 -5.86
CA SER H 17 -29.21 64.03 -5.81
C SER H 17 -30.43 63.70 -6.63
N LEU H 18 -30.35 62.88 -7.68
CA LEU H 18 -31.49 62.65 -8.56
C LEU H 18 -32.18 61.31 -8.34
N ASN H 19 -33.49 61.28 -8.21
CA ASN H 19 -34.19 60.00 -8.02
C ASN H 19 -34.24 59.20 -9.32
N PHE H 20 -33.75 57.97 -9.29
CA PHE H 20 -33.81 57.17 -10.53
C PHE H 20 -34.91 56.13 -10.45
N ASN H 21 -35.74 56.12 -9.38
CA ASN H 21 -36.81 55.09 -9.32
C ASN H 21 -38.00 55.63 -10.10
N ARG H 22 -37.99 55.51 -11.43
CA ARG H 22 -39.01 56.20 -12.23
C ARG H 22 -39.83 55.30 -13.14
N THR H 23 -40.94 55.86 -13.61
CA THR H 23 -41.87 55.20 -14.53
C THR H 23 -41.35 54.94 -15.93
N TRP H 24 -42.00 54.06 -16.68
CA TRP H 24 -41.66 53.77 -18.07
C TRP H 24 -41.55 55.09 -18.87
N GLN H 25 -42.54 55.95 -18.79
CA GLN H 25 -42.57 57.25 -19.45
C GLN H 25 -41.35 58.11 -19.18
N ASP H 26 -40.85 58.22 -17.95
CA ASP H 26 -39.65 59.00 -17.68
C ASP H 26 -38.41 58.41 -18.38
N TYR H 27 -38.24 57.09 -18.29
CA TYR H 27 -37.09 56.41 -18.90
C TYR H 27 -37.24 56.43 -20.41
N LYS H 28 -38.47 56.65 -20.89
CA LYS H 28 -38.72 56.74 -22.32
C LYS H 28 -38.30 58.09 -22.90
N ARG H 29 -38.56 59.18 -22.18
CA ARG H 29 -38.22 60.51 -22.60
C ARG H 29 -36.87 61.00 -22.07
N GLY H 30 -36.43 60.49 -20.92
CA GLY H 30 -35.23 60.92 -20.25
C GLY H 30 -35.55 61.95 -19.15
N PHE H 31 -34.68 62.06 -18.16
CA PHE H 31 -34.84 63.01 -17.08
C PHE H 31 -33.49 63.46 -16.56
N GLY H 32 -33.53 64.45 -15.67
CA GLY H 32 -32.32 64.99 -15.06
C GLY H 32 -31.70 66.09 -15.88
N SER H 33 -30.45 66.43 -15.62
CA SER H 33 -29.85 67.55 -16.33
C SER H 33 -28.36 67.59 -16.08
N LEU H 34 -27.73 68.19 -17.07
CA LEU H 34 -26.31 68.41 -17.16
C LEU H 34 -25.97 69.89 -17.31
N ASN H 35 -24.92 70.33 -16.63
CA ASN H 35 -24.50 71.73 -16.78
C ASN H 35 -23.56 71.79 -18.00
N ASP H 36 -23.10 73.00 -18.31
CA ASP H 36 -22.22 73.22 -19.46
C ASP H 36 -20.83 72.64 -19.25
N GLU H 37 -20.58 72.17 -18.03
CA GLU H 37 -19.28 71.58 -17.75
C GLU H 37 -19.38 70.06 -17.78
N GLY H 38 -20.59 69.57 -18.02
CA GLY H 38 -20.82 68.14 -18.07
C GLY H 38 -20.97 67.51 -16.69
N GLU H 39 -21.40 68.29 -15.72
CA GLU H 39 -21.60 67.83 -14.36
C GLU H 39 -23.12 67.65 -14.15
N GLY H 40 -23.52 66.59 -13.46
CA GLY H 40 -24.96 66.45 -13.17
C GLY H 40 -25.31 64.96 -13.28
N GLU H 41 -26.54 64.60 -13.00
CA GLU H 41 -26.99 63.24 -13.08
C GLU H 41 -28.12 63.20 -14.08
N PHE H 42 -28.23 62.15 -14.91
CA PHE H 42 -29.33 62.12 -15.87
C PHE H 42 -29.40 60.78 -16.59
N TRP H 43 -30.44 60.56 -17.36
CA TRP H 43 -30.67 59.41 -18.21
C TRP H 43 -31.15 59.97 -19.56
N LEU H 44 -30.46 59.67 -20.65
CA LEU H 44 -30.81 60.21 -21.95
C LEU H 44 -32.24 60.02 -22.42
N GLY H 45 -32.83 58.85 -22.25
CA GLY H 45 -34.16 58.50 -22.77
C GLY H 45 -34.02 57.35 -23.77
N ASN H 46 -34.79 56.30 -23.59
CA ASN H 46 -34.70 55.09 -24.38
C ASN H 46 -35.13 55.25 -25.82
N ASP H 47 -36.05 56.13 -26.18
CA ASP H 47 -36.40 56.39 -27.57
C ASP H 47 -35.20 56.91 -28.37
N TYR H 48 -34.57 57.98 -27.91
CA TYR H 48 -33.44 58.58 -28.55
C TYR H 48 -32.31 57.54 -28.56
N LEU H 49 -32.15 56.87 -27.41
CA LEU H 49 -31.10 55.84 -27.34
C LEU H 49 -31.28 54.78 -28.42
N HIS H 50 -32.48 54.30 -28.72
CA HIS H 50 -32.75 53.38 -29.81
C HIS H 50 -32.33 53.94 -31.17
N LEU H 51 -32.64 55.22 -31.39
CA LEU H 51 -32.27 55.91 -32.63
C LEU H 51 -30.77 55.95 -32.87
N LEU H 52 -29.97 56.33 -31.84
CA LEU H 52 -28.54 56.50 -32.11
C LEU H 52 -27.83 55.14 -32.18
N THR H 53 -28.53 54.10 -31.79
CA THR H 53 -27.93 52.78 -31.62
C THR H 53 -28.36 51.76 -32.64
N GLN H 54 -29.34 52.12 -33.44
CA GLN H 54 -29.91 51.27 -34.45
C GLN H 54 -28.90 50.49 -35.28
N ARG H 55 -27.98 51.25 -35.87
CA ARG H 55 -26.94 50.78 -36.74
C ARG H 55 -25.75 50.18 -36.00
N GLY H 56 -25.91 49.87 -34.72
CA GLY H 56 -24.82 49.28 -33.96
C GLY H 56 -23.85 50.34 -33.46
N SER H 57 -23.24 50.09 -32.28
CA SER H 57 -22.29 51.06 -31.74
C SER H 57 -21.45 50.48 -30.62
N VAL H 58 -20.54 51.28 -30.08
CA VAL H 58 -19.69 50.90 -28.98
C VAL H 58 -20.12 51.59 -27.68
N LEU H 59 -20.27 50.80 -26.64
CA LEU H 59 -20.64 51.32 -25.32
C LEU H 59 -19.41 51.38 -24.42
N ARG H 60 -19.11 52.54 -23.86
CA ARG H 60 -18.03 52.61 -22.90
C ARG H 60 -18.61 52.90 -21.51
N VAL H 61 -18.34 52.03 -20.56
CA VAL H 61 -18.75 52.13 -19.18
C VAL H 61 -17.59 52.51 -18.27
N GLU H 62 -17.65 53.58 -17.50
CA GLU H 62 -16.57 54.05 -16.64
C GLU H 62 -16.99 54.14 -15.16
N LEU H 63 -16.24 53.49 -14.29
CA LEU H 63 -16.61 53.28 -12.90
C LEU H 63 -15.60 53.86 -11.94
N GLU H 64 -16.08 54.42 -10.80
CA GLU H 64 -15.12 55.02 -9.87
C GLU H 64 -15.58 54.80 -8.43
N ASP H 65 -14.71 54.22 -7.61
CA ASP H 65 -15.10 53.89 -6.24
C ASP H 65 -14.79 55.05 -5.29
N TRP H 66 -14.94 54.84 -3.98
CA TRP H 66 -14.77 55.93 -3.01
C TRP H 66 -13.35 56.15 -2.57
N ALA H 67 -12.44 55.34 -3.09
CA ALA H 67 -11.01 55.51 -2.81
C ALA H 67 -10.27 56.07 -4.02
N GLY H 68 -10.99 56.25 -5.13
CA GLY H 68 -10.35 56.85 -6.31
C GLY H 68 -9.91 55.79 -7.30
N ASN H 69 -10.29 54.52 -7.08
CA ASN H 69 -9.84 53.53 -8.07
C ASN H 69 -10.86 53.57 -9.22
N GLU H 70 -10.36 53.33 -10.41
CA GLU H 70 -11.20 53.28 -11.60
C GLU H 70 -11.16 51.97 -12.38
N ALA H 71 -12.23 51.67 -13.10
CA ALA H 71 -12.19 50.51 -14.01
C ALA H 71 -13.07 50.91 -15.19
N TYR H 72 -13.00 50.15 -16.27
CA TYR H 72 -13.84 50.46 -17.44
C TYR H 72 -14.26 49.19 -18.19
N ALA H 73 -15.23 49.30 -19.07
CA ALA H 73 -15.72 48.21 -19.88
C ALA H 73 -16.26 48.78 -21.20
N GLU H 74 -16.04 48.02 -22.28
CA GLU H 74 -16.57 48.38 -23.58
C GLU H 74 -17.25 47.17 -24.23
N TYR H 75 -18.39 47.40 -24.85
CA TYR H 75 -19.15 46.37 -25.52
C TYR H 75 -19.64 46.88 -26.89
N HIS H 76 -20.01 45.93 -27.76
CA HIS H 76 -20.62 46.36 -29.03
C HIS H 76 -22.09 46.40 -28.55
N PHE H 77 -22.84 47.42 -28.89
CA PHE H 77 -24.11 47.62 -28.17
C PHE H 77 -25.17 48.14 -29.11
N ARG H 78 -26.38 47.68 -28.87
CA ARG H 78 -27.60 47.99 -29.55
C ARG H 78 -28.74 47.99 -28.52
N VAL H 79 -29.72 48.85 -28.69
CA VAL H 79 -30.95 48.83 -27.91
C VAL H 79 -32.15 48.80 -28.86
N GLY H 80 -33.06 47.87 -28.60
CA GLY H 80 -34.21 47.69 -29.46
C GLY H 80 -35.24 48.81 -29.35
N SER H 81 -36.23 48.74 -30.23
CA SER H 81 -37.36 49.65 -30.27
C SER H 81 -38.27 49.51 -29.05
N GLU H 82 -39.19 50.45 -28.96
CA GLU H 82 -40.19 50.43 -27.87
C GLU H 82 -40.99 49.12 -27.94
N ALA H 83 -41.31 48.69 -29.17
CA ALA H 83 -42.06 47.46 -29.36
C ALA H 83 -41.29 46.26 -28.83
N GLU H 84 -39.97 46.33 -28.89
CA GLU H 84 -39.10 45.25 -28.47
C GLU H 84 -38.70 45.34 -27.00
N GLY H 85 -39.36 46.14 -26.19
CA GLY H 85 -38.95 46.30 -24.80
C GLY H 85 -37.59 47.02 -24.68
N TYR H 86 -37.10 47.65 -25.75
CA TYR H 86 -35.82 48.33 -25.73
C TYR H 86 -34.73 47.35 -25.31
N ALA H 87 -34.93 46.10 -25.66
CA ALA H 87 -34.04 44.99 -25.39
C ALA H 87 -32.57 45.29 -25.62
N LEU H 88 -31.73 44.85 -24.69
CA LEU H 88 -30.28 45.03 -24.76
C LEU H 88 -29.59 43.95 -25.62
N GLN H 89 -28.54 44.31 -26.34
CA GLN H 89 -27.73 43.43 -27.14
C GLN H 89 -26.26 43.88 -27.09
N VAL H 90 -25.50 43.03 -26.39
CA VAL H 90 -24.09 43.33 -26.22
C VAL H 90 -23.27 42.09 -26.62
N SER H 91 -22.02 42.32 -26.98
CA SER H 91 -21.13 41.24 -27.36
C SER H 91 -19.73 41.81 -27.25
N SER H 92 -18.71 40.99 -27.36
CA SER H 92 -17.33 41.39 -27.36
C SER H 92 -16.88 42.27 -26.20
N TYR H 93 -17.10 41.75 -24.99
CA TYR H 93 -16.70 42.48 -23.80
C TYR H 93 -15.22 42.76 -23.90
N GLU H 94 -14.75 43.88 -23.41
CA GLU H 94 -13.34 44.17 -23.32
C GLU H 94 -13.17 45.18 -22.17
N GLY H 95 -12.12 44.93 -21.37
CA GLY H 95 -11.82 45.86 -20.31
C GLY H 95 -11.37 45.27 -18.98
N THR H 96 -11.40 46.18 -18.01
CA THR H 96 -10.91 46.02 -16.66
C THR H 96 -11.94 45.87 -15.57
N ALA H 97 -13.22 46.10 -15.85
CA ALA H 97 -14.24 46.09 -14.82
C ALA H 97 -14.88 44.73 -14.59
N GLY H 98 -14.72 43.83 -15.55
CA GLY H 98 -15.33 42.50 -15.47
C GLY H 98 -16.63 42.52 -16.29
N ASP H 99 -16.92 41.40 -16.95
CA ASP H 99 -18.11 41.32 -17.78
C ASP H 99 -19.41 41.03 -17.07
N ALA H 100 -19.94 42.04 -16.38
CA ALA H 100 -21.18 41.91 -15.64
C ALA H 100 -22.36 41.64 -16.55
N LEU H 101 -22.36 42.21 -17.75
CA LEU H 101 -23.53 42.22 -18.62
C LEU H 101 -23.82 40.88 -19.25
N ILE H 102 -22.80 40.26 -19.83
CA ILE H 102 -22.95 38.96 -20.48
C ILE H 102 -22.62 37.82 -19.52
N GLU H 103 -21.52 37.85 -18.77
CA GLU H 103 -21.32 36.68 -17.88
C GLU H 103 -22.25 36.77 -16.68
N GLY H 104 -22.44 37.95 -16.10
CA GLY H 104 -23.34 38.07 -14.94
C GLY H 104 -22.44 37.85 -13.72
N SER H 105 -23.03 37.41 -12.62
CA SER H 105 -22.28 37.14 -11.41
C SER H 105 -21.74 35.72 -11.32
N VAL H 106 -20.46 35.60 -10.96
CA VAL H 106 -19.86 34.27 -10.81
C VAL H 106 -20.65 33.46 -9.79
N GLU H 107 -20.41 33.74 -8.51
CA GLU H 107 -21.16 33.07 -7.47
C GLU H 107 -22.64 32.99 -7.82
N GLU H 108 -23.15 34.02 -8.48
CA GLU H 108 -24.57 34.05 -8.84
C GLU H 108 -24.93 32.99 -9.87
N GLY H 109 -24.33 33.06 -11.05
CA GLY H 109 -24.65 32.13 -12.13
C GLY H 109 -25.25 32.91 -13.29
N ALA H 110 -24.66 32.80 -14.47
CA ALA H 110 -25.06 33.58 -15.62
C ALA H 110 -26.52 33.47 -16.01
N GLU H 111 -27.18 32.38 -15.67
CA GLU H 111 -28.58 32.14 -16.00
C GLU H 111 -29.55 33.13 -15.38
N TYR H 112 -29.14 33.90 -14.38
CA TYR H 112 -30.07 34.81 -13.70
C TYR H 112 -29.59 36.24 -13.51
N THR H 113 -28.28 36.42 -13.57
CA THR H 113 -27.67 37.73 -13.36
C THR H 113 -27.18 38.33 -14.67
N SER H 114 -27.07 37.53 -15.72
CA SER H 114 -26.65 38.04 -17.02
C SER H 114 -27.73 38.99 -17.56
N HIS H 115 -27.33 40.06 -18.23
CA HIS H 115 -28.34 41.03 -18.70
C HIS H 115 -28.62 40.98 -20.20
N ASN H 116 -27.74 40.34 -20.96
CA ASN H 116 -27.87 40.20 -22.39
C ASN H 116 -29.20 39.70 -22.91
N ASN H 117 -29.76 40.36 -23.90
CA ASN H 117 -31.07 40.11 -24.47
C ASN H 117 -32.22 40.31 -23.49
N MET H 118 -32.00 40.88 -22.32
CA MET H 118 -33.16 41.15 -21.46
C MET H 118 -33.86 42.40 -21.97
N GLN H 119 -35.15 42.52 -21.74
CA GLN H 119 -35.93 43.70 -22.05
C GLN H 119 -35.75 44.72 -20.92
N PHE H 120 -36.06 45.98 -21.16
CA PHE H 120 -35.93 47.01 -20.12
C PHE H 120 -37.18 46.96 -19.26
N SER H 121 -37.05 47.02 -17.93
CA SER H 121 -38.24 47.02 -17.10
C SER H 121 -38.14 48.16 -16.07
N THR H 122 -39.31 48.68 -15.74
CA THR H 122 -39.40 49.65 -14.65
C THR H 122 -40.34 49.07 -13.59
N PHE H 123 -40.83 49.91 -12.68
CA PHE H 123 -41.74 49.39 -11.66
C PHE H 123 -43.12 49.14 -12.27
N ASP H 124 -43.63 50.08 -13.04
CA ASP H 124 -44.92 49.97 -13.69
C ASP H 124 -44.89 49.16 -14.99
N ARG H 125 -43.76 48.51 -15.29
CA ARG H 125 -43.69 47.76 -16.53
C ARG H 125 -42.68 46.62 -16.42
N ASP H 126 -43.14 45.53 -15.79
CA ASP H 126 -42.28 44.40 -15.53
C ASP H 126 -42.18 43.48 -16.75
N ALA H 127 -40.97 42.96 -16.92
CA ALA H 127 -40.68 42.02 -17.99
C ALA H 127 -39.39 41.29 -17.63
N ASP H 128 -39.19 41.09 -16.33
CA ASP H 128 -38.03 40.33 -15.89
C ASP H 128 -38.30 38.83 -15.96
N GLN H 129 -37.33 38.05 -15.50
CA GLN H 129 -37.43 36.60 -15.45
C GLN H 129 -37.58 36.19 -13.97
N TRP H 130 -38.24 37.07 -13.22
CA TRP H 130 -38.55 36.84 -11.82
C TRP H 130 -40.06 36.69 -11.69
N GLU H 131 -40.54 36.31 -10.51
CA GLU H 131 -41.99 36.18 -10.31
C GLU H 131 -42.44 37.44 -9.55
N GLU H 132 -41.46 38.02 -8.88
CA GLU H 132 -41.57 39.31 -8.24
C GLU H 132 -41.20 40.37 -9.27
N ASN H 133 -41.08 41.62 -8.83
CA ASN H 133 -40.73 42.72 -9.72
C ASN H 133 -39.39 43.34 -9.31
N CYS H 134 -38.35 43.07 -10.10
CA CYS H 134 -37.00 43.55 -9.78
C CYS H 134 -36.94 45.07 -9.69
N ALA H 135 -37.50 45.73 -10.70
CA ALA H 135 -37.54 47.18 -10.76
C ALA H 135 -37.88 47.78 -9.41
N GLU H 136 -38.95 47.28 -8.80
CA GLU H 136 -39.34 47.73 -7.48
C GLU H 136 -38.32 47.54 -6.36
N VAL H 137 -37.67 46.39 -6.23
CA VAL H 137 -36.74 46.20 -5.14
C VAL H 137 -35.39 46.84 -5.44
N TYR H 138 -34.97 46.77 -6.71
CA TYR H 138 -33.61 47.21 -7.03
C TYR H 138 -33.48 48.71 -7.18
N GLY H 139 -34.60 49.43 -7.23
CA GLY H 139 -34.55 50.87 -7.25
C GLY H 139 -34.48 51.66 -8.53
N GLY H 140 -34.34 51.01 -9.69
CA GLY H 140 -34.28 51.78 -10.93
C GLY H 140 -34.90 51.03 -12.10
N GLY H 141 -34.76 51.67 -13.25
CA GLY H 141 -35.13 51.08 -14.53
C GLY H 141 -33.81 50.49 -15.10
N TRP H 142 -33.94 49.30 -15.66
CA TRP H 142 -32.78 48.55 -16.15
C TRP H 142 -33.23 47.24 -16.82
N TRP H 143 -32.26 46.58 -17.43
CA TRP H 143 -32.46 45.34 -18.17
C TRP H 143 -32.45 44.11 -17.23
N TYR H 144 -33.49 43.97 -16.42
CA TYR H 144 -33.55 42.96 -15.37
C TYR H 144 -33.75 41.50 -15.80
N ASN H 145 -32.90 40.65 -15.25
CA ASN H 145 -33.00 39.22 -15.48
C ASN H 145 -33.76 38.64 -14.28
N ASN H 146 -33.04 38.21 -13.25
CA ASN H 146 -33.65 37.71 -12.03
C ASN H 146 -32.65 37.72 -10.88
N CYS H 147 -32.13 38.92 -10.56
CA CYS H 147 -32.50 40.15 -11.26
C CYS H 147 -31.28 40.76 -11.93
N GLN H 148 -30.23 40.95 -11.14
CA GLN H 148 -29.07 41.69 -11.64
C GLN H 148 -27.70 41.23 -11.20
N ALA H 149 -26.71 41.49 -12.06
CA ALA H 149 -25.30 41.44 -11.70
C ALA H 149 -24.74 42.87 -11.62
N ALA H 150 -25.44 43.76 -12.33
CA ALA H 150 -25.01 45.17 -12.35
C ALA H 150 -26.25 46.06 -12.50
N ASN H 151 -26.19 47.28 -11.94
CA ASN H 151 -27.26 48.25 -12.07
C ASN H 151 -26.69 49.66 -11.84
N LEU H 152 -26.43 50.41 -12.95
CA LEU H 152 -25.90 51.76 -12.71
C LEU H 152 -27.03 52.71 -12.28
N ASN H 153 -28.27 52.31 -12.40
CA ASN H 153 -29.39 53.12 -11.96
C ASN H 153 -29.89 52.76 -10.55
N GLY H 154 -29.12 52.11 -9.68
CA GLY H 154 -29.61 51.74 -8.36
C GLY H 154 -29.62 52.88 -7.37
N ILE H 155 -29.93 52.61 -6.09
CA ILE H 155 -29.99 53.65 -5.08
C ILE H 155 -28.55 54.11 -4.78
N TYR H 156 -28.35 55.39 -4.52
CA TYR H 156 -27.07 55.96 -4.19
C TYR H 156 -26.77 55.99 -2.69
N TYR H 157 -25.96 55.04 -2.24
CA TYR H 157 -25.54 54.93 -0.86
C TYR H 157 -24.17 55.54 -0.67
N PRO H 158 -24.01 56.54 0.17
CA PRO H 158 -22.76 57.25 0.35
C PRO H 158 -21.63 56.42 0.93
N GLY H 159 -20.36 56.75 0.77
CA GLY H 159 -19.32 56.02 1.45
C GLY H 159 -18.88 54.65 0.96
N GLY H 160 -19.62 53.89 0.15
CA GLY H 160 -19.08 52.64 -0.37
C GLY H 160 -19.78 51.39 0.12
N SER H 161 -19.13 50.72 1.08
CA SER H 161 -19.73 49.51 1.67
C SER H 161 -21.02 49.87 2.39
N TYR H 162 -22.04 49.05 2.30
CA TYR H 162 -23.32 49.27 2.94
C TYR H 162 -23.85 47.90 3.38
N ASP H 163 -24.92 47.91 4.18
CA ASP H 163 -25.47 46.63 4.65
C ASP H 163 -26.94 46.55 4.23
N PRO H 164 -27.23 45.57 3.39
CA PRO H 164 -28.60 45.33 2.97
C PRO H 164 -29.51 45.27 4.19
N ARG H 165 -28.98 44.68 5.26
CA ARG H 165 -29.69 44.51 6.52
C ARG H 165 -30.36 45.81 6.97
N ASN H 166 -29.66 46.93 6.81
CA ASN H 166 -30.23 48.21 7.21
C ASN H 166 -30.90 48.88 6.00
N ASN H 167 -31.41 48.09 5.06
CA ASN H 167 -32.05 48.66 3.89
C ASN H 167 -33.57 48.57 3.90
N SER H 168 -34.20 49.73 3.97
CA SER H 168 -35.65 49.85 3.93
C SER H 168 -36.04 50.65 2.69
N PRO H 169 -37.13 50.25 2.05
CA PRO H 169 -37.98 49.19 2.52
C PRO H 169 -37.52 47.77 2.29
N TYR H 170 -36.42 47.55 1.59
CA TYR H 170 -35.95 46.20 1.27
C TYR H 170 -34.52 45.98 1.73
N GLU H 171 -34.24 44.83 2.34
CA GLU H 171 -32.94 44.48 2.88
C GLU H 171 -32.02 43.86 1.84
N ILE H 172 -32.14 44.32 0.59
CA ILE H 172 -31.33 43.77 -0.50
C ILE H 172 -30.15 44.64 -0.87
N GLU H 173 -29.28 44.11 -1.74
CA GLU H 173 -28.11 44.83 -2.24
C GLU H 173 -28.53 45.64 -3.46
N ASN H 174 -29.09 46.82 -3.21
CA ASN H 174 -29.66 47.63 -4.28
C ASN H 174 -28.96 48.95 -4.51
N GLY H 175 -27.65 49.05 -4.27
CA GLY H 175 -26.91 50.26 -4.57
C GLY H 175 -26.60 50.38 -6.09
N VAL H 176 -25.61 51.20 -6.34
CA VAL H 176 -25.04 51.49 -7.67
C VAL H 176 -23.91 50.48 -7.80
N VAL H 177 -24.25 49.31 -8.34
CA VAL H 177 -23.24 48.24 -8.37
C VAL H 177 -22.81 47.73 -9.73
N TRP H 178 -21.62 47.14 -9.72
CA TRP H 178 -21.09 46.33 -10.82
C TRP H 178 -20.29 45.21 -10.14
N VAL H 179 -20.95 44.08 -9.87
CA VAL H 179 -20.41 42.97 -9.09
C VAL H 179 -18.96 42.60 -9.41
N SER H 180 -18.61 42.52 -10.69
CA SER H 180 -17.29 42.01 -11.04
C SER H 180 -16.17 42.96 -10.73
N PHE H 181 -16.44 44.15 -10.25
CA PHE H 181 -15.39 45.13 -9.92
C PHE H 181 -15.34 45.28 -8.38
N ARG H 182 -16.49 45.43 -7.70
CA ARG H 182 -16.42 45.68 -6.27
C ARG H 182 -17.37 44.87 -5.41
N GLY H 183 -18.44 44.22 -5.86
CA GLY H 183 -19.20 43.44 -4.86
C GLY H 183 -20.64 43.97 -4.76
N ALA H 184 -21.60 43.10 -4.53
CA ALA H 184 -22.99 43.54 -4.51
C ALA H 184 -23.32 44.51 -3.38
N ASP H 185 -22.40 44.71 -2.45
CA ASP H 185 -22.71 45.63 -1.35
C ASP H 185 -21.63 46.70 -1.22
N TYR H 186 -21.23 47.21 -2.39
CA TYR H 186 -20.31 48.33 -2.43
C TYR H 186 -20.89 49.32 -3.46
N SER H 187 -21.38 50.45 -2.99
CA SER H 187 -22.01 51.41 -3.88
C SER H 187 -20.97 52.31 -4.51
N LEU H 188 -20.98 52.46 -5.83
CA LEU H 188 -19.96 53.28 -6.47
C LEU H 188 -20.19 54.78 -6.30
N ARG H 189 -19.12 55.55 -6.27
CA ARG H 189 -19.16 57.00 -6.14
C ARG H 189 -19.46 57.75 -7.45
N ALA H 190 -18.83 57.38 -8.57
CA ALA H 190 -19.17 58.04 -9.84
C ALA H 190 -19.09 57.02 -10.99
N VAL H 191 -20.06 57.21 -11.87
CA VAL H 191 -20.30 56.24 -12.95
C VAL H 191 -20.81 57.00 -14.17
N ARG H 192 -20.47 56.51 -15.35
CA ARG H 192 -21.02 57.07 -16.60
C ARG H 192 -21.01 56.07 -17.76
N MET H 193 -21.97 56.26 -18.65
CA MET H 193 -22.20 55.43 -19.82
C MET H 193 -22.14 56.36 -21.05
N LYS H 194 -21.38 55.90 -22.05
CA LYS H 194 -21.21 56.67 -23.27
C LYS H 194 -20.99 55.78 -24.49
N ILE H 195 -21.43 56.36 -25.62
CA ILE H 195 -21.37 55.71 -26.92
C ILE H 195 -20.70 56.49 -28.05
N ARG H 196 -20.37 55.69 -29.05
CA ARG H 196 -19.78 56.10 -30.31
C ARG H 196 -20.28 55.12 -31.41
N PRO H 197 -20.41 55.65 -32.62
CA PRO H 197 -20.85 54.86 -33.76
C PRO H 197 -19.82 53.80 -34.13
N LEU H 198 -20.22 52.67 -34.68
CA LEU H 198 -19.29 51.63 -35.06
C LEU H 198 -18.09 52.01 -35.93
N VAL H 199 -17.90 53.21 -36.45
CA VAL H 199 -16.68 53.47 -37.23
C VAL H 199 -16.04 54.82 -36.97
N THR H 200 -15.91 55.20 -35.70
CA THR H 200 -15.36 56.49 -35.29
C THR H 200 -13.86 56.55 -35.11
N GLN H 201 -13.44 57.75 -34.67
CA GLN H 201 -12.04 58.02 -34.35
C GLN H 201 -11.26 58.39 -35.61
#